data_7QCL
#
_entry.id   7QCL
#
_cell.length_a   1.00
_cell.length_b   1.00
_cell.length_c   1.00
_cell.angle_alpha   90.00
_cell.angle_beta   90.00
_cell.angle_gamma   90.00
#
_symmetry.space_group_name_H-M   'P 1'
#
loop_
_entity.id
_entity.type
_entity.pdbx_description
1 polymer Mucin-2
2 branched beta-D-galactopyranose-(1-4)-2-acetamido-2-deoxy-beta-D-glucopyranose-(1-2)-alpha-D-mannopyranose-(1-3)-[beta-D-galactopyranose-(1-4)-2-acetamido-2-deoxy-beta-D-glucopyranose-(1-2)-alpha-D-mannopyranose-(1-6)]beta-D-mannopyranose-(1-4)-2-acetamido-2-deoxy-beta-D-glucopyranose-(1-4)-[alpha-L-fucopyranose-(1-6)]2-acetamido-2-deoxy-beta-D-glucopyranose
3 branched beta-D-galactopyranose-(1-4)-2-acetamido-2-deoxy-beta-D-glucopyranose-(1-2)-[beta-D-galactopyranose-(1-4)-2-acetamido-2-deoxy-beta-D-glucopyranose-(1-4)]alpha-D-mannopyranose-(1-3)-[beta-D-galactopyranose-(1-4)-2-acetamido-2-deoxy-beta-D-glucopyranose-(1-2)-[beta-D-galactopyranose-(1-4)-2-acetamido-2-deoxy-beta-D-glucopyranose-(1-4)]alpha-D-mannopyranose-(1-6)]beta-D-mannopyranose-(1-4)-2-acetamido-2-deoxy-beta-D-glucopyranose-(1-4)-[alpha-L-fucopyranose-(1-6)]2-acetamido-2-deoxy-beta-D-glucopyranose
4 branched beta-D-mannopyranose-(1-4)-2-acetamido-2-deoxy-beta-D-glucopyranose-(1-4)-[alpha-L-fucopyranose-(1-6)]2-acetamido-2-deoxy-beta-D-glucopyranose
5 branched beta-D-galactopyranose-(1-4)-2-acetamido-2-deoxy-beta-D-glucopyranose-(1-2)-alpha-D-mannopyranose-(1-3)-[beta-D-galactopyranose-(1-4)-2-acetamido-2-deoxy-beta-D-glucopyranose-(1-2)-alpha-D-mannopyranose-(1-6)]beta-D-mannopyranose-(1-4)-2-acetamido-2-deoxy-beta-D-glucopyranose-(1-4)-2-acetamido-2-deoxy-beta-D-glucopyranose
6 branched alpha-D-mannopyranose-(1-3)-[beta-D-mannopyranose-(1-4)]2-acetamido-2-deoxy-beta-D-glucopyranose-(1-4)-[alpha-L-fucopyranose-(1-6)]2-acetamido-2-deoxy-beta-D-glucopyranose
7 branched beta-D-galactopyranose-(1-4)-2-acetamido-2-deoxy-beta-D-glucopyranose-(1-2)-[beta-D-galactopyranose-(1-4)-2-acetamido-2-deoxy-beta-D-glucopyranose-(1-4)]alpha-D-mannopyranose-(1-3)-[beta-D-galactopyranose-(1-4)-2-acetamido-2-deoxy-beta-D-glucopyranose-(1-4)-alpha-D-mannopyranose-(1-6)]beta-D-mannopyranose-(1-4)-2-acetamido-2-deoxy-beta-D-glucopyranose-(1-4)-[alpha-L-fucopyranose-(1-6)]2-acetamido-2-deoxy-beta-D-glucopyranose
8 non-polymer 2-acetamido-2-deoxy-beta-D-glucopyranose
9 non-polymer 'CALCIUM ION'
#
_entity_poly.entity_id   1
_entity_poly.type   'polypeptide(L)'
_entity_poly.pdbx_seq_one_letter_code
;KPPECPDFDPPRQENETWWLCDCFMATCKYNNTVEIVKVECEPPPMPTCSNGLQPVRVEDPDGCCWHWECDCYCTGWGDP
HYVTFDGLYYSYQGNCTYVLVEEISPSVDNFGVYIDNYHCDPNDKVSCPRTLIVRHETQEVLIKTVHMMPMQVQVQVNRQ
AVALPYKKYGLEVYQSGINYVVDIPELGVLVSYNGLSFSVRLPYHRFGNNTKGQCGTCTNTTSDDCILPSGEIVSNCEAA
ADQWLVNDPSKPHCPHSSSTTKRPAVTVPGGGKTTPHKDCTPSPLCQLIKDSLFAQCHALVPPQHYYDACVFDSCFMPGS
SLECASLQAYAALCAQQNICLDWRNHTHGACLVECPSHREYQACGPAEEPTCKSSSSQQNNTVLVEGCFCPEGTMNYAPG
FDVCVKTCGCVGPDNVPREFGEHFEFDCKNCVCLEGGSGIICQPKRCSQKPVTHCVEDGTYLATEVNPADTCCNITVCKC
NTSLCKEKPSVCPLGFEVKSKMVPGRCCPFYWCESKGVCVHGNAEYQPGSPVYSSKCQDCVCTDKVDNNTLLNVIACTHV
PCNTSCSPGFELMEAPGECCKKC
;
_entity_poly.pdbx_strand_id   A,B
#
loop_
_chem_comp.id
_chem_comp.type
_chem_comp.name
_chem_comp.formula
BMA D-saccharide, beta linking beta-D-mannopyranose 'C6 H12 O6'
CA non-polymer 'CALCIUM ION' 'Ca 2'
FUC L-saccharide, alpha linking alpha-L-fucopyranose 'C6 H12 O5'
GAL D-saccharide, beta linking beta-D-galactopyranose 'C6 H12 O6'
MAN D-saccharide, alpha linking alpha-D-mannopyranose 'C6 H12 O6'
NAG D-saccharide, beta linking 2-acetamido-2-deoxy-beta-D-glucopyranose 'C8 H15 N O6'
#
# COMPACT_ATOMS: atom_id res chain seq x y z
N PRO A 2 37.73 52.83 29.10
CA PRO A 2 37.48 53.04 30.54
C PRO A 2 38.50 52.28 31.39
N PRO A 3 39.08 52.87 32.44
CA PRO A 3 40.01 52.16 33.31
C PRO A 3 39.24 50.97 33.91
N GLU A 4 38.02 51.21 34.38
CA GLU A 4 37.20 50.06 34.83
C GLU A 4 36.85 49.31 33.55
N CYS A 5 36.86 47.98 33.57
CA CYS A 5 36.63 47.27 32.29
C CYS A 5 35.26 47.67 31.73
N PRO A 6 35.14 47.91 30.41
CA PRO A 6 33.88 48.33 29.81
C PRO A 6 33.03 47.09 29.56
N ASP A 7 32.54 46.47 30.63
CA ASP A 7 31.73 45.23 30.48
C ASP A 7 30.45 45.56 29.70
N THR A 17 38.34 42.83 34.06
CA THR A 17 38.01 42.60 35.48
C THR A 17 36.93 41.51 35.47
N TRP A 18 36.64 40.95 34.29
CA TRP A 18 35.58 39.93 34.20
C TRP A 18 35.95 38.61 33.57
N TRP A 19 35.11 37.58 33.68
CA TRP A 19 35.45 36.31 32.99
C TRP A 19 35.38 36.77 31.55
N LEU A 20 36.51 36.69 30.84
CA LEU A 20 36.50 37.02 29.40
C LEU A 20 35.93 35.79 28.68
N CYS A 21 35.47 35.97 27.45
CA CYS A 21 34.85 34.86 26.69
C CYS A 21 35.93 33.84 26.34
N ASP A 22 35.52 32.61 25.98
CA ASP A 22 36.49 31.55 25.59
C ASP A 22 37.26 31.06 26.82
N CYS A 23 36.56 30.84 27.94
CA CYS A 23 37.24 30.40 29.19
C CYS A 23 38.49 31.22 29.46
N PHE A 24 38.39 32.53 29.29
CA PHE A 24 39.54 33.36 29.65
C PHE A 24 39.09 34.13 30.90
N MET A 25 39.94 34.96 31.48
CA MET A 25 39.45 35.81 32.59
C MET A 25 40.18 37.14 32.41
N ALA A 26 39.78 38.19 33.10
CA ALA A 26 40.55 39.45 33.00
C ALA A 26 40.51 40.22 34.30
N THR A 27 41.51 41.05 34.53
CA THR A 27 41.51 41.97 35.67
C THR A 27 41.59 43.34 35.04
N CYS A 28 40.92 44.36 35.56
CA CYS A 28 40.93 45.63 34.77
C CYS A 28 41.36 46.90 35.50
N LYS A 29 42.45 47.49 35.02
CA LYS A 29 42.78 48.83 35.53
C LYS A 29 42.80 49.73 34.26
N TYR A 30 42.77 49.12 33.07
CA TYR A 30 42.68 49.92 31.82
C TYR A 30 41.68 49.26 30.86
N ASN A 31 41.01 50.05 30.02
CA ASN A 31 40.02 49.51 29.04
C ASN A 31 40.69 48.57 28.05
N ASN A 32 41.85 48.96 27.52
CA ASN A 32 42.55 48.14 26.50
C ASN A 32 43.67 47.40 27.22
N THR A 33 44.45 48.13 28.03
CA THR A 33 45.53 47.50 28.81
C THR A 33 44.90 46.82 30.03
N VAL A 34 44.55 45.54 29.88
CA VAL A 34 43.85 44.81 30.99
C VAL A 34 44.77 43.70 31.49
N GLU A 35 44.42 43.08 32.62
CA GLU A 35 45.24 42.02 33.23
C GLU A 35 44.63 40.68 32.86
N ILE A 36 44.97 40.19 31.68
CA ILE A 36 44.32 38.96 31.15
C ILE A 36 44.66 37.65 31.88
N VAL A 37 43.64 36.81 32.09
CA VAL A 37 43.75 35.45 32.68
C VAL A 37 43.14 34.38 31.79
N LYS A 38 43.19 33.10 32.17
CA LYS A 38 42.63 31.95 31.40
C LYS A 38 42.66 30.84 32.46
N VAL A 39 41.65 29.96 32.59
CA VAL A 39 41.65 28.92 33.65
C VAL A 39 41.37 27.55 33.03
N GLU A 40 41.69 26.38 33.67
CA GLU A 40 41.51 24.98 33.16
C GLU A 40 41.85 23.93 34.23
N CYS A 41 41.72 22.59 34.00
CA CYS A 41 42.12 21.52 34.97
C CYS A 41 42.13 20.08 34.39
N GLU A 42 42.59 19.06 35.15
CA GLU A 42 42.48 17.65 34.74
C GLU A 42 42.46 16.80 36.01
N PRO A 43 41.29 16.61 36.60
CA PRO A 43 41.20 15.74 37.78
C PRO A 43 41.47 14.30 37.41
N PRO A 44 42.04 13.51 38.32
CA PRO A 44 42.25 12.10 38.04
C PRO A 44 40.92 11.37 37.88
N PRO A 45 40.81 10.33 37.00
CA PRO A 45 39.58 9.56 36.88
C PRO A 45 39.23 8.94 38.23
N MET A 46 38.01 9.18 38.66
CA MET A 46 37.56 8.62 39.96
C MET A 46 37.99 7.17 40.00
N PRO A 47 38.68 6.75 41.08
CA PRO A 47 39.21 5.41 41.13
C PRO A 47 38.12 4.39 40.84
N THR A 48 36.93 4.61 41.41
CA THR A 48 35.83 3.67 41.21
C THR A 48 34.54 4.46 41.30
N CYS A 49 33.39 3.80 41.30
CA CYS A 49 32.15 4.55 41.56
C CYS A 49 31.16 3.67 42.31
N SER A 50 31.65 2.62 42.98
CA SER A 50 30.78 1.69 43.75
C SER A 50 29.91 0.91 42.77
N ASN A 51 30.25 0.95 41.49
CA ASN A 51 29.48 0.23 40.46
C ASN A 51 30.41 -0.73 39.75
N GLY A 52 31.73 -0.53 39.88
CA GLY A 52 32.67 -1.35 39.10
C GLY A 52 32.66 -0.84 37.67
N LEU A 53 31.85 0.18 37.39
CA LEU A 53 31.77 0.76 36.06
C LEU A 53 32.57 2.06 35.99
N GLN A 54 33.22 2.27 34.86
CA GLN A 54 34.01 3.48 34.68
C GLN A 54 33.10 4.70 34.52
N PRO A 55 33.38 5.79 35.23
CA PRO A 55 32.56 7.00 35.08
C PRO A 55 32.78 7.67 33.73
N VAL A 56 31.78 8.43 33.32
CA VAL A 56 31.82 9.13 32.05
C VAL A 56 32.19 10.59 32.31
N ARG A 57 32.61 11.27 31.25
CA ARG A 57 33.01 12.67 31.33
C ARG A 57 31.79 13.57 31.21
N VAL A 58 31.57 14.41 32.22
CA VAL A 58 30.45 15.33 32.25
C VAL A 58 31.02 16.75 32.22
N GLU A 59 30.71 17.48 31.15
CA GLU A 59 31.22 18.83 30.99
C GLU A 59 30.43 19.81 31.86
N ASP A 60 31.11 20.89 32.26
CA ASP A 60 30.46 21.97 32.99
C ASP A 60 29.56 22.77 32.04
N PRO A 61 28.75 23.70 32.58
CA PRO A 61 28.04 24.61 31.71
C PRO A 61 29.04 25.35 30.81
N ASP A 62 29.91 26.12 31.45
CA ASP A 62 30.96 26.82 30.65
C ASP A 62 31.94 25.76 30.20
N GLY A 63 32.74 26.01 29.17
CA GLY A 63 33.63 24.97 28.65
C GLY A 63 34.90 24.70 29.41
N CYS A 64 35.01 25.26 30.60
CA CYS A 64 36.27 25.17 31.36
C CYS A 64 36.72 23.77 31.79
N CYS A 65 35.85 22.92 32.33
CA CYS A 65 36.40 21.64 32.89
C CYS A 65 35.48 20.44 32.75
N TRP A 66 36.05 19.25 32.86
CA TRP A 66 35.25 18.02 32.73
C TRP A 66 35.36 17.13 33.96
N HIS A 67 34.26 16.83 34.64
CA HIS A 67 34.43 16.05 35.87
C HIS A 67 34.17 14.59 35.55
N TRP A 68 34.35 13.69 36.52
CA TRP A 68 34.10 12.27 36.32
C TRP A 68 32.91 11.80 37.16
N GLU A 69 31.72 11.81 36.58
CA GLU A 69 30.54 11.33 37.28
C GLU A 69 30.12 10.04 36.60
N CYS A 70 29.70 9.06 37.39
CA CYS A 70 29.35 7.74 36.88
C CYS A 70 27.84 7.59 36.72
N ASP A 71 27.43 6.98 35.61
CA ASP A 71 26.04 6.83 35.28
C ASP A 71 25.33 5.88 36.26
N CYS A 72 24.02 6.06 36.38
CA CYS A 72 23.20 5.22 37.24
C CYS A 72 22.67 4.04 36.41
N TYR A 73 23.00 2.82 36.84
CA TYR A 73 22.64 1.61 36.11
C TYR A 73 21.93 0.66 37.06
N CYS A 74 20.72 0.24 36.70
CA CYS A 74 19.95 -0.73 37.46
C CYS A 74 19.69 -1.94 36.60
N THR A 75 19.95 -3.13 37.13
CA THR A 75 19.81 -4.37 36.37
C THR A 75 19.03 -5.39 37.18
N GLY A 76 18.27 -6.22 36.49
CA GLY A 76 17.58 -7.33 37.12
C GLY A 76 17.38 -8.47 36.15
N TRP A 77 17.81 -9.66 36.52
CA TRP A 77 17.75 -10.82 35.65
C TRP A 77 17.04 -11.98 36.35
N GLY A 78 16.50 -12.88 35.55
CA GLY A 78 15.79 -14.00 36.12
C GLY A 78 14.54 -13.52 36.85
N ASP A 79 14.03 -14.39 37.71
CA ASP A 79 12.86 -14.02 38.50
C ASP A 79 13.23 -13.17 39.71
N PRO A 80 14.11 -13.63 40.63
CA PRO A 80 14.23 -12.92 41.91
C PRO A 80 15.39 -11.94 42.01
N HIS A 81 16.31 -11.93 41.06
CA HIS A 81 17.57 -11.23 41.21
C HIS A 81 17.42 -9.74 40.91
N TYR A 82 18.10 -8.95 41.70
CA TYR A 82 18.11 -7.51 41.42
C TYR A 82 19.40 -6.92 41.94
N VAL A 83 19.92 -5.92 41.27
CA VAL A 83 21.07 -5.14 41.71
C VAL A 83 20.70 -3.67 41.58
N THR A 84 20.96 -2.90 42.64
CA THR A 84 20.51 -1.51 42.69
C THR A 84 21.42 -0.63 41.84
N PHE A 85 21.21 0.68 41.95
CA PHE A 85 21.98 1.63 41.11
C PHE A 85 23.39 1.68 41.64
N ASP A 86 23.59 1.20 42.84
CA ASP A 86 24.93 1.36 43.44
C ASP A 86 25.62 0.02 43.69
N GLY A 87 25.32 -1.01 42.92
CA GLY A 87 26.08 -2.27 43.05
C GLY A 87 25.71 -3.10 44.25
N LEU A 88 24.52 -2.85 44.80
CA LEU A 88 24.02 -3.68 45.91
C LEU A 88 23.15 -4.76 45.28
N TYR A 89 23.30 -6.00 45.72
CA TYR A 89 22.58 -7.13 45.13
C TYR A 89 21.66 -7.76 46.17
N TYR A 90 20.46 -8.14 45.71
CA TYR A 90 19.45 -8.76 46.62
C TYR A 90 18.47 -9.59 45.79
N SER A 91 17.84 -10.59 46.41
CA SER A 91 16.89 -11.48 45.75
C SER A 91 15.54 -11.32 46.41
N TYR A 92 14.53 -10.94 45.62
CA TYR A 92 13.19 -10.73 46.13
C TYR A 92 12.18 -11.44 45.24
N GLN A 93 11.22 -12.10 45.86
CA GLN A 93 10.17 -12.82 45.16
C GLN A 93 8.82 -12.18 45.45
N GLY A 94 8.01 -11.94 44.42
CA GLY A 94 6.73 -11.23 44.65
C GLY A 94 5.75 -11.43 43.50
N ASN A 95 4.46 -11.21 43.73
CA ASN A 95 3.49 -11.52 42.65
C ASN A 95 2.66 -10.32 42.22
N CYS A 96 2.85 -9.15 42.82
CA CYS A 96 2.01 -8.03 42.34
C CYS A 96 2.92 -6.97 41.73
N THR A 97 2.38 -6.04 40.94
CA THR A 97 3.19 -5.01 40.23
C THR A 97 3.96 -4.11 41.19
N TYR A 98 5.24 -3.89 40.93
CA TYR A 98 6.11 -3.09 41.82
C TYR A 98 6.67 -1.90 41.05
N VAL A 99 7.11 -0.84 41.72
CA VAL A 99 7.70 0.37 41.15
C VAL A 99 9.21 0.25 41.19
N LEU A 100 9.86 0.56 40.06
CA LEU A 100 11.32 0.48 39.99
C LEU A 100 11.97 1.81 40.36
N VAL A 101 11.65 2.87 39.61
CA VAL A 101 12.24 4.19 39.83
C VAL A 101 11.16 5.26 39.72
N GLU A 102 11.15 6.18 40.68
CA GLU A 102 10.30 7.35 40.66
C GLU A 102 11.07 8.52 41.24
N GLU A 103 10.57 9.73 41.03
CA GLU A 103 11.23 10.95 41.45
C GLU A 103 10.68 11.40 42.79
N ILE A 104 11.57 11.68 43.74
CA ILE A 104 11.15 12.21 45.02
C ILE A 104 10.58 13.61 44.85
N SER A 105 11.29 14.46 44.13
CA SER A 105 10.81 15.81 43.82
C SER A 105 10.31 15.84 42.39
N PRO A 106 9.01 16.01 42.15
CA PRO A 106 8.48 15.92 40.78
C PRO A 106 9.04 17.00 39.88
N SER A 107 9.84 16.58 38.91
CA SER A 107 10.32 17.47 37.86
C SER A 107 9.69 17.21 36.50
N VAL A 108 9.23 15.99 36.24
CA VAL A 108 8.51 15.65 35.03
C VAL A 108 7.17 15.04 35.44
N ASP A 109 6.10 15.48 34.78
CA ASP A 109 4.76 15.04 35.15
C ASP A 109 4.57 13.57 34.77
N ASN A 110 4.14 12.77 35.73
CA ASN A 110 3.79 11.36 35.52
C ASN A 110 4.95 10.60 34.88
N PHE A 111 6.06 10.55 35.60
CA PHE A 111 7.23 9.79 35.18
C PHE A 111 7.42 8.58 36.08
N GLY A 112 7.46 7.40 35.49
CA GLY A 112 7.62 6.19 36.28
C GLY A 112 7.89 4.92 35.48
N VAL A 113 8.54 3.97 36.13
CA VAL A 113 8.81 2.65 35.56
C VAL A 113 8.24 1.61 36.52
N TYR A 114 7.45 0.68 36.00
CA TYR A 114 6.79 -0.33 36.80
C TYR A 114 7.03 -1.71 36.19
N ILE A 115 7.26 -2.68 37.05
CA ILE A 115 7.49 -4.07 36.60
C ILE A 115 6.24 -4.82 37.03
N ASP A 116 5.57 -5.50 36.12
CA ASP A 116 4.40 -6.31 36.53
C ASP A 116 4.84 -7.77 36.58
N ASN A 117 5.11 -8.27 37.78
CA ASN A 117 5.66 -9.64 37.89
C ASN A 117 4.56 -10.59 38.33
N TYR A 118 4.31 -11.62 37.53
CA TYR A 118 3.37 -12.70 37.93
C TYR A 118 1.91 -12.34 37.68
N HIS A 119 1.58 -11.08 37.43
CA HIS A 119 0.14 -10.85 37.19
C HIS A 119 -0.21 -11.58 35.91
N CYS A 120 0.61 -11.39 34.87
CA CYS A 120 0.39 -12.12 33.61
C CYS A 120 0.77 -13.60 33.74
N ASP A 121 1.90 -13.91 34.38
CA ASP A 121 2.25 -15.35 34.60
C ASP A 121 2.72 -15.59 36.04
N PRO A 122 1.92 -16.29 36.88
CA PRO A 122 2.27 -16.50 38.29
C PRO A 122 3.53 -17.33 38.59
N ASN A 123 3.74 -18.42 37.87
CA ASN A 123 4.96 -19.26 38.06
C ASN A 123 5.13 -20.07 36.77
N ASP A 124 6.32 -20.60 36.50
CA ASP A 124 6.49 -21.46 35.30
C ASP A 124 5.99 -20.69 34.09
N LYS A 125 6.61 -19.53 33.79
CA LYS A 125 6.04 -18.67 32.71
C LYS A 125 5.68 -19.40 31.42
N VAL A 126 4.42 -19.30 31.01
CA VAL A 126 3.95 -20.08 29.82
C VAL A 126 4.39 -19.27 28.60
N SER A 127 4.12 -17.96 28.60
CA SER A 127 4.63 -17.12 27.48
C SER A 127 5.21 -15.78 27.97
N CYS A 128 4.58 -15.17 28.99
CA CYS A 128 5.05 -13.85 29.49
C CYS A 128 5.71 -13.96 30.87
N PRO A 129 7.05 -13.85 30.97
CA PRO A 129 7.71 -13.85 32.27
C PRO A 129 7.22 -12.65 33.09
N ARG A 130 7.02 -11.50 32.47
CA ARG A 130 6.61 -10.29 33.19
C ARG A 130 6.08 -9.23 32.23
N THR A 131 5.92 -8.00 32.70
CA THR A 131 5.47 -6.88 31.83
C THR A 131 6.01 -5.53 32.31
N LEU A 132 6.56 -4.72 31.42
CA LEU A 132 7.08 -3.40 31.74
C LEU A 132 6.03 -2.33 31.43
N ILE A 133 5.88 -1.38 32.35
CA ILE A 133 4.99 -0.24 32.17
C ILE A 133 5.83 1.02 32.34
N VAL A 134 6.02 1.75 31.24
CA VAL A 134 6.80 2.99 31.26
C VAL A 134 5.82 4.14 31.05
N ARG A 135 5.68 4.99 32.06
CA ARG A 135 4.73 6.10 32.02
C ARG A 135 5.49 7.41 31.96
N HIS A 136 5.20 8.22 30.94
CA HIS A 136 5.86 9.51 30.75
C HIS A 136 4.81 10.50 30.28
N GLU A 137 4.51 11.49 31.13
CA GLU A 137 3.55 12.55 30.82
C GLU A 137 2.21 11.99 30.38
N THR A 138 1.81 12.28 29.13
CA THR A 138 0.53 11.83 28.63
C THR A 138 0.54 10.37 28.21
N GLN A 139 1.71 9.81 27.95
CA GLN A 139 1.82 8.49 27.36
C GLN A 139 2.17 7.43 28.39
N GLU A 140 1.79 6.19 28.09
CA GLU A 140 2.25 5.02 28.82
C GLU A 140 2.42 3.87 27.83
N VAL A 141 3.46 3.09 28.03
CA VAL A 141 3.82 1.99 27.14
C VAL A 141 3.86 0.70 27.96
N LEU A 142 3.15 -0.32 27.48
CA LEU A 142 3.13 -1.64 28.10
C LEU A 142 3.85 -2.60 27.18
N ILE A 143 4.98 -3.13 27.63
CA ILE A 143 5.72 -4.14 26.89
C ILE A 143 5.46 -5.48 27.53
N LYS A 144 4.97 -6.44 26.73
CA LYS A 144 4.63 -7.77 27.19
C LYS A 144 5.19 -8.77 26.20
N THR A 145 5.31 -10.02 26.61
CA THR A 145 5.88 -11.05 25.76
C THR A 145 4.97 -12.27 25.68
N VAL A 146 5.13 -13.02 24.59
CA VAL A 146 4.54 -14.34 24.44
C VAL A 146 5.66 -15.28 24.04
N HIS A 147 5.33 -16.53 23.74
CA HIS A 147 6.35 -17.54 23.48
C HIS A 147 7.44 -17.20 22.46
N MET A 148 7.07 -16.56 21.36
CA MET A 148 7.99 -16.23 20.29
C MET A 148 8.30 -14.74 20.01
N MET A 149 7.26 -13.89 20.01
CA MET A 149 7.57 -12.48 19.88
C MET A 149 6.87 -11.58 20.90
N PRO A 150 7.57 -10.58 21.42
CA PRO A 150 6.92 -9.60 22.30
C PRO A 150 5.99 -8.69 21.54
N MET A 151 5.04 -8.10 22.28
CA MET A 151 4.10 -7.13 21.75
C MET A 151 4.00 -5.95 22.70
N GLN A 152 3.73 -4.77 22.14
CA GLN A 152 3.67 -3.54 22.89
C GLN A 152 2.32 -2.87 22.67
N VAL A 153 1.77 -2.29 23.73
CA VAL A 153 0.51 -1.56 23.70
C VAL A 153 0.79 -0.13 24.17
N GLN A 154 0.42 0.83 23.34
CA GLN A 154 0.68 2.24 23.60
C GLN A 154 -0.66 2.88 23.94
N VAL A 155 -0.86 3.18 25.22
CA VAL A 155 -2.11 3.75 25.72
C VAL A 155 -3.32 2.91 25.30
N GLN A 160 -3.98 0.69 23.07
CA GLN A 160 -4.06 0.09 21.75
C GLN A 160 -2.67 -0.30 21.23
N ALA A 161 -2.62 -1.33 20.40
CA ALA A 161 -1.36 -1.85 19.91
C ALA A 161 -0.74 -0.89 18.88
N VAL A 162 0.59 -0.96 18.77
CA VAL A 162 1.34 -0.14 17.83
C VAL A 162 2.42 -1.02 17.18
N ALA A 163 3.10 -0.44 16.20
CA ALA A 163 4.16 -1.12 15.49
C ALA A 163 5.49 -0.94 16.23
N LEU A 164 6.56 -1.50 15.68
CA LEU A 164 7.83 -1.52 16.38
C LEU A 164 8.57 -0.19 16.29
N PRO A 165 8.83 0.38 15.09
CA PRO A 165 9.55 1.67 15.10
C PRO A 165 8.65 2.84 15.51
N TYR A 166 8.47 3.02 16.81
CA TYR A 166 7.52 3.99 17.32
C TYR A 166 8.25 5.24 17.81
N LYS A 167 7.70 6.41 17.48
CA LYS A 167 8.26 7.67 17.95
C LYS A 167 7.14 8.70 18.05
N LYS A 168 7.00 9.31 19.22
CA LYS A 168 5.92 10.26 19.45
C LYS A 168 6.20 11.07 20.70
N TYR A 169 6.09 12.40 20.58
CA TYR A 169 6.18 13.32 21.72
C TYR A 169 7.47 13.12 22.52
N GLY A 170 8.57 12.89 21.79
CA GLY A 170 9.86 12.72 22.45
C GLY A 170 10.08 11.38 23.09
N LEU A 171 9.21 10.40 22.85
CA LEU A 171 9.36 9.04 23.34
C LEU A 171 9.59 8.12 22.16
N GLU A 172 10.64 7.30 22.21
CA GLU A 172 10.97 6.43 21.10
C GLU A 172 11.12 4.99 21.58
N VAL A 173 10.50 4.07 20.84
CA VAL A 173 10.58 2.64 21.12
C VAL A 173 11.06 1.94 19.85
N TYR A 174 12.07 1.09 19.99
CA TYR A 174 12.64 0.39 18.84
C TYR A 174 13.31 -0.89 19.33
N GLN A 175 14.06 -1.53 18.44
CA GLN A 175 14.80 -2.74 18.74
C GLN A 175 16.30 -2.50 18.61
N SER A 176 17.06 -3.37 19.26
CA SER A 176 18.52 -3.35 19.15
C SER A 176 19.03 -4.73 19.53
N GLY A 177 19.56 -5.47 18.56
CA GLY A 177 20.00 -6.82 18.82
C GLY A 177 18.82 -7.69 19.22
N ILE A 178 18.79 -8.11 20.48
CA ILE A 178 17.71 -8.92 21.02
C ILE A 178 16.93 -8.15 22.08
N ASN A 179 17.12 -6.84 22.19
CA ASN A 179 16.50 -6.04 23.23
C ASN A 179 15.51 -5.06 22.62
N TYR A 180 14.45 -4.77 23.38
CA TYR A 180 13.50 -3.72 23.05
C TYR A 180 13.83 -2.50 23.89
N VAL A 181 14.05 -1.36 23.24
CA VAL A 181 14.59 -0.17 23.89
C VAL A 181 13.54 0.93 23.85
N VAL A 182 13.27 1.50 25.03
CA VAL A 182 12.42 2.67 25.20
C VAL A 182 13.29 3.80 25.73
N ASP A 183 13.30 4.92 25.04
CA ASP A 183 14.15 6.03 25.46
C ASP A 183 13.45 7.37 25.27
N ILE A 184 13.93 8.33 26.05
CA ILE A 184 13.48 9.73 25.99
C ILE A 184 14.72 10.58 25.75
N PRO A 185 15.00 10.98 24.51
CA PRO A 185 16.26 11.70 24.25
C PRO A 185 16.40 12.99 25.03
N GLU A 186 15.29 13.64 25.39
CA GLU A 186 15.37 14.86 26.18
C GLU A 186 15.98 14.61 27.55
N LEU A 187 15.59 13.51 28.21
CA LEU A 187 16.06 13.20 29.55
C LEU A 187 17.21 12.19 29.56
N GLY A 188 17.46 11.49 28.44
CA GLY A 188 18.52 10.50 28.41
C GLY A 188 18.19 9.19 29.07
N VAL A 189 16.93 8.97 29.45
CA VAL A 189 16.54 7.72 30.09
C VAL A 189 16.58 6.59 29.08
N LEU A 190 17.17 5.46 29.48
CA LEU A 190 17.21 4.26 28.64
C LEU A 190 16.59 3.11 29.40
N VAL A 191 15.68 2.38 28.76
CA VAL A 191 15.09 1.17 29.33
C VAL A 191 15.19 0.06 28.30
N SER A 192 15.85 -1.03 28.67
CA SER A 192 16.03 -2.17 27.78
C SER A 192 15.33 -3.38 28.38
N TYR A 193 14.52 -4.05 27.56
CA TYR A 193 13.80 -5.25 27.98
C TYR A 193 14.18 -6.41 27.07
N ASN A 194 14.21 -7.61 27.64
CA ASN A 194 14.69 -8.78 26.92
C ASN A 194 13.79 -10.00 27.02
N GLY A 195 12.82 -10.01 27.94
CA GLY A 195 12.03 -11.19 28.22
C GLY A 195 12.63 -12.08 29.28
N LEU A 196 13.91 -11.93 29.58
CA LEU A 196 14.55 -12.60 30.70
C LEU A 196 15.20 -11.64 31.67
N SER A 197 15.27 -10.35 31.35
CA SER A 197 15.92 -9.37 32.20
C SER A 197 15.50 -7.98 31.74
N PHE A 198 15.99 -6.97 32.45
CA PHE A 198 15.73 -5.58 32.14
C PHE A 198 16.88 -4.73 32.63
N SER A 199 17.00 -3.53 32.06
CA SER A 199 18.06 -2.61 32.45
C SER A 199 17.57 -1.18 32.33
N VAL A 200 17.91 -0.37 33.33
CA VAL A 200 17.53 1.04 33.38
C VAL A 200 18.81 1.87 33.50
N ARG A 201 18.97 2.82 32.58
CA ARG A 201 20.15 3.68 32.54
C ARG A 201 19.70 5.13 32.69
N LEU A 202 20.27 5.82 33.67
CA LEU A 202 19.93 7.20 33.99
C LEU A 202 21.18 8.05 34.13
N PRO A 203 21.16 9.28 33.62
CA PRO A 203 22.29 10.19 33.83
C PRO A 203 22.34 10.67 35.27
N TYR A 204 23.52 11.16 35.67
CA TYR A 204 23.73 11.56 37.05
C TYR A 204 23.22 12.98 37.31
N HIS A 205 23.59 13.93 36.46
CA HIS A 205 23.25 15.33 36.71
C HIS A 205 21.73 15.53 36.72
N ARG A 206 21.03 14.94 35.77
CA ARG A 206 19.57 15.07 35.73
C ARG A 206 18.92 14.36 36.92
N PHE A 207 19.44 13.20 37.29
CA PHE A 207 18.87 12.37 38.35
C PHE A 207 19.95 12.10 39.38
N GLY A 208 20.06 12.98 40.38
CA GLY A 208 21.02 12.75 41.46
C GLY A 208 20.36 12.98 42.80
N ASN A 209 20.25 11.93 43.61
CA ASN A 209 19.66 12.10 44.96
C ASN A 209 18.21 12.53 44.79
N ASN A 210 17.53 12.01 43.76
CA ASN A 210 16.10 12.35 43.51
C ASN A 210 15.35 11.11 43.03
N THR A 211 15.94 9.91 43.19
CA THR A 211 15.30 8.69 42.75
C THR A 211 14.95 7.82 43.95
N LYS A 212 13.86 7.06 43.82
CA LYS A 212 13.44 6.14 44.86
C LYS A 212 12.78 4.94 44.20
N GLY A 213 12.73 3.83 44.93
CA GLY A 213 12.12 2.61 44.46
C GLY A 213 13.02 1.42 44.70
N GLN A 214 12.74 0.33 43.99
CA GLN A 214 13.51 -0.89 44.17
C GLN A 214 14.94 -0.77 43.64
N CYS A 215 15.18 0.17 42.72
CA CYS A 215 16.53 0.36 42.19
C CYS A 215 17.40 1.23 43.10
N GLY A 216 16.82 1.73 44.17
CA GLY A 216 17.64 2.44 45.17
C GLY A 216 17.93 3.87 44.84
N THR A 217 18.78 4.44 45.67
CA THR A 217 19.14 5.86 45.52
C THR A 217 20.40 5.91 44.65
N CYS A 218 20.40 6.68 43.56
CA CYS A 218 21.67 6.78 42.81
C CYS A 218 22.54 7.79 43.55
N THR A 219 22.95 7.43 44.76
CA THR A 219 23.70 8.36 45.63
C THR A 219 25.19 8.14 45.50
N ASN A 220 25.62 7.05 44.87
CA ASN A 220 27.07 6.73 44.87
C ASN A 220 27.38 6.39 46.30
N THR A 221 26.65 5.41 46.87
CA THR A 221 27.06 4.86 48.17
C THR A 221 26.07 3.70 48.30
N THR A 222 26.58 2.47 48.37
CA THR A 222 25.61 1.35 48.59
C THR A 222 24.69 1.50 49.83
N SER A 223 25.21 2.11 50.89
CA SER A 223 24.45 2.19 52.17
C SER A 223 23.03 2.78 52.15
N ASP A 224 22.80 3.84 51.38
CA ASP A 224 21.49 4.53 51.42
C ASP A 224 20.55 4.00 50.33
N ASP A 225 20.91 2.90 49.67
CA ASP A 225 20.12 2.44 48.49
C ASP A 225 18.66 2.09 48.83
N CYS A 226 18.38 1.44 49.97
CA CYS A 226 16.98 0.98 50.24
C CYS A 226 16.20 1.97 51.12
N ILE A 227 15.01 2.43 50.69
CA ILE A 227 14.29 3.36 51.54
C ILE A 227 12.81 3.01 51.49
N LEU A 228 12.14 3.08 52.63
CA LEU A 228 10.71 2.86 52.68
C LEU A 228 9.97 3.97 51.94
N PRO A 229 8.74 3.70 51.49
CA PRO A 229 7.94 4.77 50.88
C PRO A 229 7.76 5.97 51.81
N SER A 230 7.74 5.74 53.12
CA SER A 230 7.73 6.86 54.06
C SER A 230 9.00 7.69 53.97
N GLY A 231 10.14 7.04 53.78
CA GLY A 231 11.39 7.75 53.61
C GLY A 231 12.42 7.49 54.69
N GLU A 232 12.42 6.30 55.27
CA GLU A 232 13.38 5.94 56.31
C GLU A 232 14.54 5.16 55.71
N ILE A 233 15.51 4.83 56.58
CA ILE A 233 16.68 4.05 56.20
C ILE A 233 16.68 2.77 57.02
N VAL A 234 16.76 1.63 56.34
CA VAL A 234 16.79 0.33 57.01
C VAL A 234 17.92 -0.50 56.41
N SER A 235 18.37 -1.51 57.17
CA SER A 235 19.51 -2.34 56.73
C SER A 235 19.13 -3.38 55.68
N ASN A 236 18.00 -4.08 55.83
CA ASN A 236 17.70 -5.17 54.88
C ASN A 236 16.98 -4.62 53.65
N CYS A 237 17.67 -4.62 52.50
CA CYS A 237 17.06 -4.11 51.25
C CYS A 237 15.88 -4.98 50.84
N GLU A 238 15.99 -6.30 51.00
CA GLU A 238 14.90 -7.19 50.49
C GLU A 238 13.59 -6.86 51.19
N ALA A 239 13.62 -6.65 52.51
CA ALA A 239 12.36 -6.41 53.24
C ALA A 239 11.70 -5.14 52.71
N ALA A 240 12.50 -4.09 52.50
CA ALA A 240 11.94 -2.80 52.03
C ALA A 240 11.35 -2.98 50.64
N ALA A 241 12.04 -3.72 49.78
CA ALA A 241 11.57 -3.85 48.39
C ALA A 241 10.11 -4.31 48.37
N ASP A 242 9.69 -5.06 49.40
CA ASP A 242 8.33 -5.59 49.39
C ASP A 242 7.28 -4.51 49.61
N GLN A 243 7.67 -3.35 50.14
CA GLN A 243 6.73 -2.27 50.42
C GLN A 243 6.61 -1.28 49.27
N TRP A 244 7.30 -1.50 48.16
CA TRP A 244 7.18 -0.65 46.98
C TRP A 244 6.11 -1.19 46.04
N LEU A 245 4.92 -1.41 46.57
CA LEU A 245 3.82 -2.01 45.82
C LEU A 245 2.88 -0.88 45.46
N VAL A 246 2.35 -0.92 44.23
CA VAL A 246 1.43 0.16 43.77
C VAL A 246 0.05 -0.49 43.67
N ASN A 247 -1.02 0.29 43.77
CA ASN A 247 -2.38 -0.32 43.83
C ASN A 247 -3.15 -0.14 42.53
N ASP A 248 -3.81 -1.21 42.05
CA ASP A 248 -4.56 -1.15 40.78
C ASP A 248 -5.95 -1.71 41.00
N PRO A 249 -6.97 -1.31 40.21
CA PRO A 249 -8.30 -1.90 40.33
C PRO A 249 -8.19 -3.41 40.04
N SER A 250 -7.35 -3.79 39.07
CA SER A 250 -7.18 -5.22 38.72
C SER A 250 -6.57 -6.00 39.89
N LYS A 251 -7.12 -7.18 40.19
CA LYS A 251 -6.54 -8.04 41.26
C LYS A 251 -6.31 -7.21 42.53
N PRO A 252 -7.29 -6.45 43.05
CA PRO A 252 -7.02 -5.53 44.16
C PRO A 252 -6.74 -6.28 45.48
N HIS A 253 -6.80 -7.61 45.45
CA HIS A 253 -6.61 -8.37 46.68
C HIS A 253 -5.15 -8.77 46.91
N CYS A 254 -4.20 -7.94 46.50
CA CYS A 254 -2.80 -8.24 46.76
C CYS A 254 -2.55 -8.34 48.26
N PRO A 255 -1.85 -9.38 48.73
CA PRO A 255 -1.53 -9.56 50.16
C PRO A 255 -0.51 -8.55 50.66
N ASP A 279 23.98 -31.70 47.96
CA ASP A 279 23.17 -32.24 46.87
C ASP A 279 23.31 -31.41 45.61
N CYS A 280 23.70 -30.15 45.78
CA CYS A 280 23.85 -29.23 44.66
C CYS A 280 25.20 -29.47 43.99
N THR A 281 25.18 -30.10 42.82
CA THR A 281 26.39 -30.28 42.02
C THR A 281 26.56 -29.05 41.14
N PRO A 282 27.66 -28.30 41.26
CA PRO A 282 27.84 -27.11 40.42
C PRO A 282 28.07 -27.51 38.96
N SER A 283 27.10 -27.17 38.11
CA SER A 283 27.21 -27.52 36.71
C SER A 283 28.36 -26.75 36.06
N PRO A 284 29.03 -27.36 35.07
CA PRO A 284 30.10 -26.65 34.37
C PRO A 284 29.64 -25.37 33.69
N LEU A 285 28.34 -25.29 33.34
CA LEU A 285 27.81 -24.09 32.69
C LEU A 285 28.05 -22.85 33.56
N CYS A 286 27.79 -22.96 34.87
CA CYS A 286 28.13 -21.87 35.76
C CYS A 286 29.64 -21.73 35.90
N GLN A 287 30.39 -22.82 35.75
CA GLN A 287 31.83 -22.76 35.81
C GLN A 287 32.46 -22.02 34.63
N LEU A 288 31.70 -21.82 33.54
CA LEU A 288 32.22 -21.03 32.43
C LEU A 288 32.57 -19.60 32.84
N ILE A 289 31.97 -19.09 33.92
CA ILE A 289 32.24 -17.72 34.34
C ILE A 289 33.70 -17.53 34.69
N LYS A 290 34.27 -18.47 35.44
CA LYS A 290 35.67 -18.37 35.86
C LYS A 290 36.65 -18.87 34.81
N ASP A 291 36.16 -19.35 33.67
CA ASP A 291 37.04 -19.88 32.63
C ASP A 291 37.82 -18.74 31.97
N SER A 292 38.83 -19.14 31.17
CA SER A 292 39.67 -18.16 30.50
C SER A 292 38.93 -17.38 29.43
N LEU A 293 37.75 -17.86 29.00
CA LEU A 293 36.98 -17.11 28.01
C LEU A 293 36.53 -15.77 28.56
N PHE A 294 36.09 -15.73 29.81
CA PHE A 294 35.65 -14.51 30.45
C PHE A 294 36.77 -13.80 31.20
N ALA A 295 38.03 -14.14 30.91
CA ALA A 295 39.15 -13.55 31.65
C ALA A 295 39.22 -12.04 31.46
N GLN A 296 38.87 -11.55 30.27
CA GLN A 296 38.83 -10.11 30.06
C GLN A 296 37.75 -9.44 30.91
N CYS A 297 36.65 -10.16 31.16
CA CYS A 297 35.55 -9.59 31.93
C CYS A 297 35.83 -9.54 33.43
N HIS A 298 36.74 -10.39 33.93
CA HIS A 298 37.05 -10.37 35.35
C HIS A 298 37.61 -9.03 35.79
N ALA A 299 38.26 -8.31 34.89
CA ALA A 299 38.61 -6.91 35.11
C ALA A 299 37.55 -6.02 34.47
N LEU A 300 37.39 -4.83 35.05
CA LEU A 300 36.47 -3.79 34.55
C LEU A 300 35.02 -4.14 34.84
N VAL A 301 34.77 -5.36 35.32
CA VAL A 301 33.43 -5.82 35.68
C VAL A 301 33.54 -6.82 36.82
N PRO A 302 32.84 -6.61 37.94
CA PRO A 302 32.89 -7.59 39.04
C PRO A 302 32.05 -8.81 38.70
N PRO A 303 32.65 -10.00 38.72
CA PRO A 303 31.93 -11.23 38.36
C PRO A 303 31.36 -12.02 39.54
N GLN A 304 31.43 -11.51 40.77
CA GLN A 304 31.02 -12.30 41.93
C GLN A 304 29.52 -12.53 41.94
N HIS A 305 28.74 -11.45 41.75
CA HIS A 305 27.29 -11.55 41.91
C HIS A 305 26.68 -12.51 40.89
N TYR A 306 27.13 -12.44 39.64
CA TYR A 306 26.57 -13.31 38.61
C TYR A 306 26.92 -14.78 38.86
N TYR A 307 28.15 -15.04 39.31
CA TYR A 307 28.53 -16.41 39.61
C TYR A 307 27.71 -16.96 40.78
N ASP A 308 27.51 -16.15 41.82
CA ASP A 308 26.69 -16.59 42.94
C ASP A 308 25.25 -16.84 42.51
N ALA A 309 24.72 -15.97 41.65
CA ALA A 309 23.36 -16.17 41.15
C ALA A 309 23.24 -17.46 40.34
N CYS A 310 24.25 -17.74 39.51
CA CYS A 310 24.26 -18.98 38.74
C CYS A 310 24.27 -20.19 39.65
N VAL A 311 25.12 -20.14 40.69
CA VAL A 311 25.21 -21.27 41.62
C VAL A 311 23.87 -21.48 42.33
N PHE A 312 23.26 -20.40 42.81
CA PHE A 312 21.99 -20.51 43.51
C PHE A 312 20.89 -21.02 42.59
N ASP A 313 20.86 -20.55 41.35
CA ASP A 313 19.85 -21.03 40.40
C ASP A 313 20.05 -22.50 40.10
N SER A 314 21.30 -22.95 39.99
CA SER A 314 21.57 -24.38 39.79
C SER A 314 21.08 -25.18 40.99
N CYS A 315 21.30 -24.68 42.20
CA CYS A 315 20.83 -25.37 43.40
C CYS A 315 19.32 -25.36 43.53
N PHE A 316 18.63 -24.47 42.82
CA PHE A 316 17.18 -24.38 42.96
C PHE A 316 16.49 -25.62 42.38
N MET A 317 16.88 -26.01 41.17
CA MET A 317 16.63 -27.36 40.65
C MET A 317 17.62 -27.66 39.53
N PRO A 318 18.32 -28.79 39.62
CA PRO A 318 19.30 -29.13 38.57
C PRO A 318 18.62 -29.52 37.26
N GLY A 319 19.34 -29.33 36.17
CA GLY A 319 18.90 -29.81 34.86
C GLY A 319 17.63 -29.18 34.35
N SER A 320 17.47 -27.87 34.51
CA SER A 320 16.31 -27.16 33.98
C SER A 320 16.68 -26.01 33.07
N SER A 321 17.96 -25.85 32.72
CA SER A 321 18.43 -24.79 31.83
C SER A 321 18.11 -23.40 32.36
N LEU A 322 18.05 -23.26 33.68
CA LEU A 322 17.82 -21.97 34.31
C LEU A 322 19.11 -21.25 34.66
N GLU A 323 20.28 -21.87 34.42
CA GLU A 323 21.56 -21.31 34.80
C GLU A 323 22.28 -20.64 33.64
N CYS A 324 21.65 -20.53 32.48
CA CYS A 324 22.23 -19.80 31.35
C CYS A 324 21.49 -18.51 31.07
N ALA A 325 20.84 -17.96 32.09
CA ALA A 325 20.26 -16.62 31.99
C ALA A 325 21.16 -15.56 32.62
N SER A 326 21.92 -15.92 33.66
CA SER A 326 22.89 -14.99 34.22
C SER A 326 24.06 -14.78 33.27
N LEU A 327 24.44 -15.82 32.53
CA LEU A 327 25.51 -15.68 31.55
C LEU A 327 25.16 -14.65 30.49
N GLN A 328 23.89 -14.62 30.08
CA GLN A 328 23.45 -13.65 29.08
C GLN A 328 23.65 -12.23 29.59
N ALA A 329 23.29 -11.97 30.85
CA ALA A 329 23.43 -10.62 31.39
C ALA A 329 24.88 -10.26 31.61
N TYR A 330 25.71 -11.22 32.04
CA TYR A 330 27.13 -10.94 32.18
C TYR A 330 27.75 -10.58 30.84
N ALA A 331 27.40 -11.33 29.79
CA ALA A 331 27.92 -11.03 28.46
C ALA A 331 27.41 -9.69 27.96
N ALA A 332 26.14 -9.37 28.22
CA ALA A 332 25.59 -8.09 27.79
C ALA A 332 26.29 -6.93 28.49
N LEU A 333 26.54 -7.05 29.79
CA LEU A 333 27.25 -6.00 30.51
C LEU A 333 28.68 -5.86 30.00
N CYS A 334 29.33 -6.99 29.71
CA CYS A 334 30.68 -6.93 29.14
C CYS A 334 30.68 -6.24 27.79
N ALA A 335 29.69 -6.54 26.95
CA ALA A 335 29.59 -5.89 25.65
C ALA A 335 29.32 -4.40 25.80
N GLN A 336 28.58 -4.01 26.85
CA GLN A 336 28.38 -2.59 27.12
C GLN A 336 29.70 -1.89 27.44
N GLN A 337 30.67 -2.64 27.94
CA GLN A 337 32.01 -2.11 28.23
C GLN A 337 32.95 -2.25 27.04
N ASN A 338 32.42 -2.31 25.82
CA ASN A 338 33.20 -2.44 24.60
C ASN A 338 34.08 -3.69 24.60
N ILE A 339 33.57 -4.80 25.11
CA ILE A 339 34.25 -6.08 25.08
C ILE A 339 33.23 -7.13 24.62
N CYS A 340 33.36 -7.58 23.37
CA CYS A 340 32.42 -8.53 22.79
C CYS A 340 32.97 -9.94 22.91
N LEU A 341 32.15 -10.85 23.42
CA LEU A 341 32.53 -12.24 23.61
C LEU A 341 31.48 -13.16 23.01
N ASP A 342 31.95 -14.23 22.37
CA ASP A 342 31.09 -15.29 21.84
C ASP A 342 31.16 -16.46 22.82
N TRP A 343 30.03 -16.75 23.46
CA TRP A 343 29.98 -17.73 24.54
C TRP A 343 28.94 -18.81 24.35
N ARG A 344 27.85 -18.53 23.62
CA ARG A 344 26.79 -19.52 23.47
C ARG A 344 27.23 -20.74 22.68
N ASN A 345 28.41 -20.65 22.05
CA ASN A 345 28.96 -21.78 21.25
C ASN A 345 29.56 -22.81 22.22
N HIS A 346 29.97 -22.38 23.41
CA HIS A 346 30.56 -23.26 24.42
C HIS A 346 29.54 -23.83 25.39
N THR A 347 28.28 -23.41 25.31
CA THR A 347 27.26 -23.86 26.26
C THR A 347 26.81 -25.29 26.01
N HIS A 348 27.25 -25.91 24.92
CA HIS A 348 26.79 -27.25 24.53
C HIS A 348 25.28 -27.30 24.38
N GLY A 349 24.72 -26.21 23.85
CA GLY A 349 23.29 -26.16 23.61
C GLY A 349 22.48 -25.82 24.84
N ALA A 350 21.22 -26.24 24.81
CA ALA A 350 20.22 -26.11 25.88
C ALA A 350 19.70 -24.69 26.02
N CYS A 351 20.32 -23.73 25.34
CA CYS A 351 19.74 -22.40 25.15
C CYS A 351 20.47 -21.63 24.05
N LEU A 352 19.77 -21.35 22.96
CA LEU A 352 20.30 -20.56 21.86
C LEU A 352 19.22 -19.60 21.39
N VAL A 353 19.45 -18.97 20.25
CA VAL A 353 18.47 -18.06 19.66
C VAL A 353 17.58 -18.83 18.71
N GLU A 354 16.40 -18.28 18.43
CA GLU A 354 15.44 -18.86 17.49
C GLU A 354 14.79 -17.72 16.72
N CYS A 355 15.37 -17.39 15.58
CA CYS A 355 14.85 -16.39 14.66
C CYS A 355 14.85 -16.98 13.25
N PRO A 356 14.01 -16.46 12.35
CA PRO A 356 13.72 -17.20 11.10
C PRO A 356 14.96 -17.45 10.26
N SER A 357 14.77 -18.29 9.24
CA SER A 357 15.87 -18.84 8.47
C SER A 357 16.63 -17.77 7.69
N HIS A 358 15.93 -16.74 7.21
CA HIS A 358 16.58 -15.71 6.41
C HIS A 358 17.50 -14.82 7.24
N ARG A 359 17.68 -15.11 8.52
CA ARG A 359 18.60 -14.38 9.39
C ARG A 359 19.50 -15.37 10.12
N GLU A 360 20.77 -15.03 10.25
CA GLU A 360 21.74 -15.87 10.93
C GLU A 360 22.25 -15.16 12.18
N TYR A 361 22.60 -15.96 13.18
CA TYR A 361 23.00 -15.45 14.49
C TYR A 361 24.44 -14.97 14.46
N GLN A 362 24.68 -13.77 14.99
CA GLN A 362 26.01 -13.22 15.14
C GLN A 362 26.17 -12.74 16.57
N ALA A 363 27.29 -13.13 17.19
CA ALA A 363 27.57 -12.72 18.57
C ALA A 363 28.05 -11.29 18.65
N CYS A 364 28.57 -10.74 17.56
CA CYS A 364 29.05 -9.36 17.53
C CYS A 364 28.59 -8.71 16.23
N GLY A 365 27.64 -7.79 16.32
CA GLY A 365 27.14 -7.09 15.17
C GLY A 365 26.75 -5.67 15.51
N PRO A 366 26.43 -4.87 14.49
CA PRO A 366 26.02 -3.48 14.76
C PRO A 366 24.74 -3.41 15.56
N ALA A 367 24.68 -2.45 16.47
CA ALA A 367 23.46 -2.24 17.25
C ALA A 367 22.32 -1.79 16.35
N GLU A 368 22.59 -0.91 15.40
CA GLU A 368 21.61 -0.45 14.43
C GLU A 368 22.02 -0.97 13.05
N GLU A 369 21.32 -2.00 12.58
CA GLU A 369 21.67 -2.60 11.30
C GLU A 369 21.44 -1.61 10.17
N PRO A 370 22.32 -1.60 9.14
CA PRO A 370 22.18 -0.67 8.05
C PRO A 370 21.01 -1.09 7.18
N THR A 371 20.22 -0.13 6.73
CA THR A 371 19.07 -0.43 5.86
C THR A 371 19.31 0.49 4.68
N CYS A 372 18.90 0.08 3.50
CA CYS A 372 19.16 0.90 2.30
C CYS A 372 18.35 2.21 2.26
N LYS A 373 17.18 2.18 2.85
CA LYS A 373 16.27 3.35 2.79
C LYS A 373 17.07 4.44 3.51
N SER A 374 17.68 4.12 4.63
CA SER A 374 18.34 5.20 5.38
C SER A 374 19.76 4.81 5.72
N SER A 375 20.60 4.73 4.70
CA SER A 375 22.02 4.45 4.98
C SER A 375 22.57 5.68 5.70
N SER A 376 22.19 6.87 5.24
CA SER A 376 22.72 8.12 5.83
C SER A 376 24.20 8.03 6.17
N SER A 377 24.57 8.29 7.43
CA SER A 377 26.00 8.29 7.83
C SER A 377 26.38 6.95 8.47
N GLN A 378 27.68 6.78 8.76
CA GLN A 378 28.16 5.51 9.36
C GLN A 378 27.65 5.41 10.80
N GLN A 379 27.45 4.19 11.30
CA GLN A 379 27.07 4.03 12.73
C GLN A 379 28.37 3.93 13.52
N ASN A 380 28.68 4.96 14.32
CA ASN A 380 29.90 4.93 15.16
C ASN A 380 29.54 4.36 16.53
N ASN A 381 28.48 3.57 16.61
CA ASN A 381 28.09 2.99 17.93
C ASN A 381 29.32 2.30 18.46
N THR A 382 30.06 1.60 17.59
CA THR A 382 31.31 0.92 18.00
C THR A 382 31.12 0.03 19.23
N VAL A 383 29.96 -0.61 19.35
CA VAL A 383 29.76 -1.64 20.40
C VAL A 383 29.01 -2.74 19.67
N LEU A 384 29.54 -3.95 19.68
CA LEU A 384 28.92 -4.94 18.79
C LEU A 384 27.93 -5.83 19.54
N VAL A 385 26.68 -5.39 19.56
CA VAL A 385 25.67 -6.18 20.31
C VAL A 385 25.42 -7.49 19.59
N GLU A 386 24.96 -8.49 20.31
CA GLU A 386 24.65 -9.79 19.75
C GLU A 386 23.21 -9.82 19.24
N GLY A 387 22.95 -10.76 18.33
CA GLY A 387 21.61 -10.88 17.77
C GLY A 387 21.63 -11.80 16.57
N CYS A 388 20.67 -11.59 15.66
CA CYS A 388 20.74 -12.26 14.37
C CYS A 388 20.31 -11.28 13.29
N PHE A 389 21.05 -11.31 12.17
CA PHE A 389 20.92 -10.31 11.12
C PHE A 389 20.82 -11.00 9.77
N CYS A 390 20.60 -10.20 8.73
CA CYS A 390 20.61 -10.74 7.38
C CYS A 390 22.01 -11.21 7.01
N PRO A 391 22.13 -12.17 6.10
CA PRO A 391 23.46 -12.66 5.71
C PRO A 391 24.30 -11.55 5.08
N GLU A 392 25.59 -11.84 4.94
CA GLU A 392 26.52 -10.83 4.46
C GLU A 392 26.23 -10.42 3.02
N GLY A 393 25.70 -11.35 2.21
CA GLY A 393 25.39 -11.00 0.83
C GLY A 393 24.28 -9.98 0.71
N THR A 394 23.21 -10.14 1.48
CA THR A 394 22.06 -9.27 1.42
C THR A 394 22.09 -8.13 2.44
N MET A 395 21.05 -7.29 2.46
CA MET A 395 20.94 -6.17 3.43
C MET A 395 19.46 -5.89 3.71
N ASN A 396 19.09 -5.39 4.90
CA ASN A 396 17.66 -5.20 5.25
C ASN A 396 17.11 -4.05 4.41
N TYR A 397 15.82 -4.06 4.12
CA TYR A 397 15.29 -3.04 3.19
C TYR A 397 15.13 -1.70 3.87
N ALA A 398 14.41 -1.65 4.98
CA ALA A 398 14.06 -0.39 5.61
C ALA A 398 13.54 -0.69 7.02
N PRO A 399 13.57 0.30 7.91
CA PRO A 399 13.00 0.09 9.24
C PRO A 399 11.52 -0.25 9.17
N GLY A 400 11.09 -1.15 10.05
CA GLY A 400 9.74 -1.65 10.01
C GLY A 400 9.51 -2.79 9.04
N PHE A 401 10.54 -3.21 8.32
CA PHE A 401 10.46 -4.30 7.36
C PHE A 401 11.42 -5.41 7.77
N ASP A 402 11.23 -6.59 7.18
CA ASP A 402 12.03 -7.76 7.52
C ASP A 402 12.70 -8.42 6.33
N VAL A 403 12.27 -8.13 5.10
CA VAL A 403 12.84 -8.80 3.94
C VAL A 403 14.26 -8.32 3.68
N CYS A 404 15.20 -9.26 3.58
CA CYS A 404 16.58 -8.96 3.23
C CYS A 404 16.73 -9.01 1.72
N VAL A 405 17.39 -8.00 1.16
CA VAL A 405 17.55 -7.87 -0.28
C VAL A 405 19.00 -7.54 -0.61
N LYS A 406 19.36 -7.75 -1.87
CA LYS A 406 20.70 -7.45 -2.36
C LYS A 406 20.77 -6.05 -2.95
N THR A 407 19.97 -5.79 -3.98
CA THR A 407 19.84 -4.47 -4.60
C THR A 407 18.39 -4.04 -4.41
N CYS A 408 18.26 -3.05 -3.54
CA CYS A 408 16.91 -2.68 -3.10
C CYS A 408 16.10 -1.91 -4.13
N GLY A 409 14.88 -2.35 -4.32
CA GLY A 409 14.01 -1.51 -5.14
C GLY A 409 12.81 -1.02 -4.33
N CYS A 410 11.67 -1.68 -4.50
CA CYS A 410 10.47 -1.37 -3.76
C CYS A 410 10.01 -2.60 -2.98
N VAL A 411 9.29 -2.35 -1.89
CA VAL A 411 8.64 -3.41 -1.13
C VAL A 411 7.24 -2.93 -0.77
N GLY A 412 6.22 -3.59 -1.34
CA GLY A 412 4.85 -3.23 -1.06
C GLY A 412 4.36 -3.89 0.20
N PRO A 413 3.05 -3.75 0.45
CA PRO A 413 2.45 -4.45 1.60
C PRO A 413 2.67 -5.94 1.58
N ASP A 414 2.66 -6.56 0.40
CA ASP A 414 3.09 -7.94 0.25
C ASP A 414 4.61 -7.96 0.18
N ASN A 415 5.24 -8.67 1.11
CA ASN A 415 6.69 -8.60 1.26
C ASN A 415 7.35 -9.36 0.12
N VAL A 416 7.51 -8.69 -1.01
CA VAL A 416 8.20 -9.25 -2.18
C VAL A 416 9.18 -8.22 -2.72
N PRO A 417 10.45 -8.58 -2.92
CA PRO A 417 11.40 -7.62 -3.50
C PRO A 417 10.99 -7.24 -4.91
N ARG A 418 11.27 -5.98 -5.27
CA ARG A 418 10.96 -5.47 -6.59
C ARG A 418 12.17 -4.75 -7.15
N GLU A 419 12.24 -4.69 -8.48
CA GLU A 419 13.31 -3.99 -9.18
C GLU A 419 12.80 -2.66 -9.73
N PHE A 420 13.73 -1.75 -9.97
CA PHE A 420 13.38 -0.46 -10.54
C PHE A 420 12.94 -0.63 -11.99
N GLY A 421 11.80 -0.04 -12.32
CA GLY A 421 11.27 -0.19 -13.66
C GLY A 421 10.64 -1.54 -13.93
N GLU A 422 10.05 -2.17 -12.92
CA GLU A 422 9.43 -3.48 -13.04
C GLU A 422 7.92 -3.34 -13.02
N HIS A 423 7.25 -3.98 -13.97
CA HIS A 423 5.80 -3.92 -14.10
C HIS A 423 5.21 -5.24 -13.59
N PHE A 424 4.33 -5.14 -12.61
CA PHE A 424 3.60 -6.30 -12.09
C PHE A 424 2.11 -6.00 -12.06
N GLU A 425 1.34 -6.91 -11.48
CA GLU A 425 -0.13 -6.83 -11.45
C GLU A 425 -0.63 -6.95 -10.01
N PHE A 426 -0.05 -6.17 -9.11
CA PHE A 426 -0.48 -6.17 -7.73
C PHE A 426 -1.95 -5.75 -7.62
N ASP A 427 -2.70 -6.51 -6.84
CA ASP A 427 -4.17 -6.35 -6.72
C ASP A 427 -4.74 -6.48 -8.14
N CYS A 428 -5.73 -5.68 -8.52
CA CYS A 428 -6.17 -5.58 -9.91
C CYS A 428 -5.86 -4.15 -10.36
N LYS A 429 -4.60 -3.95 -10.75
CA LYS A 429 -4.08 -2.63 -11.13
C LYS A 429 -2.80 -2.84 -11.92
N ASN A 430 -2.39 -1.78 -12.62
CA ASN A 430 -1.08 -1.73 -13.25
C ASN A 430 -0.17 -0.90 -12.36
N CYS A 431 0.89 -1.53 -11.84
CA CYS A 431 1.78 -0.89 -10.88
C CYS A 431 3.22 -0.99 -11.36
N VAL A 432 4.00 0.01 -10.97
CA VAL A 432 5.39 0.13 -11.38
C VAL A 432 6.25 0.55 -10.18
N CYS A 433 7.43 -0.05 -10.07
CA CYS A 433 8.44 0.33 -9.11
C CYS A 433 9.46 1.23 -9.80
N LEU A 434 9.51 2.49 -9.39
CA LEU A 434 10.50 3.44 -9.91
C LEU A 434 11.04 4.26 -8.76
N GLU A 435 12.33 4.58 -8.85
CA GLU A 435 13.01 5.29 -7.77
C GLU A 435 12.48 6.72 -7.65
N GLY A 436 12.26 7.16 -6.42
CA GLY A 436 11.74 8.49 -6.18
C GLY A 436 10.93 8.57 -4.90
N GLY A 437 9.76 9.19 -4.99
CA GLY A 437 8.85 9.31 -3.85
C GLY A 437 7.69 8.36 -3.98
N SER A 438 7.25 7.83 -2.84
CA SER A 438 6.05 6.98 -2.72
C SER A 438 6.29 5.59 -3.31
N GLY A 439 7.44 5.37 -3.94
CA GLY A 439 7.77 4.06 -4.45
C GLY A 439 6.83 3.54 -5.53
N ILE A 440 6.00 2.56 -5.16
CA ILE A 440 5.08 1.95 -6.10
C ILE A 440 4.08 2.98 -6.61
N ILE A 441 3.86 3.00 -7.91
CA ILE A 441 2.82 3.81 -8.54
C ILE A 441 1.82 2.87 -9.20
N CYS A 442 0.55 2.96 -8.79
CA CYS A 442 -0.49 2.08 -9.28
C CYS A 442 -1.59 2.88 -9.96
N GLN A 443 -2.16 2.28 -11.01
CA GLN A 443 -3.25 2.94 -11.78
C GLN A 443 -4.33 1.90 -12.07
N PRO A 444 -5.56 2.28 -12.48
CA PRO A 444 -6.65 1.31 -12.68
C PRO A 444 -6.41 0.30 -13.80
N LYS A 445 -6.98 -0.91 -13.64
CA LYS A 445 -6.79 -1.99 -14.65
C LYS A 445 -7.36 -1.54 -16.00
N ARG A 446 -8.49 -0.84 -16.00
CA ARG A 446 -9.12 -0.38 -17.27
C ARG A 446 -9.40 -1.60 -18.15
N CYS A 447 -9.92 -2.67 -17.55
CA CYS A 447 -10.16 -3.94 -18.30
C CYS A 447 -11.19 -3.73 -19.41
N SER A 448 -10.95 -4.31 -20.60
CA SER A 448 -11.92 -4.24 -21.71
C SER A 448 -13.09 -5.23 -21.58
N GLN A 449 -14.20 -4.99 -22.28
CA GLN A 449 -15.37 -5.90 -22.22
C GLN A 449 -15.90 -6.53 -23.50
N LYS A 450 -16.39 -7.77 -23.45
CA LYS A 450 -16.98 -8.43 -24.64
C LYS A 450 -18.19 -7.56 -24.97
N PRO A 451 -18.22 -6.84 -26.12
CA PRO A 451 -19.43 -6.14 -26.54
C PRO A 451 -20.47 -7.06 -27.20
N VAL A 452 -21.28 -7.77 -26.41
CA VAL A 452 -22.36 -8.59 -27.02
C VAL A 452 -23.79 -8.27 -26.56
N THR A 453 -24.76 -8.31 -27.47
CA THR A 453 -26.19 -8.31 -27.01
C THR A 453 -26.90 -9.65 -26.78
N HIS A 454 -26.96 -10.12 -25.52
CA HIS A 454 -27.41 -11.51 -25.17
C HIS A 454 -26.72 -12.36 -26.22
N CYS A 455 -27.49 -13.13 -26.98
CA CYS A 455 -26.97 -13.89 -28.14
C CYS A 455 -28.34 -14.10 -28.81
N VAL A 456 -28.37 -14.58 -30.04
CA VAL A 456 -29.67 -14.82 -30.74
C VAL A 456 -30.45 -16.12 -30.33
N GLU A 457 -29.73 -16.98 -29.60
CA GLU A 457 -30.33 -18.27 -29.16
C GLU A 457 -31.46 -17.77 -28.28
N ASP A 458 -32.65 -18.34 -28.45
CA ASP A 458 -33.74 -17.96 -27.51
C ASP A 458 -33.26 -18.62 -26.23
N GLY A 459 -33.42 -17.92 -25.11
CA GLY A 459 -32.88 -18.46 -23.87
C GLY A 459 -31.69 -17.66 -23.47
N THR A 460 -30.96 -17.12 -24.44
CA THR A 460 -29.72 -16.42 -24.04
C THR A 460 -30.05 -15.10 -23.39
N TYR A 461 -29.39 -14.80 -22.28
CA TYR A 461 -29.55 -13.46 -21.66
C TYR A 461 -28.15 -12.98 -21.27
N LEU A 462 -27.87 -11.69 -21.48
CA LEU A 462 -26.49 -11.23 -21.22
C LEU A 462 -26.15 -11.48 -19.76
N ALA A 463 -24.98 -12.07 -19.49
CA ALA A 463 -24.54 -12.32 -18.10
C ALA A 463 -23.52 -11.26 -17.70
N THR A 464 -22.70 -10.80 -18.65
CA THR A 464 -21.62 -9.84 -18.28
C THR A 464 -20.85 -10.45 -17.11
N GLU A 465 -20.21 -11.61 -17.32
CA GLU A 465 -19.52 -12.31 -16.22
C GLU A 465 -17.98 -12.30 -16.26
N VAL A 466 -17.35 -12.55 -15.10
CA VAL A 466 -15.87 -12.51 -15.02
C VAL A 466 -15.01 -13.69 -15.59
N ASN A 467 -14.69 -13.58 -16.88
CA ASN A 467 -14.14 -14.75 -17.62
C ASN A 467 -12.97 -15.13 -16.73
N PRO A 468 -12.83 -16.41 -16.34
CA PRO A 468 -11.71 -16.85 -15.51
C PRO A 468 -10.38 -16.37 -16.10
N ALA A 469 -10.32 -16.26 -17.43
CA ALA A 469 -9.09 -15.80 -18.08
C ALA A 469 -8.82 -14.36 -17.63
N ASP A 470 -9.87 -13.54 -17.57
CA ASP A 470 -9.66 -12.17 -17.04
C ASP A 470 -9.69 -12.19 -15.51
N THR A 471 -9.27 -11.10 -14.89
CA THR A 471 -9.42 -11.01 -13.42
C THR A 471 -10.05 -9.67 -13.12
N CYS A 472 -11.05 -9.63 -12.25
CA CYS A 472 -11.77 -8.37 -11.99
C CYS A 472 -12.31 -7.83 -13.32
N CYS A 473 -12.90 -8.68 -14.17
CA CYS A 473 -13.34 -8.16 -15.49
C CYS A 473 -14.64 -8.85 -15.90
N ASN A 474 -15.76 -8.49 -15.27
CA ASN A 474 -17.06 -9.07 -15.72
C ASN A 474 -17.35 -8.57 -17.14
N ILE A 475 -17.51 -9.48 -18.10
CA ILE A 475 -17.71 -9.10 -19.52
C ILE A 475 -19.01 -9.73 -20.00
N THR A 476 -19.72 -9.06 -20.91
CA THR A 476 -21.07 -9.56 -21.30
C THR A 476 -20.88 -10.94 -21.92
N VAL A 477 -21.74 -11.89 -21.53
CA VAL A 477 -21.71 -13.26 -22.11
C VAL A 477 -23.16 -13.71 -22.27
N CYS A 478 -23.48 -14.44 -23.34
CA CYS A 478 -24.86 -14.91 -23.56
C CYS A 478 -25.21 -16.09 -22.66
N LYS A 479 -26.34 -16.02 -21.94
CA LYS A 479 -26.64 -17.12 -21.00
C LYS A 479 -27.86 -17.93 -21.40
N CYS A 480 -27.72 -18.94 -22.26
CA CYS A 480 -28.91 -19.68 -22.75
C CYS A 480 -29.69 -20.23 -21.56
N ASN A 481 -31.01 -19.99 -21.53
CA ASN A 481 -31.89 -20.53 -20.46
C ASN A 481 -32.90 -21.49 -21.07
N THR A 482 -32.76 -22.80 -20.82
CA THR A 482 -33.73 -23.78 -21.38
C THR A 482 -35.13 -23.40 -20.92
N SER A 483 -35.26 -22.87 -19.69
CA SER A 483 -36.57 -22.44 -19.17
C SER A 483 -37.15 -21.36 -20.08
N LEU A 484 -36.29 -20.63 -20.79
CA LEU A 484 -36.74 -19.53 -21.67
C LEU A 484 -36.57 -19.94 -23.14
N CYS A 485 -37.39 -20.88 -23.61
CA CYS A 485 -37.32 -21.32 -25.02
C CYS A 485 -38.70 -21.79 -25.42
N LYS A 486 -39.09 -21.43 -26.63
CA LYS A 486 -40.26 -22.18 -27.14
C LYS A 486 -39.57 -23.08 -28.18
N GLU A 487 -39.62 -24.38 -27.96
CA GLU A 487 -38.88 -25.35 -28.80
C GLU A 487 -39.90 -25.81 -29.82
N LYS A 488 -41.11 -25.22 -29.80
CA LYS A 488 -42.19 -25.52 -30.79
C LYS A 488 -42.41 -27.01 -30.98
N PRO A 489 -42.86 -27.81 -29.97
CA PRO A 489 -42.96 -29.24 -30.14
C PRO A 489 -43.91 -29.50 -31.31
N SER A 490 -43.44 -30.24 -32.31
CA SER A 490 -44.27 -30.38 -33.52
C SER A 490 -45.15 -31.62 -33.38
N VAL A 491 -46.39 -31.46 -32.91
CA VAL A 491 -47.24 -32.66 -32.66
C VAL A 491 -47.49 -33.38 -34.00
N CYS A 492 -46.99 -34.61 -34.10
CA CYS A 492 -47.09 -35.40 -35.34
C CYS A 492 -48.32 -36.30 -35.19
N PRO A 493 -49.18 -36.45 -36.21
CA PRO A 493 -50.41 -37.19 -36.03
C PRO A 493 -50.19 -38.65 -35.64
N LEU A 494 -49.26 -39.32 -36.30
CA LEU A 494 -49.05 -40.77 -36.02
C LEU A 494 -47.84 -41.29 -36.78
N GLY A 495 -47.43 -42.54 -36.53
CA GLY A 495 -46.32 -43.16 -37.25
C GLY A 495 -44.98 -42.48 -37.23
N PHE A 496 -44.83 -41.32 -36.57
CA PHE A 496 -43.48 -40.72 -36.65
C PHE A 496 -42.75 -41.13 -35.41
N GLU A 497 -41.84 -42.08 -35.56
CA GLU A 497 -41.17 -42.66 -34.38
C GLU A 497 -40.42 -41.64 -33.53
N VAL A 498 -39.67 -40.71 -34.13
CA VAL A 498 -39.08 -39.59 -33.37
C VAL A 498 -38.80 -38.40 -34.26
N LYS A 499 -39.20 -37.21 -33.81
CA LYS A 499 -38.89 -35.95 -34.52
C LYS A 499 -37.35 -35.82 -34.54
N SER A 500 -36.73 -36.20 -33.43
CA SER A 500 -35.25 -36.31 -33.35
C SER A 500 -34.65 -34.94 -33.07
N LYS A 501 -35.46 -33.92 -32.76
CA LYS A 501 -34.80 -32.64 -32.39
C LYS A 501 -34.02 -32.89 -31.09
N MET A 502 -34.68 -33.43 -30.05
CA MET A 502 -33.96 -33.88 -28.81
C MET A 502 -32.92 -32.95 -28.20
N VAL A 503 -31.69 -33.43 -27.98
CA VAL A 503 -30.59 -32.54 -27.50
C VAL A 503 -29.46 -32.37 -28.51
N PRO A 504 -29.38 -31.23 -29.22
CA PRO A 504 -28.36 -31.04 -30.26
C PRO A 504 -27.16 -30.15 -29.91
N GLY A 505 -27.16 -29.52 -28.74
CA GLY A 505 -26.06 -28.58 -28.39
C GLY A 505 -26.55 -27.17 -28.16
N ARG A 506 -27.81 -26.86 -28.50
CA ARG A 506 -28.33 -25.52 -28.17
C ARG A 506 -29.04 -25.73 -26.85
N CYS A 507 -29.34 -24.68 -26.09
CA CYS A 507 -30.09 -24.91 -24.83
C CYS A 507 -31.55 -25.22 -25.16
N CYS A 508 -32.03 -24.87 -26.35
CA CYS A 508 -33.48 -25.10 -26.58
C CYS A 508 -33.72 -26.60 -26.46
N PRO A 509 -34.79 -27.05 -25.77
CA PRO A 509 -35.03 -28.46 -25.56
C PRO A 509 -35.71 -28.97 -26.83
N PHE A 510 -34.92 -29.54 -27.74
CA PHE A 510 -35.48 -30.00 -29.03
C PHE A 510 -36.50 -31.12 -28.83
N TYR A 511 -37.46 -31.29 -29.75
CA TYR A 511 -38.56 -32.26 -29.50
C TYR A 511 -38.53 -33.62 -30.22
N TRP A 512 -38.78 -34.71 -29.48
CA TRP A 512 -38.89 -36.06 -30.08
C TRP A 512 -40.37 -36.27 -30.43
N CYS A 513 -40.71 -37.24 -31.28
CA CYS A 513 -42.15 -37.37 -31.68
C CYS A 513 -42.83 -38.59 -31.01
N GLU A 514 -43.86 -38.36 -30.20
CA GLU A 514 -44.57 -39.43 -29.47
C GLU A 514 -45.16 -40.54 -30.36
N SER A 515 -45.26 -40.37 -31.68
CA SER A 515 -46.02 -41.34 -32.52
C SER A 515 -45.14 -42.54 -32.90
N LYS A 516 -45.78 -43.65 -33.32
CA LYS A 516 -45.06 -44.88 -33.73
C LYS A 516 -46.00 -45.61 -34.69
N GLY A 517 -45.47 -46.41 -35.62
CA GLY A 517 -46.37 -47.01 -36.63
C GLY A 517 -46.50 -48.52 -36.51
N VAL A 518 -47.48 -49.02 -35.75
CA VAL A 518 -47.72 -50.49 -35.75
C VAL A 518 -48.88 -50.79 -36.70
N CYS A 519 -50.01 -50.07 -36.58
CA CYS A 519 -51.16 -50.22 -37.51
C CYS A 519 -51.69 -48.83 -37.85
N VAL A 520 -50.88 -47.99 -38.50
CA VAL A 520 -51.32 -46.59 -38.77
C VAL A 520 -52.68 -46.67 -39.48
N HIS A 521 -52.86 -47.67 -40.33
CA HIS A 521 -54.12 -47.85 -41.09
C HIS A 521 -55.22 -48.42 -40.18
N GLY A 522 -56.49 -48.30 -40.57
CA GLY A 522 -57.59 -48.89 -39.80
C GLY A 522 -58.85 -48.06 -39.92
N ASN A 523 -60.01 -48.71 -40.14
CA ASN A 523 -61.25 -47.91 -40.16
C ASN A 523 -61.37 -47.03 -38.90
N ALA A 524 -60.85 -47.48 -37.76
CA ALA A 524 -61.09 -46.74 -36.50
C ALA A 524 -60.16 -45.52 -36.42
N GLU A 525 -60.49 -44.46 -37.16
CA GLU A 525 -59.69 -43.22 -37.09
C GLU A 525 -58.22 -43.58 -37.32
N TYR A 526 -57.97 -44.51 -38.24
CA TYR A 526 -56.57 -44.95 -38.49
C TYR A 526 -55.85 -45.30 -37.18
N GLN A 527 -56.57 -45.87 -36.22
CA GLN A 527 -55.90 -46.23 -34.92
C GLN A 527 -55.04 -47.46 -35.06
N PRO A 528 -53.90 -47.61 -34.34
CA PRO A 528 -53.10 -48.84 -34.41
C PRO A 528 -53.87 -50.04 -33.86
N GLY A 529 -53.57 -51.24 -34.34
CA GLY A 529 -54.34 -52.42 -33.88
C GLY A 529 -55.84 -52.24 -34.06
N SER A 530 -56.26 -51.71 -35.21
CA SER A 530 -57.70 -51.46 -35.46
C SER A 530 -58.20 -52.42 -36.54
N PRO A 531 -58.44 -53.72 -36.24
CA PRO A 531 -59.00 -54.62 -37.22
C PRO A 531 -60.53 -54.58 -37.09
N VAL A 532 -61.21 -53.95 -38.06
CA VAL A 532 -62.70 -53.86 -38.05
C VAL A 532 -63.13 -54.10 -39.49
N TYR A 533 -64.35 -54.58 -39.73
CA TYR A 533 -64.71 -54.92 -41.12
C TYR A 533 -65.23 -53.69 -41.84
N SER A 534 -64.37 -53.06 -42.65
CA SER A 534 -64.88 -51.95 -43.49
C SER A 534 -65.95 -52.62 -44.32
N SER A 535 -65.64 -53.84 -44.77
CA SER A 535 -66.67 -54.68 -45.44
C SER A 535 -66.93 -55.80 -44.45
N LYS A 536 -68.19 -56.10 -44.15
CA LYS A 536 -68.45 -57.11 -43.08
C LYS A 536 -67.69 -58.37 -43.48
N CYS A 537 -67.66 -58.68 -44.78
CA CYS A 537 -66.90 -59.86 -45.27
C CYS A 537 -65.43 -59.46 -45.53
N GLN A 538 -64.57 -59.56 -44.51
CA GLN A 538 -63.12 -59.28 -44.70
C GLN A 538 -62.47 -59.77 -43.41
N ASP A 539 -61.14 -59.85 -43.40
CA ASP A 539 -60.45 -60.21 -42.13
C ASP A 539 -59.58 -59.02 -41.75
N CYS A 540 -58.79 -58.51 -42.71
CA CYS A 540 -57.90 -57.35 -42.46
C CYS A 540 -57.16 -57.60 -41.14
N VAL A 541 -56.39 -58.69 -41.07
CA VAL A 541 -55.77 -59.04 -39.76
C VAL A 541 -54.65 -58.07 -39.39
N CYS A 542 -54.82 -57.37 -38.27
CA CYS A 542 -53.77 -56.43 -37.82
C CYS A 542 -53.07 -56.97 -36.57
N THR A 543 -51.85 -57.49 -36.71
CA THR A 543 -51.07 -57.95 -35.53
C THR A 543 -50.16 -56.81 -35.06
N ASP A 544 -50.33 -55.62 -35.67
CA ASP A 544 -49.49 -54.43 -35.33
C ASP A 544 -48.03 -54.64 -35.74
N LYS A 545 -47.77 -55.67 -36.56
CA LYS A 545 -46.35 -55.90 -37.03
C LYS A 545 -45.80 -54.85 -37.98
N VAL A 546 -44.48 -54.65 -38.04
CA VAL A 546 -43.85 -53.65 -38.94
C VAL A 546 -43.54 -54.01 -40.42
N ASP A 547 -42.69 -55.02 -40.60
CA ASP A 547 -42.43 -55.58 -41.96
C ASP A 547 -41.93 -54.43 -42.84
N ASN A 548 -42.35 -54.38 -44.12
CA ASN A 548 -41.99 -53.26 -45.03
C ASN A 548 -43.23 -52.41 -45.25
N ASN A 549 -43.46 -51.40 -44.39
CA ASN A 549 -44.62 -50.48 -44.52
C ASN A 549 -45.85 -51.14 -43.90
N THR A 550 -45.73 -52.40 -43.45
CA THR A 550 -46.87 -53.03 -42.73
C THR A 550 -46.96 -52.31 -41.38
N LEU A 551 -45.88 -51.64 -40.98
CA LEU A 551 -45.94 -50.83 -39.75
C LEU A 551 -47.04 -49.80 -39.96
N LEU A 552 -47.12 -49.26 -41.18
CA LEU A 552 -48.21 -48.31 -41.51
C LEU A 552 -49.52 -49.09 -41.65
N ASN A 553 -49.45 -50.31 -42.22
CA ASN A 553 -50.69 -51.10 -42.45
C ASN A 553 -50.40 -52.61 -42.33
N VAL A 554 -50.12 -53.10 -41.12
CA VAL A 554 -49.92 -54.56 -40.90
C VAL A 554 -51.25 -55.23 -41.21
N ILE A 555 -52.34 -54.55 -40.88
CA ILE A 555 -53.67 -55.18 -41.04
C ILE A 555 -53.81 -55.63 -42.49
N ALA A 556 -53.38 -54.79 -43.43
CA ALA A 556 -53.59 -55.18 -44.84
C ALA A 556 -55.05 -55.61 -44.91
N CYS A 557 -55.32 -56.77 -45.50
CA CYS A 557 -56.71 -57.29 -45.45
C CYS A 557 -56.74 -58.77 -45.85
N THR A 558 -57.81 -59.46 -45.49
CA THR A 558 -57.97 -60.87 -45.91
C THR A 558 -59.44 -61.02 -46.30
N HIS A 559 -59.72 -61.49 -47.51
CA HIS A 559 -61.14 -61.51 -47.96
C HIS A 559 -61.84 -62.77 -47.45
N VAL A 560 -62.74 -62.63 -46.47
CA VAL A 560 -63.50 -63.86 -46.08
C VAL A 560 -64.51 -64.24 -47.16
N PRO A 561 -65.27 -63.34 -47.85
CA PRO A 561 -66.41 -63.75 -48.71
C PRO A 561 -66.38 -64.82 -49.80
N CYS A 562 -67.39 -65.72 -49.88
CA CYS A 562 -67.56 -66.78 -50.94
C CYS A 562 -69.02 -67.22 -50.77
N ASN A 563 -69.61 -67.90 -51.77
CA ASN A 563 -70.95 -68.53 -51.57
C ASN A 563 -70.77 -69.89 -52.22
N THR A 564 -71.37 -70.93 -51.67
CA THR A 564 -71.32 -72.26 -52.31
C THR A 564 -72.72 -72.83 -52.39
N SER A 565 -72.87 -74.09 -52.83
CA SER A 565 -74.21 -74.68 -53.05
C SER A 565 -75.05 -75.00 -51.83
N CYS A 566 -76.15 -74.27 -51.71
CA CYS A 566 -77.09 -74.50 -50.60
C CYS A 566 -78.20 -75.43 -51.07
N SER A 567 -79.34 -75.41 -50.40
CA SER A 567 -80.39 -76.40 -50.72
C SER A 567 -80.85 -76.27 -52.18
N PRO A 568 -81.14 -77.37 -52.90
CA PRO A 568 -81.66 -77.32 -54.26
C PRO A 568 -82.87 -76.40 -54.38
N GLY A 569 -82.87 -75.56 -55.40
CA GLY A 569 -83.84 -74.46 -55.51
C GLY A 569 -82.94 -73.27 -55.46
N PHE A 570 -81.80 -73.42 -54.78
CA PHE A 570 -80.69 -72.44 -54.83
C PHE A 570 -81.14 -71.03 -54.56
N GLU A 571 -80.70 -70.13 -55.43
CA GLU A 571 -81.08 -68.71 -55.34
C GLU A 571 -80.59 -68.04 -54.06
N LEU A 572 -79.52 -68.57 -53.45
CA LEU A 572 -78.94 -67.85 -52.29
C LEU A 572 -78.44 -66.56 -52.92
N MET A 573 -77.99 -66.65 -54.17
CA MET A 573 -77.50 -65.48 -54.94
C MET A 573 -76.44 -64.69 -54.19
N GLU A 574 -75.51 -65.36 -53.48
CA GLU A 574 -74.49 -64.68 -52.63
C GLU A 574 -75.27 -63.81 -51.67
N ALA A 575 -76.16 -64.38 -50.85
CA ALA A 575 -77.08 -63.53 -50.05
C ALA A 575 -76.26 -62.51 -49.29
N PRO A 576 -76.55 -61.19 -49.39
CA PRO A 576 -75.67 -60.14 -48.87
C PRO A 576 -75.16 -60.41 -47.45
N GLY A 577 -73.84 -60.28 -47.29
CA GLY A 577 -73.28 -60.75 -46.02
C GLY A 577 -72.72 -62.13 -46.30
N GLU A 578 -72.52 -62.45 -47.59
CA GLU A 578 -72.05 -63.82 -47.93
C GLU A 578 -70.54 -63.90 -47.83
N CYS A 579 -70.02 -64.23 -46.65
CA CYS A 579 -68.58 -64.39 -46.42
C CYS A 579 -68.27 -65.85 -46.74
N CYS A 580 -67.02 -66.30 -46.66
CA CYS A 580 -66.75 -67.69 -47.15
C CYS A 580 -67.54 -68.70 -46.35
N LYS A 581 -68.40 -69.45 -47.04
CA LYS A 581 -69.13 -70.55 -46.37
C LYS A 581 -68.82 -71.84 -47.11
N LYS A 582 -69.08 -73.00 -46.50
CA LYS A 582 -68.83 -74.32 -47.13
C LYS A 582 -70.14 -75.04 -47.45
N CYS A 583 -71.24 -74.31 -47.67
CA CYS A 583 -72.60 -74.89 -47.96
C CYS A 583 -72.54 -76.11 -48.89
N PRO B 2 55.44 37.07 28.03
CA PRO B 2 56.23 37.82 27.06
C PRO B 2 55.56 39.17 26.74
N PRO B 3 56.32 40.24 26.43
CA PRO B 3 55.71 41.54 26.20
C PRO B 3 54.76 41.40 25.01
N GLU B 4 55.21 40.80 23.92
CA GLU B 4 54.27 40.52 22.80
C GLU B 4 53.48 39.31 23.28
N CYS B 5 52.25 39.13 22.80
CA CYS B 5 51.49 38.02 23.42
C CYS B 5 52.02 36.64 23.03
N PRO B 6 51.98 35.61 23.92
CA PRO B 6 52.37 34.26 23.53
C PRO B 6 51.28 33.57 22.69
N ASP B 7 51.11 33.99 21.44
CA ASP B 7 50.03 33.42 20.58
C ASP B 7 50.28 31.92 20.43
N THR B 17 48.12 40.96 21.24
CA THR B 17 48.80 40.79 19.94
C THR B 17 47.97 39.73 19.21
N TRP B 18 46.65 39.70 19.42
CA TRP B 18 45.84 38.75 18.65
C TRP B 18 44.37 39.05 18.45
N TRP B 19 43.74 38.58 17.37
CA TRP B 19 42.25 38.66 17.24
C TRP B 19 41.73 37.51 18.10
N LEU B 20 41.76 37.64 19.43
CA LEU B 20 41.46 36.44 20.28
C LEU B 20 40.05 35.87 20.21
N CYS B 21 39.03 36.72 20.22
CA CYS B 21 37.65 36.18 20.18
C CYS B 21 36.60 37.25 19.94
N ASP B 22 35.52 36.95 19.21
CA ASP B 22 34.43 37.94 19.07
C ASP B 22 35.04 39.25 18.59
N CYS B 23 36.06 39.18 17.72
CA CYS B 23 36.74 40.39 17.20
C CYS B 23 37.31 41.21 18.35
N PHE B 24 37.76 40.56 19.43
CA PHE B 24 38.45 41.29 20.52
C PHE B 24 39.93 41.30 20.14
N MET B 25 40.32 42.22 19.26
CA MET B 25 41.73 42.17 18.76
C MET B 25 42.71 42.62 19.84
N ALA B 26 44.02 42.55 19.62
CA ALA B 26 44.88 42.96 20.77
C ALA B 26 46.31 43.34 20.39
N THR B 27 46.91 44.24 21.17
CA THR B 27 48.34 44.59 21.01
C THR B 27 48.91 44.40 22.42
N CYS B 28 49.59 43.28 22.67
CA CYS B 28 49.98 42.96 24.07
C CYS B 28 51.23 43.70 24.57
N LYS B 29 51.09 44.46 25.66
CA LYS B 29 52.25 45.09 26.32
C LYS B 29 53.02 43.95 26.98
N TYR B 30 52.28 43.01 27.57
CA TYR B 30 52.88 41.81 28.21
C TYR B 30 51.78 40.74 28.23
N ASN B 31 52.18 39.53 28.62
CA ASN B 31 51.23 38.39 28.83
C ASN B 31 50.11 38.78 29.77
N ASN B 32 50.43 39.50 30.85
CA ASN B 32 49.41 39.87 31.85
C ASN B 32 48.73 41.17 31.40
N THR B 33 49.52 42.16 30.98
CA THR B 33 48.92 43.47 30.65
C THR B 33 49.02 43.68 29.14
N VAL B 34 47.88 43.77 28.45
CA VAL B 34 47.90 43.87 26.97
C VAL B 34 46.99 45.04 26.58
N GLU B 35 47.18 45.58 25.38
CA GLU B 35 46.23 46.63 24.91
C GLU B 35 45.25 45.83 24.04
N ILE B 36 44.09 45.50 24.61
CA ILE B 36 43.10 44.68 23.83
C ILE B 36 42.42 45.69 22.90
N VAL B 37 41.77 45.22 21.84
CA VAL B 37 40.99 46.12 20.95
C VAL B 37 39.68 45.45 20.60
N LYS B 38 38.65 46.22 20.23
CA LYS B 38 37.36 45.61 19.78
C LYS B 38 37.04 46.13 18.38
N VAL B 39 36.65 45.26 17.45
CA VAL B 39 36.44 45.74 16.05
C VAL B 39 35.01 45.46 15.60
N GLU B 40 34.28 46.50 15.17
CA GLU B 40 32.92 46.28 14.59
C GLU B 40 32.69 47.34 13.52
N CYS B 41 31.61 47.20 12.72
CA CYS B 41 31.25 48.17 11.64
C CYS B 41 29.90 47.81 11.03
N GLU B 42 29.37 48.65 10.12
CA GLU B 42 28.07 48.41 9.48
C GLU B 42 28.01 49.24 8.20
N PRO B 43 28.20 48.63 7.01
CA PRO B 43 28.07 49.35 5.74
C PRO B 43 26.61 49.64 5.42
N PRO B 44 26.27 50.80 4.82
CA PRO B 44 24.89 51.10 4.44
C PRO B 44 24.40 50.18 3.31
N PRO B 45 23.08 49.89 3.22
CA PRO B 45 22.55 49.06 2.13
C PRO B 45 22.96 49.58 0.75
N MET B 46 23.61 48.73 -0.05
CA MET B 46 24.03 49.11 -1.40
C MET B 46 22.88 49.75 -2.16
N PRO B 47 23.20 50.63 -3.12
CA PRO B 47 22.14 51.34 -3.84
C PRO B 47 21.28 50.44 -4.69
N THR B 48 21.88 49.65 -5.57
CA THR B 48 21.09 48.81 -6.47
C THR B 48 21.97 47.72 -7.10
N CYS B 49 21.43 47.01 -8.07
CA CYS B 49 22.21 45.97 -8.75
C CYS B 49 21.79 45.83 -10.20
N SER B 50 21.49 46.95 -10.86
CA SER B 50 21.13 46.93 -12.26
C SER B 50 20.09 45.84 -12.51
N ASN B 51 19.30 45.53 -11.49
CA ASN B 51 18.27 44.50 -11.62
C ASN B 51 17.05 44.89 -10.82
N GLY B 52 17.18 45.94 -10.02
CA GLY B 52 16.07 46.37 -9.20
C GLY B 52 15.82 45.52 -7.97
N LEU B 53 16.34 44.30 -7.94
CA LEU B 53 16.14 43.43 -6.78
C LEU B 53 16.98 43.90 -5.60
N GLN B 54 16.38 43.84 -4.43
CA GLN B 54 17.07 44.24 -3.21
C GLN B 54 18.19 43.25 -2.89
N PRO B 55 19.37 43.74 -2.53
CA PRO B 55 20.48 42.85 -2.17
C PRO B 55 20.26 42.23 -0.79
N VAL B 56 21.03 41.19 -0.52
CA VAL B 56 20.97 40.49 0.76
C VAL B 56 22.28 40.70 1.50
N ARG B 57 22.34 40.15 2.72
CA ARG B 57 23.47 40.33 3.62
C ARG B 57 24.34 39.08 3.59
N VAL B 58 25.62 39.26 3.28
CA VAL B 58 26.59 38.17 3.25
C VAL B 58 27.57 38.40 4.39
N GLU B 59 27.66 37.42 5.29
CA GLU B 59 28.56 37.54 6.43
C GLU B 59 30.00 37.31 6.01
N ASP B 60 30.91 38.01 6.69
CA ASP B 60 32.33 37.82 6.45
C ASP B 60 32.77 36.44 6.98
N PRO B 61 33.98 35.98 6.59
CA PRO B 61 34.50 34.78 7.21
C PRO B 61 34.61 35.23 8.66
N ASP B 62 35.34 36.33 8.85
CA ASP B 62 35.52 36.86 10.23
C ASP B 62 34.14 37.27 10.71
N GLY B 63 33.88 37.12 12.00
CA GLY B 63 32.53 37.41 12.50
C GLY B 63 32.32 38.90 12.55
N CYS B 64 33.37 39.66 12.29
CA CYS B 64 33.23 41.12 12.51
C CYS B 64 32.13 41.80 11.69
N CYS B 65 31.99 41.57 10.38
CA CYS B 65 30.99 42.39 9.62
C CYS B 65 30.37 41.64 8.45
N TRP B 66 29.41 42.27 7.80
CA TRP B 66 28.71 41.57 6.70
C TRP B 66 28.63 42.63 5.60
N HIS B 67 28.93 42.28 4.36
CA HIS B 67 28.74 43.33 3.36
C HIS B 67 27.49 43.00 2.62
N TRP B 68 26.90 43.92 1.88
CA TRP B 68 25.77 43.65 1.00
C TRP B 68 26.19 43.18 -0.38
N GLU B 69 25.66 42.05 -0.82
CA GLU B 69 25.82 41.55 -2.17
C GLU B 69 24.49 40.99 -2.61
N CYS B 70 24.17 41.13 -3.88
CA CYS B 70 22.88 40.71 -4.41
C CYS B 70 23.02 39.47 -5.28
N ASP B 71 22.01 38.61 -5.21
CA ASP B 71 22.05 37.31 -5.86
C ASP B 71 22.01 37.44 -7.38
N CYS B 72 22.40 36.36 -8.06
CA CYS B 72 22.39 36.31 -9.51
C CYS B 72 21.08 35.64 -9.95
N TYR B 73 20.28 36.37 -10.74
CA TYR B 73 18.97 35.90 -11.15
C TYR B 73 18.83 36.04 -12.67
N CYS B 74 18.54 34.93 -13.34
CA CYS B 74 18.30 34.92 -14.78
C CYS B 74 16.90 34.37 -15.02
N THR B 75 16.16 35.00 -15.93
CA THR B 75 14.79 34.56 -16.17
C THR B 75 14.54 34.48 -17.67
N GLY B 76 13.69 33.54 -18.06
CA GLY B 76 13.30 33.43 -19.45
C GLY B 76 11.84 33.06 -19.58
N TRP B 77 11.08 33.87 -20.31
CA TRP B 77 9.65 33.64 -20.46
C TRP B 77 9.23 33.83 -21.91
N GLY B 78 7.99 33.41 -22.18
CA GLY B 78 7.46 33.39 -23.52
C GLY B 78 8.26 32.41 -24.36
N ASP B 79 8.16 32.59 -25.66
CA ASP B 79 9.06 31.86 -26.55
C ASP B 79 10.42 32.54 -26.60
N PRO B 80 10.52 33.85 -26.94
CA PRO B 80 11.85 34.45 -27.14
C PRO B 80 12.40 35.25 -25.97
N HIS B 81 11.61 35.51 -24.93
CA HIS B 81 11.97 36.55 -23.97
C HIS B 81 13.01 36.06 -22.98
N TYR B 82 14.12 36.80 -22.88
CA TYR B 82 15.19 36.50 -21.93
C TYR B 82 15.58 37.76 -21.19
N VAL B 83 15.83 37.63 -19.89
CA VAL B 83 16.48 38.67 -19.10
C VAL B 83 17.64 38.04 -18.34
N THR B 84 18.81 38.65 -18.47
CA THR B 84 20.06 38.07 -17.99
C THR B 84 20.21 38.32 -16.49
N PHE B 85 21.44 38.04 -16.02
CA PHE B 85 21.71 38.14 -14.57
C PHE B 85 21.72 39.60 -14.18
N ASP B 86 22.01 40.49 -15.13
CA ASP B 86 22.17 41.91 -14.74
C ASP B 86 21.04 42.79 -15.30
N GLY B 87 19.87 42.23 -15.57
CA GLY B 87 18.77 43.12 -15.95
C GLY B 87 18.78 43.54 -17.40
N LEU B 88 19.47 42.83 -18.26
CA LEU B 88 19.45 43.08 -19.69
C LEU B 88 18.44 42.16 -20.37
N TYR B 89 17.59 42.72 -21.21
CA TYR B 89 16.48 42.00 -21.82
C TYR B 89 16.68 41.91 -23.33
N TYR B 90 16.39 40.75 -23.89
CA TYR B 90 16.43 40.58 -25.34
C TYR B 90 15.55 39.40 -25.75
N SER B 91 15.17 39.40 -27.02
CA SER B 91 14.34 38.35 -27.60
C SER B 91 15.16 37.59 -28.63
N TYR B 92 15.21 36.27 -28.48
CA TYR B 92 15.93 35.41 -29.40
C TYR B 92 15.08 34.20 -29.75
N GLN B 93 15.10 33.82 -31.02
CA GLN B 93 14.33 32.69 -31.52
C GLN B 93 15.27 31.65 -32.09
N GLY B 94 15.03 30.38 -31.76
CA GLY B 94 15.87 29.30 -32.25
C GLY B 94 15.19 27.96 -32.06
N ASN B 95 15.80 26.94 -32.65
CA ASN B 95 15.27 25.59 -32.58
C ASN B 95 16.20 24.59 -31.89
N CYS B 96 17.48 24.59 -32.23
CA CYS B 96 18.40 23.65 -31.61
C CYS B 96 18.65 24.01 -30.15
N THR B 97 19.00 22.99 -29.36
CA THR B 97 19.22 23.18 -27.94
C THR B 97 20.41 24.10 -27.69
N TYR B 98 20.28 24.95 -26.67
CA TYR B 98 21.26 25.99 -26.39
C TYR B 98 21.66 25.93 -24.92
N VAL B 99 22.90 26.34 -24.65
CA VAL B 99 23.42 26.39 -23.30
C VAL B 99 22.85 27.60 -22.59
N LEU B 100 22.38 27.40 -21.35
CA LEU B 100 21.91 28.51 -20.53
C LEU B 100 23.02 29.07 -19.65
N VAL B 101 23.59 28.23 -18.79
CA VAL B 101 24.66 28.66 -17.91
C VAL B 101 25.71 27.56 -17.78
N GLU B 102 26.97 27.95 -17.78
CA GLU B 102 28.11 27.06 -17.60
C GLU B 102 29.14 27.79 -16.74
N GLU B 103 30.37 27.27 -16.71
CA GLU B 103 31.45 27.87 -15.94
C GLU B 103 32.62 28.19 -16.85
N ILE B 104 33.30 29.29 -16.55
CA ILE B 104 34.51 29.66 -17.30
C ILE B 104 35.69 28.84 -16.81
N SER B 105 35.97 28.89 -15.51
CA SER B 105 37.02 28.07 -14.92
C SER B 105 36.37 26.90 -14.21
N PRO B 106 36.55 25.67 -14.68
CA PRO B 106 35.83 24.53 -14.08
C PRO B 106 36.15 24.31 -12.62
N SER B 107 35.16 24.49 -11.76
CA SER B 107 35.29 24.19 -10.34
C SER B 107 34.46 22.98 -9.92
N VAL B 108 33.38 22.67 -10.64
CA VAL B 108 32.58 21.49 -10.40
C VAL B 108 32.51 20.69 -11.69
N ASP B 109 32.75 19.39 -11.58
CA ASP B 109 32.83 18.55 -12.77
C ASP B 109 31.47 18.39 -13.43
N ASN B 110 31.42 18.66 -14.75
CA ASN B 110 30.23 18.47 -15.57
C ASN B 110 29.01 19.18 -14.97
N PHE B 111 29.17 20.47 -14.73
CA PHE B 111 28.08 21.32 -14.25
C PHE B 111 27.58 22.21 -15.36
N GLY B 112 26.26 22.28 -15.51
CA GLY B 112 25.68 23.14 -16.52
C GLY B 112 24.17 23.06 -16.61
N VAL B 113 23.55 24.15 -17.07
CA VAL B 113 22.11 24.18 -17.32
C VAL B 113 21.90 24.54 -18.78
N TYR B 114 21.10 23.72 -19.46
CA TYR B 114 20.83 23.85 -20.89
C TYR B 114 19.33 23.86 -21.12
N ILE B 115 18.92 24.45 -22.26
CA ILE B 115 17.46 24.50 -22.59
C ILE B 115 17.21 24.05 -24.03
N ASP B 116 16.53 22.92 -24.23
CA ASP B 116 16.14 22.51 -25.60
C ASP B 116 14.76 23.10 -25.83
N ASN B 117 14.60 23.98 -26.82
CA ASN B 117 13.30 24.70 -26.96
C ASN B 117 12.36 24.16 -28.04
N TYR B 118 12.86 23.45 -29.05
CA TYR B 118 11.98 23.01 -30.15
C TYR B 118 12.27 21.59 -30.72
N HIS B 119 13.33 20.94 -30.26
CA HIS B 119 13.61 19.61 -30.86
C HIS B 119 12.32 18.86 -30.52
N CYS B 120 11.81 19.04 -29.29
CA CYS B 120 10.55 18.38 -28.90
C CYS B 120 9.41 18.94 -29.77
N ASP B 121 9.14 20.25 -29.70
CA ASP B 121 8.13 20.83 -30.62
C ASP B 121 8.76 22.00 -31.36
N PRO B 122 9.00 21.88 -32.67
CA PRO B 122 9.52 22.98 -33.47
C PRO B 122 8.45 24.05 -33.72
N ASN B 123 8.87 25.27 -34.08
CA ASN B 123 7.91 26.37 -34.39
C ASN B 123 6.94 26.53 -33.22
N ASP B 124 5.63 26.41 -33.47
CA ASP B 124 4.67 26.47 -32.35
C ASP B 124 5.03 25.36 -31.36
N LYS B 125 5.11 25.69 -30.07
CA LYS B 125 5.53 24.69 -29.04
C LYS B 125 4.26 24.27 -28.31
N VAL B 126 3.11 24.33 -29.00
CA VAL B 126 1.80 24.01 -28.34
C VAL B 126 1.80 22.64 -27.61
N SER B 127 2.13 21.56 -28.34
CA SER B 127 2.27 20.24 -27.66
C SER B 127 3.35 20.14 -26.57
N CYS B 128 4.57 20.63 -26.84
CA CYS B 128 5.61 20.69 -25.79
C CYS B 128 6.48 21.93 -25.99
N PRO B 129 6.43 22.92 -25.08
CA PRO B 129 7.26 24.11 -25.21
C PRO B 129 8.78 23.96 -25.13
N ARG B 130 9.32 23.25 -24.13
CA ARG B 130 10.77 23.28 -23.89
C ARG B 130 11.13 22.05 -23.09
N THR B 131 12.42 21.74 -22.95
CA THR B 131 12.86 20.69 -22.02
C THR B 131 14.04 21.34 -21.33
N LEU B 132 14.23 21.13 -20.04
CA LEU B 132 15.30 21.76 -19.27
C LEU B 132 16.26 20.66 -18.82
N ILE B 133 17.55 20.83 -19.12
CA ILE B 133 18.56 19.83 -18.81
C ILE B 133 19.50 20.42 -17.76
N VAL B 134 19.64 19.73 -16.63
CA VAL B 134 20.55 20.12 -15.57
C VAL B 134 21.56 19.00 -15.39
N ARG B 135 22.83 19.28 -15.61
CA ARG B 135 23.87 18.26 -15.40
C ARG B 135 24.69 18.66 -14.20
N HIS B 136 24.84 17.77 -13.23
CA HIS B 136 25.73 18.04 -12.07
C HIS B 136 26.49 16.76 -11.83
N GLU B 137 27.79 16.76 -12.09
CA GLU B 137 28.63 15.54 -11.91
C GLU B 137 28.02 14.37 -12.64
N THR B 138 27.79 13.29 -11.91
CA THR B 138 27.26 12.05 -12.50
C THR B 138 25.86 12.20 -13.07
N GLN B 139 24.97 12.91 -12.38
CA GLN B 139 23.56 12.89 -12.82
C GLN B 139 23.15 14.01 -13.76
N GLU B 140 22.30 13.72 -14.74
CA GLU B 140 21.65 14.70 -15.60
C GLU B 140 20.14 14.50 -15.50
N VAL B 141 19.42 15.62 -15.43
CA VAL B 141 17.97 15.62 -15.26
C VAL B 141 17.36 16.37 -16.43
N LEU B 142 16.39 15.74 -17.10
CA LEU B 142 15.68 16.33 -18.23
C LEU B 142 14.21 16.47 -17.86
N ILE B 143 13.76 17.70 -17.69
CA ILE B 143 12.36 17.99 -17.41
C ILE B 143 11.69 18.37 -18.72
N LYS B 144 10.63 17.64 -19.09
CA LYS B 144 9.92 17.84 -20.33
C LYS B 144 8.43 17.95 -20.03
N THR B 145 7.70 18.63 -20.89
CA THR B 145 6.26 18.83 -20.70
C THR B 145 5.47 18.20 -21.85
N VAL B 146 4.27 17.72 -21.51
CA VAL B 146 3.32 17.24 -22.50
C VAL B 146 2.05 18.06 -22.36
N HIS B 147 1.01 17.69 -23.11
CA HIS B 147 -0.24 18.46 -23.09
C HIS B 147 -0.90 18.72 -21.75
N MET B 148 -0.79 17.79 -20.80
CA MET B 148 -1.42 17.88 -19.51
C MET B 148 -0.55 18.07 -18.25
N MET B 149 0.54 17.31 -18.17
CA MET B 149 1.48 17.48 -17.06
C MET B 149 2.91 17.06 -17.35
N PRO B 150 3.89 17.83 -16.90
CA PRO B 150 5.29 17.52 -17.20
C PRO B 150 5.78 16.27 -16.48
N MET B 151 6.84 15.69 -17.03
CA MET B 151 7.53 14.56 -16.43
C MET B 151 9.03 14.75 -16.57
N GLN B 152 9.79 14.11 -15.70
CA GLN B 152 11.24 14.25 -15.66
C GLN B 152 11.90 12.89 -15.82
N VAL B 153 13.04 12.89 -16.51
CA VAL B 153 13.85 11.70 -16.74
C VAL B 153 15.22 11.95 -16.13
N GLN B 154 15.66 11.04 -15.27
CA GLN B 154 16.96 11.14 -14.61
C GLN B 154 17.85 10.03 -15.13
N VAL B 155 18.79 10.40 -16.01
CA VAL B 155 19.71 9.46 -16.64
C VAL B 155 18.96 8.34 -17.34
N GLN B 160 15.90 7.22 -17.64
CA GLN B 160 14.94 6.51 -16.81
C GLN B 160 14.03 7.49 -16.05
N ALA B 161 12.73 7.22 -16.07
CA ALA B 161 11.78 8.08 -15.38
C ALA B 161 11.86 7.85 -13.87
N VAL B 162 11.57 8.91 -13.12
CA VAL B 162 11.59 8.89 -11.67
C VAL B 162 10.36 9.62 -11.15
N ALA B 163 10.16 9.57 -9.84
CA ALA B 163 9.06 10.26 -9.20
C ALA B 163 9.49 11.69 -8.84
N LEU B 164 8.55 12.46 -8.31
CA LEU B 164 8.83 13.87 -8.06
C LEU B 164 9.75 14.08 -6.85
N PRO B 165 9.39 13.61 -5.63
CA PRO B 165 10.25 13.90 -4.48
C PRO B 165 11.57 13.14 -4.54
N TYR B 166 12.50 13.62 -5.36
CA TYR B 166 13.73 12.90 -5.64
C TYR B 166 14.91 13.57 -4.94
N LYS B 167 15.77 12.74 -4.35
CA LYS B 167 16.98 13.25 -3.69
C LYS B 167 18.09 12.23 -3.86
N LYS B 168 19.22 12.65 -4.41
CA LYS B 168 20.32 11.74 -4.69
C LYS B 168 21.60 12.52 -4.90
N TYR B 169 22.66 12.15 -4.18
CA TYR B 169 24.00 12.68 -4.39
C TYR B 169 24.04 14.20 -4.31
N GLY B 170 23.28 14.76 -3.36
CA GLY B 170 23.27 16.19 -3.19
C GLY B 170 22.41 16.95 -4.17
N LEU B 171 21.70 16.26 -5.06
CA LEU B 171 20.79 16.88 -6.02
C LEU B 171 19.36 16.58 -5.60
N GLU B 172 18.53 17.62 -5.52
CA GLU B 172 17.14 17.42 -5.10
C GLU B 172 16.19 17.99 -6.13
N VAL B 173 15.12 17.26 -6.39
CA VAL B 173 14.06 17.67 -7.31
C VAL B 173 12.73 17.52 -6.58
N TYR B 174 11.90 18.56 -6.66
CA TYR B 174 10.60 18.52 -5.99
C TYR B 174 9.68 19.53 -6.66
N GLN B 175 8.52 19.75 -6.04
CA GLN B 175 7.52 20.68 -6.53
C GLN B 175 7.31 21.82 -5.54
N SER B 176 6.88 22.96 -6.05
CA SER B 176 6.55 24.11 -5.20
C SER B 176 5.54 24.96 -5.95
N GLY B 177 4.30 25.00 -5.45
CA GLY B 177 3.24 25.69 -6.14
C GLY B 177 2.96 25.09 -7.50
N ILE B 178 3.23 25.85 -8.56
CA ILE B 178 3.08 25.37 -9.93
C ILE B 178 4.43 25.21 -10.61
N ASN B 179 5.51 25.12 -9.83
CA ASN B 179 6.85 25.06 -10.37
C ASN B 179 7.52 23.74 -9.98
N TYR B 180 8.41 23.28 -10.85
CA TYR B 180 9.26 22.13 -10.58
C TYR B 180 10.66 22.68 -10.28
N VAL B 181 11.19 22.31 -9.12
CA VAL B 181 12.42 22.92 -8.59
C VAL B 181 13.50 21.87 -8.52
N VAL B 182 14.65 22.18 -9.13
CA VAL B 182 15.87 21.38 -9.04
C VAL B 182 16.91 22.23 -8.33
N ASP B 183 17.40 21.73 -7.19
CA ASP B 183 18.33 22.51 -6.41
C ASP B 183 19.52 21.67 -5.96
N ILE B 184 20.64 22.37 -5.82
CA ILE B 184 21.86 21.83 -5.24
C ILE B 184 22.18 22.66 -3.99
N PRO B 185 21.90 22.13 -2.80
CA PRO B 185 22.14 22.91 -1.57
C PRO B 185 23.60 23.22 -1.32
N GLU B 186 24.51 22.31 -1.65
CA GLU B 186 25.93 22.57 -1.41
C GLU B 186 26.42 23.77 -2.22
N LEU B 187 26.02 23.85 -3.48
CA LEU B 187 26.36 25.00 -4.31
C LEU B 187 25.32 26.10 -4.22
N GLY B 188 24.19 25.85 -3.57
CA GLY B 188 23.14 26.85 -3.47
C GLY B 188 22.43 27.15 -4.77
N VAL B 189 22.47 26.25 -5.74
CA VAL B 189 21.92 26.53 -7.06
C VAL B 189 20.44 26.19 -7.08
N LEU B 190 19.62 27.11 -7.59
CA LEU B 190 18.18 26.90 -7.70
C LEU B 190 17.77 27.02 -9.16
N VAL B 191 16.97 26.09 -9.65
CA VAL B 191 16.41 26.14 -10.99
C VAL B 191 14.93 25.84 -10.90
N SER B 192 14.09 26.75 -11.40
CA SER B 192 12.65 26.60 -11.37
C SER B 192 12.12 26.54 -12.79
N TYR B 193 11.29 25.54 -13.08
CA TYR B 193 10.67 25.37 -14.38
C TYR B 193 9.16 25.38 -14.23
N ASN B 194 8.47 26.00 -15.18
CA ASN B 194 7.05 26.25 -15.07
C ASN B 194 6.22 25.68 -16.21
N GLY B 195 6.84 25.31 -17.33
CA GLY B 195 6.12 24.98 -18.53
C GLY B 195 5.84 26.16 -19.43
N LEU B 196 5.93 27.37 -18.91
CA LEU B 196 5.86 28.59 -19.69
C LEU B 196 7.07 29.49 -19.51
N SER B 197 7.94 29.20 -18.56
CA SER B 197 9.08 30.06 -18.26
C SER B 197 10.05 29.28 -17.38
N PHE B 198 11.22 29.87 -17.13
CA PHE B 198 12.24 29.26 -16.31
C PHE B 198 13.02 30.35 -15.58
N SER B 199 13.59 29.97 -14.43
CA SER B 199 14.37 30.90 -13.63
C SER B 199 15.58 30.17 -13.04
N VAL B 200 16.71 30.85 -13.03
CA VAL B 200 17.96 30.32 -12.49
C VAL B 200 18.46 31.29 -11.44
N ARG B 201 18.76 30.77 -10.25
CA ARG B 201 19.21 31.57 -9.11
C ARG B 201 20.53 31.01 -8.60
N LEU B 202 21.54 31.88 -8.54
CA LEU B 202 22.88 31.52 -8.13
C LEU B 202 23.39 32.48 -7.05
N PRO B 203 24.13 31.98 -6.06
CA PRO B 203 24.77 32.87 -5.09
C PRO B 203 25.94 33.62 -5.71
N TYR B 204 26.26 34.76 -5.12
CA TYR B 204 27.29 35.62 -5.70
C TYR B 204 28.69 35.09 -5.41
N HIS B 205 28.97 34.75 -4.14
CA HIS B 205 30.32 34.37 -3.76
C HIS B 205 30.78 33.10 -4.45
N ARG B 206 29.89 32.09 -4.52
CA ARG B 206 30.25 30.84 -5.17
C ARG B 206 30.45 31.04 -6.68
N PHE B 207 29.57 31.82 -7.30
CA PHE B 207 29.62 32.06 -8.74
C PHE B 207 29.70 33.57 -8.97
N GLY B 208 30.91 34.11 -8.96
CA GLY B 208 31.09 35.55 -9.23
C GLY B 208 32.08 35.77 -10.36
N ASN B 209 31.61 36.30 -11.48
CA ASN B 209 32.51 36.50 -12.66
C ASN B 209 33.16 35.16 -13.01
N ASN B 210 32.35 34.12 -13.20
CA ASN B 210 32.89 32.79 -13.61
C ASN B 210 31.82 32.04 -14.41
N THR B 211 30.77 32.73 -14.84
CA THR B 211 29.71 32.07 -15.60
C THR B 211 29.65 32.65 -17.02
N LYS B 212 29.10 31.86 -17.93
CA LYS B 212 28.92 32.30 -19.31
C LYS B 212 27.77 31.51 -19.91
N GLY B 213 27.20 32.06 -20.98
CA GLY B 213 26.09 31.47 -21.67
C GLY B 213 25.07 32.52 -22.03
N GLN B 214 23.86 32.06 -22.36
CA GLN B 214 22.80 32.99 -22.72
C GLN B 214 22.32 33.82 -21.54
N CYS B 215 22.55 33.35 -20.31
CA CYS B 215 22.20 34.14 -19.14
C CYS B 215 23.25 35.19 -18.78
N GLY B 216 24.36 35.23 -19.51
CA GLY B 216 25.32 36.34 -19.32
C GLY B 216 26.24 36.20 -18.14
N THR B 217 26.96 37.27 -17.79
CA THR B 217 27.99 37.16 -16.73
C THR B 217 27.54 37.90 -15.47
N CYS B 218 27.49 37.19 -14.33
CA CYS B 218 26.96 37.84 -13.14
C CYS B 218 28.00 38.77 -12.53
N THR B 219 28.12 39.95 -13.13
CA THR B 219 29.18 40.90 -12.69
C THR B 219 28.56 42.16 -12.07
N ASN B 220 27.24 42.30 -12.11
CA ASN B 220 26.62 43.57 -11.62
C ASN B 220 26.78 44.64 -12.71
N THR B 221 27.30 44.26 -13.87
CA THR B 221 27.47 45.23 -14.98
C THR B 221 26.68 44.72 -16.19
N THR B 222 25.87 45.58 -16.80
CA THR B 222 25.01 45.14 -17.93
C THR B 222 25.83 45.03 -19.21
N SER B 223 26.96 45.74 -19.29
CA SER B 223 27.78 45.74 -20.54
C SER B 223 28.36 44.39 -20.94
N ASP B 224 28.89 43.64 -19.96
CA ASP B 224 29.52 42.32 -20.24
C ASP B 224 28.47 41.22 -20.08
N ASP B 225 27.22 41.50 -20.45
CA ASP B 225 26.17 40.49 -20.18
C ASP B 225 26.05 39.52 -21.36
N CYS B 226 26.87 39.68 -22.41
CA CYS B 226 26.86 38.65 -23.48
C CYS B 226 28.25 38.40 -24.04
N ILE B 227 28.72 37.13 -24.06
CA ILE B 227 30.04 36.99 -24.66
C ILE B 227 30.05 35.74 -25.53
N LEU B 228 30.91 35.75 -26.54
CA LEU B 228 31.08 34.59 -27.40
C LEU B 228 31.85 33.50 -26.64
N PRO B 229 31.77 32.25 -27.11
CA PRO B 229 32.56 31.18 -26.47
C PRO B 229 34.05 31.49 -26.43
N SER B 230 34.57 32.18 -27.45
CA SER B 230 35.97 32.58 -27.41
C SER B 230 36.24 33.56 -26.27
N GLY B 231 35.32 34.50 -26.04
CA GLY B 231 35.47 35.43 -24.94
C GLY B 231 35.55 36.89 -25.37
N GLU B 232 34.94 37.22 -26.50
CA GLU B 232 34.94 38.59 -26.98
C GLU B 232 33.73 39.36 -26.44
N ILE B 233 33.70 40.66 -26.73
CA ILE B 233 32.60 41.53 -26.32
C ILE B 233 31.96 42.09 -27.59
N VAL B 234 30.65 41.96 -27.69
CA VAL B 234 29.89 42.44 -28.85
C VAL B 234 28.75 43.32 -28.36
N SER B 235 28.54 44.45 -29.03
CA SER B 235 27.44 45.34 -28.67
C SER B 235 26.09 44.70 -28.98
N ASN B 236 25.97 44.01 -30.11
CA ASN B 236 24.73 43.36 -30.50
C ASN B 236 24.57 42.11 -29.64
N CYS B 237 23.90 42.29 -28.49
CA CYS B 237 23.76 41.21 -27.53
C CYS B 237 22.88 40.07 -28.04
N GLU B 238 22.03 40.34 -29.04
CA GLU B 238 21.17 39.29 -29.57
C GLU B 238 21.98 38.28 -30.38
N ALA B 239 23.01 38.74 -31.10
CA ALA B 239 23.78 37.83 -31.94
C ALA B 239 24.61 36.85 -31.10
N ALA B 240 25.07 37.27 -29.91
CA ALA B 240 25.90 36.39 -29.10
C ALA B 240 25.12 35.16 -28.63
N ALA B 241 23.80 35.29 -28.50
CA ALA B 241 23.00 34.16 -28.06
C ALA B 241 23.01 33.04 -29.09
N ASP B 242 22.97 33.38 -30.38
CA ASP B 242 22.94 32.36 -31.42
C ASP B 242 24.23 31.56 -31.50
N GLN B 243 25.34 32.10 -31.01
CA GLN B 243 26.62 31.40 -31.04
C GLN B 243 26.77 30.40 -29.90
N TRP B 244 25.85 30.40 -28.94
CA TRP B 244 25.91 29.47 -27.81
C TRP B 244 25.15 28.18 -28.10
N LEU B 245 25.49 27.54 -29.21
CA LEU B 245 24.86 26.30 -29.60
C LEU B 245 25.71 25.11 -29.16
N VAL B 246 25.02 24.06 -28.68
CA VAL B 246 25.71 22.83 -28.19
C VAL B 246 25.36 21.77 -29.23
N ASN B 247 26.37 21.28 -29.95
CA ASN B 247 26.11 20.22 -30.99
C ASN B 247 25.92 18.90 -30.29
N ASP B 248 25.04 18.03 -30.78
CA ASP B 248 24.72 16.74 -30.09
C ASP B 248 24.55 15.73 -31.22
N PRO B 249 24.44 14.41 -30.95
CA PRO B 249 24.35 13.41 -32.02
C PRO B 249 23.14 13.59 -32.95
N SER B 250 21.97 13.94 -32.40
CA SER B 250 20.75 14.00 -33.25
C SER B 250 20.66 15.35 -33.98
N LYS B 251 20.22 15.33 -35.25
CA LYS B 251 20.01 16.55 -36.03
C LYS B 251 21.26 17.42 -36.01
N PRO B 252 22.37 17.08 -36.73
CA PRO B 252 23.59 17.90 -36.62
C PRO B 252 23.60 19.06 -37.62
N HIS B 253 22.55 19.17 -38.43
CA HIS B 253 22.52 20.19 -39.48
C HIS B 253 21.93 21.50 -39.00
N CYS B 254 22.18 21.89 -37.76
CA CYS B 254 21.66 23.15 -37.24
C CYS B 254 22.18 24.31 -38.06
N PRO B 255 21.32 25.23 -38.54
CA PRO B 255 21.73 26.39 -39.34
C PRO B 255 22.45 27.44 -38.50
N ASP B 279 -2.12 50.05 -36.03
CA ASP B 279 -3.16 49.09 -36.37
C ASP B 279 -3.46 48.18 -35.18
N CYS B 280 -2.43 47.89 -34.39
CA CYS B 280 -2.59 47.03 -33.23
C CYS B 280 -3.38 47.74 -32.13
N THR B 281 -4.59 47.27 -31.88
CA THR B 281 -5.37 47.77 -30.76
C THR B 281 -4.87 47.16 -29.46
N PRO B 282 -4.40 47.95 -28.51
CA PRO B 282 -3.87 47.36 -27.27
C PRO B 282 -4.96 46.69 -26.46
N SER B 283 -4.77 45.39 -26.20
CA SER B 283 -5.73 44.66 -25.39
C SER B 283 -5.71 45.19 -23.95
N PRO B 284 -6.88 45.32 -23.32
CA PRO B 284 -6.90 45.82 -21.93
C PRO B 284 -6.15 44.94 -20.95
N LEU B 285 -5.98 43.65 -21.26
CA LEU B 285 -5.30 42.75 -20.34
C LEU B 285 -3.87 43.20 -20.07
N CYS B 286 -3.15 43.59 -21.13
CA CYS B 286 -1.80 44.09 -20.96
C CYS B 286 -1.83 45.35 -20.10
N GLN B 287 -2.97 46.05 -20.06
CA GLN B 287 -3.10 47.23 -19.23
C GLN B 287 -3.02 46.92 -17.73
N LEU B 288 -3.28 45.68 -17.34
CA LEU B 288 -3.22 45.31 -15.93
C LEU B 288 -1.92 45.61 -15.21
N ILE B 289 -0.79 45.61 -15.93
CA ILE B 289 0.48 45.98 -15.31
C ILE B 289 0.44 47.42 -14.83
N LYS B 290 -0.13 48.32 -15.63
CA LYS B 290 -0.18 49.73 -15.27
C LYS B 290 -1.33 50.06 -14.33
N ASP B 291 -2.21 49.11 -14.04
CA ASP B 291 -3.35 49.38 -13.17
C ASP B 291 -2.90 49.52 -11.72
N SER B 292 -3.85 49.89 -10.86
CA SER B 292 -3.55 50.07 -9.44
C SER B 292 -3.39 48.75 -8.71
N LEU B 293 -3.80 47.63 -9.33
CA LEU B 293 -3.62 46.33 -8.69
C LEU B 293 -2.14 46.00 -8.49
N PHE B 294 -1.32 46.31 -9.50
CA PHE B 294 0.12 46.08 -9.43
C PHE B 294 0.87 47.31 -8.97
N ALA B 295 0.19 48.30 -8.37
CA ALA B 295 0.87 49.51 -7.92
C ALA B 295 1.93 49.20 -6.87
N GLN B 296 1.68 48.20 -6.04
CA GLN B 296 2.70 47.79 -5.07
C GLN B 296 3.92 47.21 -5.76
N CYS B 297 3.74 46.54 -6.90
CA CYS B 297 4.84 45.93 -7.61
C CYS B 297 5.73 46.93 -8.31
N HIS B 298 5.23 48.14 -8.60
CA HIS B 298 6.05 49.14 -9.28
C HIS B 298 7.26 49.54 -8.47
N ALA B 299 7.26 49.26 -7.16
CA ALA B 299 8.44 49.41 -6.34
C ALA B 299 9.08 48.03 -6.14
N LEU B 300 10.41 48.04 -6.01
CA LEU B 300 11.23 46.85 -5.77
C LEU B 300 11.33 45.96 -7.00
N VAL B 301 10.56 46.27 -8.05
CA VAL B 301 10.56 45.50 -9.29
C VAL B 301 10.22 46.44 -10.45
N PRO B 302 11.11 46.61 -11.42
CA PRO B 302 10.80 47.47 -12.57
C PRO B 302 9.84 46.76 -13.51
N PRO B 303 8.76 47.43 -13.93
CA PRO B 303 7.77 46.81 -14.83
C PRO B 303 7.96 47.11 -16.31
N GLN B 304 9.05 47.75 -16.71
CA GLN B 304 9.18 48.21 -18.09
C GLN B 304 9.25 47.04 -19.06
N HIS B 305 10.05 46.02 -18.74
CA HIS B 305 10.28 44.93 -19.68
C HIS B 305 9.02 44.10 -19.90
N TYR B 306 8.33 43.74 -18.82
CA TYR B 306 7.18 42.85 -18.92
C TYR B 306 6.04 43.51 -19.69
N TYR B 307 5.81 44.81 -19.46
CA TYR B 307 4.74 45.50 -20.18
C TYR B 307 5.03 45.53 -21.68
N ASP B 308 6.27 45.83 -22.06
CA ASP B 308 6.63 45.82 -23.48
C ASP B 308 6.50 44.43 -24.08
N ALA B 309 6.89 43.39 -23.35
CA ALA B 309 6.73 42.04 -23.85
C ALA B 309 5.26 41.69 -24.04
N CYS B 310 4.40 42.11 -23.11
CA CYS B 310 2.97 41.88 -23.24
C CYS B 310 2.42 42.58 -24.47
N VAL B 311 2.82 43.83 -24.69
CA VAL B 311 2.33 44.58 -25.85
C VAL B 311 2.78 43.91 -27.15
N PHE B 312 4.05 43.49 -27.22
CA PHE B 312 4.55 42.84 -28.42
C PHE B 312 3.82 41.53 -28.68
N ASP B 313 3.59 40.73 -27.63
CA ASP B 313 2.87 39.48 -27.81
C ASP B 313 1.43 39.70 -28.24
N SER B 314 0.77 40.72 -27.68
CA SER B 314 -0.60 41.02 -28.08
C SER B 314 -0.66 41.46 -29.55
N CYS B 315 0.29 42.28 -29.98
CA CYS B 315 0.31 42.72 -31.37
C CYS B 315 0.79 41.65 -32.33
N PHE B 316 1.47 40.61 -31.83
CA PHE B 316 1.94 39.55 -32.72
C PHE B 316 0.76 38.82 -33.36
N MET B 317 -0.26 38.49 -32.58
CA MET B 317 -1.60 38.20 -33.09
C MET B 317 -2.60 38.39 -31.95
N PRO B 318 -3.70 39.10 -32.21
CA PRO B 318 -4.70 39.31 -31.16
C PRO B 318 -5.52 38.06 -30.88
N GLY B 319 -6.11 38.04 -29.69
CA GLY B 319 -7.07 37.00 -29.33
C GLY B 319 -6.50 35.59 -29.30
N SER B 320 -5.30 35.42 -28.74
CA SER B 320 -4.70 34.10 -28.61
C SER B 320 -4.36 33.75 -27.16
N SER B 321 -4.73 34.60 -26.20
CA SER B 321 -4.47 34.36 -24.78
C SER B 321 -2.98 34.18 -24.50
N LEU B 322 -2.13 34.76 -25.33
CA LEU B 322 -0.69 34.70 -25.15
C LEU B 322 -0.14 35.84 -24.31
N GLU B 323 -0.97 36.81 -23.96
CA GLU B 323 -0.52 37.98 -23.22
C GLU B 323 -0.68 37.80 -21.71
N CYS B 324 -1.20 36.67 -21.25
CA CYS B 324 -1.28 36.39 -19.82
C CYS B 324 -0.19 35.42 -19.38
N ALA B 325 0.90 35.33 -20.14
CA ALA B 325 2.08 34.58 -19.73
C ALA B 325 3.12 35.46 -19.06
N SER B 326 3.28 36.70 -19.54
CA SER B 326 4.18 37.64 -18.88
C SER B 326 3.61 38.09 -17.54
N LEU B 327 2.29 38.17 -17.43
CA LEU B 327 1.67 38.53 -16.16
C LEU B 327 2.00 37.51 -15.09
N GLN B 328 2.03 36.22 -15.46
CA GLN B 328 2.39 35.18 -14.51
C GLN B 328 3.79 35.38 -13.98
N ALA B 329 4.73 35.71 -14.86
CA ALA B 329 6.11 35.93 -14.43
C ALA B 329 6.22 37.17 -13.54
N TYR B 330 5.51 38.24 -13.90
CA TYR B 330 5.54 39.43 -13.06
C TYR B 330 5.00 39.14 -11.66
N ALA B 331 3.88 38.40 -11.59
CA ALA B 331 3.32 38.05 -10.30
C ALA B 331 4.25 37.14 -9.51
N ALA B 332 4.89 36.18 -10.18
CA ALA B 332 5.82 35.28 -9.50
C ALA B 332 7.00 36.05 -8.94
N LEU B 333 7.56 36.98 -9.71
CA LEU B 333 8.66 37.80 -9.21
C LEU B 333 8.23 38.68 -8.06
N CYS B 334 7.03 39.25 -8.13
CA CYS B 334 6.52 40.05 -7.02
C CYS B 334 6.36 39.20 -5.76
N ALA B 335 5.85 37.98 -5.90
CA ALA B 335 5.74 37.08 -4.76
C ALA B 335 7.11 36.73 -4.19
N GLN B 336 8.09 36.50 -5.06
CA GLN B 336 9.46 36.30 -4.61
C GLN B 336 9.99 37.51 -3.87
N GLN B 337 9.50 38.71 -4.22
CA GLN B 337 9.85 39.93 -3.52
C GLN B 337 8.97 40.20 -2.29
N ASN B 338 8.38 39.15 -1.72
CA ASN B 338 7.57 39.20 -0.51
C ASN B 338 6.30 40.04 -0.68
N ILE B 339 5.80 40.16 -1.91
CA ILE B 339 4.56 40.87 -2.19
C ILE B 339 3.65 39.91 -2.94
N CYS B 340 2.65 39.37 -2.24
CA CYS B 340 1.72 38.41 -2.83
C CYS B 340 0.48 39.15 -3.33
N LEU B 341 0.10 38.89 -4.57
CA LEU B 341 -1.05 39.54 -5.19
C LEU B 341 -1.91 38.50 -5.90
N ASP B 342 -3.21 38.79 -5.95
CA ASP B 342 -4.17 38.01 -6.71
C ASP B 342 -4.58 38.82 -7.92
N TRP B 343 -4.38 38.26 -9.11
CA TRP B 343 -4.53 39.02 -10.34
C TRP B 343 -5.40 38.29 -11.37
N ARG B 344 -5.43 36.96 -11.30
CA ARG B 344 -6.09 36.19 -12.34
C ARG B 344 -7.60 36.39 -12.35
N ASN B 345 -8.19 36.62 -11.17
CA ASN B 345 -9.61 37.06 -11.03
C ASN B 345 -9.87 38.11 -12.10
N HIS B 346 -9.03 39.15 -12.08
CA HIS B 346 -9.21 40.35 -12.89
C HIS B 346 -8.98 40.10 -14.38
N THR B 347 -8.52 38.92 -14.76
CA THR B 347 -8.18 38.65 -16.16
C THR B 347 -9.39 38.28 -17.01
N HIS B 348 -10.58 38.20 -16.42
CA HIS B 348 -11.80 37.82 -17.14
C HIS B 348 -11.63 36.45 -17.79
N GLY B 349 -10.93 35.55 -17.10
CA GLY B 349 -10.75 34.20 -17.61
C GLY B 349 -9.70 34.11 -18.71
N ALA B 350 -9.91 33.13 -19.59
CA ALA B 350 -9.09 32.85 -20.77
C ALA B 350 -7.75 32.21 -20.43
N CYS B 351 -7.41 32.16 -19.14
CA CYS B 351 -6.29 31.35 -18.66
C CYS B 351 -6.34 31.20 -17.14
N LEU B 352 -6.55 29.97 -16.67
CA LEU B 352 -6.62 29.67 -15.25
C LEU B 352 -5.84 28.39 -14.97
N VAL B 353 -6.00 27.85 -13.77
CA VAL B 353 -5.34 26.61 -13.38
C VAL B 353 -6.29 25.45 -13.57
N GLU B 354 -5.75 24.32 -14.03
CA GLU B 354 -6.52 23.09 -14.24
C GLU B 354 -5.89 21.98 -13.40
N CYS B 355 -6.34 21.86 -12.16
CA CYS B 355 -5.94 20.77 -11.28
C CYS B 355 -7.17 20.12 -10.70
N PRO B 356 -7.09 18.83 -10.30
CA PRO B 356 -8.30 18.06 -10.02
C PRO B 356 -9.18 18.60 -8.90
N SER B 357 -10.35 17.98 -8.74
CA SER B 357 -11.39 18.53 -7.89
C SER B 357 -10.98 18.60 -6.43
N HIS B 358 -10.22 17.61 -5.96
CA HIS B 358 -9.90 17.55 -4.53
C HIS B 358 -8.94 18.65 -4.10
N ARG B 359 -8.60 19.59 -4.98
CA ARG B 359 -7.77 20.73 -4.63
C ARG B 359 -8.40 22.01 -5.17
N GLU B 360 -8.22 23.10 -4.43
CA GLU B 360 -8.76 24.41 -4.80
C GLU B 360 -7.61 25.38 -5.01
N TYR B 361 -7.82 26.32 -5.93
CA TYR B 361 -6.79 27.27 -6.32
C TYR B 361 -6.69 28.40 -5.31
N GLN B 362 -5.45 28.70 -4.89
CA GLN B 362 -5.16 29.81 -4.00
C GLN B 362 -4.02 30.64 -4.60
N ALA B 363 -4.19 31.96 -4.58
CA ALA B 363 -3.17 32.86 -5.12
C ALA B 363 -2.01 33.00 -4.15
N CYS B 364 -2.27 32.87 -2.85
CA CYS B 364 -1.22 32.93 -1.83
C CYS B 364 -1.30 31.68 -0.97
N GLY B 365 -0.22 30.90 -0.96
CA GLY B 365 -0.16 29.70 -0.18
C GLY B 365 1.27 29.34 0.18
N PRO B 366 1.44 28.39 1.10
CA PRO B 366 2.79 28.01 1.51
C PRO B 366 3.57 27.37 0.37
N ALA B 367 4.87 27.67 0.33
CA ALA B 367 5.73 27.07 -0.68
C ALA B 367 5.82 25.56 -0.48
N GLU B 368 5.97 25.12 0.76
CA GLU B 368 6.00 23.70 1.11
C GLU B 368 4.74 23.41 1.91
N GLU B 369 3.79 22.71 1.31
CA GLU B 369 2.53 22.43 1.97
C GLU B 369 2.75 21.51 3.16
N PRO B 370 1.97 21.66 4.27
CA PRO B 370 2.19 20.85 5.46
C PRO B 370 1.61 19.43 5.33
N THR B 371 2.45 18.46 4.96
CA THR B 371 1.99 17.06 4.86
C THR B 371 1.74 16.54 6.28
N CYS B 372 0.71 15.71 6.45
CA CYS B 372 0.41 15.12 7.77
C CYS B 372 1.53 14.18 8.22
N LYS B 373 2.17 13.49 7.28
CA LYS B 373 3.17 12.45 7.68
C LYS B 373 4.24 13.05 8.56
N SER B 374 4.79 14.21 8.19
CA SER B 374 5.90 14.75 9.00
C SER B 374 6.01 16.25 8.74
N SER B 375 5.06 17.03 9.26
CA SER B 375 5.19 18.49 9.11
C SER B 375 6.21 18.91 10.16
N SER B 376 6.11 18.33 11.37
CA SER B 376 7.11 18.59 12.44
C SER B 376 7.29 20.10 12.62
N SER B 377 8.53 20.56 12.70
CA SER B 377 8.80 22.02 12.79
C SER B 377 9.78 22.40 11.68
N GLN B 378 9.44 23.43 10.90
CA GLN B 378 10.34 23.89 9.79
C GLN B 378 10.37 25.41 9.75
N GLN B 379 11.44 26.00 9.22
CA GLN B 379 11.43 27.48 9.07
C GLN B 379 10.27 27.83 8.14
N ASN B 380 9.22 28.48 8.66
CA ASN B 380 8.14 28.95 7.73
C ASN B 380 8.86 30.04 6.93
N ASN B 381 8.98 29.86 5.60
CA ASN B 381 9.56 30.95 4.77
C ASN B 381 8.53 32.08 4.73
N THR B 382 8.90 33.25 4.20
CA THR B 382 7.95 34.38 4.10
C THR B 382 7.31 34.64 2.72
N VAL B 383 7.79 33.97 1.68
CA VAL B 383 7.26 34.20 0.30
C VAL B 383 6.13 33.18 0.11
N LEU B 384 4.88 33.65 0.04
CA LEU B 384 3.74 32.74 -0.20
C LEU B 384 3.65 32.63 -1.73
N VAL B 385 3.60 31.40 -2.24
CA VAL B 385 3.55 31.20 -3.72
C VAL B 385 2.14 30.77 -4.11
N GLU B 386 1.76 31.00 -5.36
CA GLU B 386 0.45 30.57 -5.84
C GLU B 386 0.40 29.10 -6.23
N GLY B 387 -0.80 28.56 -6.32
CA GLY B 387 -0.98 27.18 -6.72
C GLY B 387 -2.39 26.71 -6.41
N CYS B 388 -2.54 25.40 -6.24
CA CYS B 388 -3.78 24.85 -5.71
C CYS B 388 -3.46 23.76 -4.70
N PHE B 389 -4.17 23.80 -3.57
CA PHE B 389 -3.87 22.99 -2.41
C PHE B 389 -5.11 22.24 -1.96
N CYS B 390 -4.94 21.43 -0.91
CA CYS B 390 -6.06 20.73 -0.33
C CYS B 390 -7.02 21.72 0.33
N PRO B 391 -8.29 21.37 0.46
CA PRO B 391 -9.26 22.30 1.07
C PRO B 391 -8.89 22.65 2.50
N GLU B 392 -9.63 23.62 3.05
CA GLU B 392 -9.32 24.14 4.38
C GLU B 392 -9.48 23.06 5.44
N GLY B 393 -10.53 22.24 5.36
CA GLY B 393 -10.77 21.24 6.38
C GLY B 393 -9.71 20.15 6.41
N THR B 394 -9.30 19.68 5.24
CA THR B 394 -8.38 18.54 5.14
C THR B 394 -6.95 19.03 4.95
N MET B 395 -6.03 18.09 4.77
CA MET B 395 -4.63 18.41 4.52
C MET B 395 -3.98 17.25 3.79
N ASN B 396 -2.85 17.52 3.16
CA ASN B 396 -2.15 16.49 2.41
C ASN B 396 -1.61 15.42 3.36
N TYR B 397 -1.47 14.20 2.82
CA TYR B 397 -1.06 13.07 3.64
C TYR B 397 0.45 13.05 3.84
N ALA B 398 1.20 12.89 2.75
CA ALA B 398 2.65 12.73 2.82
C ALA B 398 3.24 13.11 1.47
N PRO B 399 4.53 13.44 1.42
CA PRO B 399 5.18 13.70 0.13
C PRO B 399 5.08 12.49 -0.78
N GLY B 400 4.89 12.76 -2.07
CA GLY B 400 4.70 11.71 -3.05
C GLY B 400 3.28 11.22 -3.18
N PHE B 401 2.37 11.72 -2.36
CA PHE B 401 0.96 11.34 -2.42
C PHE B 401 0.12 12.55 -2.81
N ASP B 402 -1.16 12.29 -3.11
CA ASP B 402 -2.07 13.36 -3.52
C ASP B 402 -3.36 13.35 -2.72
N VAL B 403 -3.65 12.29 -1.98
CA VAL B 403 -4.89 12.23 -1.22
C VAL B 403 -4.89 13.20 -0.04
N CYS B 404 -5.93 14.02 0.05
CA CYS B 404 -6.11 14.93 1.17
C CYS B 404 -7.04 14.29 2.19
N VAL B 405 -6.64 14.31 3.46
CA VAL B 405 -7.38 13.66 4.52
C VAL B 405 -7.52 14.62 5.70
N LYS B 406 -8.53 14.36 6.52
CA LYS B 406 -8.76 15.16 7.73
C LYS B 406 -7.87 14.69 8.87
N THR B 407 -8.04 13.44 9.29
CA THR B 407 -7.18 12.81 10.29
C THR B 407 -6.51 11.62 9.62
N CYS B 408 -5.21 11.70 9.44
CA CYS B 408 -4.49 10.74 8.61
C CYS B 408 -4.13 9.49 9.40
N GLY B 409 -4.39 8.34 8.79
CA GLY B 409 -3.95 7.06 9.31
C GLY B 409 -2.92 6.44 8.39
N CYS B 410 -3.34 5.50 7.55
CA CYS B 410 -2.48 4.87 6.57
C CYS B 410 -3.02 5.12 5.18
N VAL B 411 -2.12 5.07 4.20
CA VAL B 411 -2.49 5.11 2.78
C VAL B 411 -1.71 4.01 2.08
N GLY B 412 -2.45 3.08 1.46
CA GLY B 412 -1.83 1.98 0.75
C GLY B 412 -1.44 2.37 -0.66
N PRO B 413 -0.97 1.37 -1.42
CA PRO B 413 -0.68 1.63 -2.84
C PRO B 413 -1.90 2.12 -3.61
N ASP B 414 -3.09 1.62 -3.28
CA ASP B 414 -4.32 2.20 -3.79
C ASP B 414 -4.70 3.37 -2.87
N ASN B 415 -4.92 4.54 -3.46
CA ASN B 415 -5.10 5.75 -2.67
C ASN B 415 -6.48 5.72 -2.02
N VAL B 416 -6.56 5.08 -0.85
CA VAL B 416 -7.77 5.05 -0.05
C VAL B 416 -7.42 5.35 1.40
N PRO B 417 -8.01 6.37 2.02
CA PRO B 417 -7.70 6.68 3.41
C PRO B 417 -8.07 5.54 4.34
N ARG B 418 -7.23 5.33 5.35
CA ARG B 418 -7.47 4.29 6.36
C ARG B 418 -7.28 4.91 7.74
N GLU B 419 -8.02 4.39 8.71
CA GLU B 419 -7.94 4.88 10.08
C GLU B 419 -7.06 3.94 10.91
N PHE B 420 -6.58 4.45 12.04
CA PHE B 420 -5.77 3.65 12.94
C PHE B 420 -6.64 2.58 13.60
N GLY B 421 -6.11 1.36 13.69
CA GLY B 421 -6.87 0.26 14.24
C GLY B 421 -8.06 -0.15 13.39
N GLU B 422 -7.90 -0.18 12.07
CA GLU B 422 -8.96 -0.52 11.14
C GLU B 422 -8.59 -1.80 10.40
N HIS B 423 -9.55 -2.70 10.26
CA HIS B 423 -9.35 -3.98 9.58
C HIS B 423 -10.08 -3.95 8.25
N PHE B 424 -9.34 -4.22 7.17
CA PHE B 424 -9.91 -4.19 5.81
C PHE B 424 -9.19 -5.25 4.96
N GLU B 425 -9.93 -6.00 4.14
CA GLU B 425 -9.31 -7.08 3.33
C GLU B 425 -8.74 -6.49 2.05
N PHE B 426 -7.49 -6.03 2.09
CA PHE B 426 -6.83 -5.49 0.86
C PHE B 426 -6.27 -6.67 0.05
N ASP B 427 -6.39 -6.61 -1.28
CA ASP B 427 -5.92 -7.72 -2.12
C ASP B 427 -6.59 -9.00 -1.61
N CYS B 428 -5.88 -10.14 -1.58
CA CYS B 428 -6.37 -11.35 -0.95
C CYS B 428 -5.49 -11.59 0.27
N LYS B 429 -5.79 -10.88 1.36
CA LYS B 429 -5.00 -10.87 2.59
C LYS B 429 -5.83 -10.22 3.68
N ASN B 430 -5.36 -10.35 4.91
CA ASN B 430 -5.93 -9.63 6.04
C ASN B 430 -4.93 -8.55 6.44
N CYS B 431 -5.33 -7.29 6.29
CA CYS B 431 -4.45 -6.17 6.54
C CYS B 431 -5.05 -5.21 7.57
N VAL B 432 -4.17 -4.55 8.29
CA VAL B 432 -4.56 -3.66 9.39
C VAL B 432 -3.70 -2.41 9.35
N CYS B 433 -4.33 -1.26 9.58
CA CYS B 433 -3.63 0.01 9.78
C CYS B 433 -3.52 0.27 11.28
N LEU B 434 -2.28 0.36 11.77
CA LEU B 434 -2.02 0.64 13.17
C LEU B 434 -0.84 1.59 13.27
N GLU B 435 -0.85 2.39 14.34
CA GLU B 435 0.16 3.42 14.50
C GLU B 435 1.54 2.82 14.69
N GLY B 436 2.56 3.49 14.14
CA GLY B 436 3.92 3.02 14.29
C GLY B 436 4.72 3.13 13.02
N GLY B 437 5.41 2.05 12.64
CA GLY B 437 6.23 2.01 11.46
C GLY B 437 5.63 1.09 10.41
N SER B 438 5.90 1.41 9.14
CA SER B 438 5.51 0.60 7.98
C SER B 438 4.01 0.64 7.72
N GLY B 439 3.25 1.27 8.61
CA GLY B 439 1.82 1.44 8.38
C GLY B 439 1.04 0.15 8.24
N ILE B 440 0.62 -0.14 7.01
CA ILE B 440 -0.18 -1.33 6.73
C ILE B 440 0.60 -2.58 7.11
N ILE B 441 -0.05 -3.51 7.80
CA ILE B 441 0.50 -4.83 8.09
C ILE B 441 -0.45 -5.85 7.49
N CYS B 442 0.07 -6.71 6.61
CA CYS B 442 -0.74 -7.68 5.88
C CYS B 442 -0.27 -9.09 6.21
N GLN B 443 -1.22 -10.01 6.32
CA GLN B 443 -0.98 -11.42 6.56
C GLN B 443 -1.80 -12.24 5.59
N PRO B 444 -1.39 -13.49 5.30
CA PRO B 444 -2.12 -14.30 4.30
C PRO B 444 -3.57 -14.53 4.65
N LYS B 445 -4.35 -14.97 3.67
CA LYS B 445 -5.79 -15.13 3.81
C LYS B 445 -6.19 -16.44 4.49
N ARG B 446 -5.53 -17.53 4.07
CA ARG B 446 -5.82 -18.90 4.61
C ARG B 446 -7.32 -19.15 4.71
N CYS B 447 -8.06 -18.79 3.67
CA CYS B 447 -9.50 -19.09 3.66
C CYS B 447 -9.72 -20.59 3.48
N SER B 448 -10.75 -21.13 4.12
CA SER B 448 -10.96 -22.59 4.08
C SER B 448 -12.45 -22.74 3.78
N GLN B 449 -12.85 -23.91 3.28
CA GLN B 449 -14.28 -24.22 3.13
C GLN B 449 -14.38 -25.67 3.52
N LYS B 450 -15.58 -26.11 3.91
CA LYS B 450 -15.80 -27.53 4.32
C LYS B 450 -15.71 -28.41 3.08
N PRO B 451 -14.79 -29.39 3.02
CA PRO B 451 -14.63 -30.19 1.82
C PRO B 451 -15.68 -31.30 1.73
N VAL B 452 -16.58 -31.21 0.75
CA VAL B 452 -17.59 -32.29 0.55
C VAL B 452 -17.33 -32.91 -0.81
N THR B 453 -17.08 -34.22 -0.86
CA THR B 453 -16.74 -34.87 -2.14
C THR B 453 -17.97 -35.54 -2.74
N HIS B 454 -18.88 -36.02 -1.89
CA HIS B 454 -20.04 -36.80 -2.40
C HIS B 454 -20.95 -35.92 -3.26
N CYS B 455 -21.44 -36.43 -4.39
CA CYS B 455 -22.44 -35.68 -5.22
C CYS B 455 -23.64 -36.61 -5.40
N VAL B 456 -24.73 -36.40 -4.67
CA VAL B 456 -25.88 -37.35 -4.69
C VAL B 456 -26.64 -37.52 -6.01
N GLU B 457 -27.03 -36.42 -6.69
CA GLU B 457 -27.86 -36.55 -7.91
C GLU B 457 -26.97 -36.91 -9.11
N ASP B 458 -27.57 -37.48 -10.17
CA ASP B 458 -26.79 -37.89 -11.36
C ASP B 458 -26.13 -36.66 -11.98
N GLY B 459 -26.87 -35.55 -12.06
CA GLY B 459 -26.28 -34.30 -12.59
C GLY B 459 -25.16 -33.82 -11.71
N THR B 460 -25.32 -33.94 -10.39
CA THR B 460 -24.30 -33.42 -9.44
C THR B 460 -22.93 -34.04 -9.73
N TYR B 461 -21.96 -33.22 -10.14
CA TYR B 461 -20.57 -33.70 -10.37
C TYR B 461 -19.60 -32.74 -9.68
N LEU B 462 -18.70 -33.29 -8.85
CA LEU B 462 -17.75 -32.46 -8.06
C LEU B 462 -16.87 -31.61 -8.98
N ALA B 463 -16.93 -30.28 -8.84
CA ALA B 463 -16.08 -29.37 -9.63
C ALA B 463 -15.61 -28.23 -8.74
N THR B 464 -14.29 -28.04 -8.64
CA THR B 464 -13.77 -26.87 -7.88
C THR B 464 -13.86 -25.64 -8.78
N GLU B 465 -14.43 -24.54 -8.30
CA GLU B 465 -14.64 -23.35 -9.18
C GLU B 465 -14.42 -22.06 -8.40
N VAL B 466 -14.34 -20.94 -9.11
CA VAL B 466 -14.19 -19.62 -8.42
C VAL B 466 -15.23 -19.52 -7.32
N ASN B 467 -14.80 -19.15 -6.10
CA ASN B 467 -15.72 -19.09 -4.95
C ASN B 467 -16.35 -17.78 -5.39
N PRO B 468 -17.69 -17.69 -5.55
CA PRO B 468 -18.34 -16.43 -5.90
C PRO B 468 -18.06 -15.33 -4.86
N ALA B 469 -18.32 -15.61 -3.58
CA ALA B 469 -18.14 -14.58 -2.53
C ALA B 469 -16.67 -14.12 -2.52
N ASP B 470 -15.73 -15.05 -2.46
CA ASP B 470 -14.29 -14.69 -2.44
C ASP B 470 -13.59 -15.32 -3.66
N THR B 471 -13.33 -14.51 -4.69
CA THR B 471 -12.64 -15.01 -5.90
C THR B 471 -11.43 -15.85 -5.47
N CYS B 472 -10.84 -15.54 -4.32
CA CYS B 472 -9.62 -16.28 -3.85
C CYS B 472 -9.98 -17.64 -3.25
N CYS B 473 -11.10 -17.77 -2.55
CA CYS B 473 -11.40 -19.06 -1.86
C CYS B 473 -11.48 -20.22 -2.87
N ASN B 474 -12.07 -20.02 -4.04
CA ASN B 474 -11.95 -21.10 -5.06
C ASN B 474 -12.65 -22.38 -4.54
N ILE B 475 -13.81 -22.27 -3.89
CA ILE B 475 -14.47 -23.47 -3.29
C ILE B 475 -14.94 -24.43 -4.39
N THR B 476 -14.83 -25.74 -4.16
CA THR B 476 -15.36 -26.75 -5.12
C THR B 476 -16.87 -26.90 -4.92
N VAL B 477 -17.59 -27.49 -5.88
CA VAL B 477 -19.08 -27.55 -5.77
C VAL B 477 -19.61 -28.77 -6.54
N CYS B 478 -20.75 -29.33 -6.11
CA CYS B 478 -21.37 -30.46 -6.85
C CYS B 478 -22.02 -29.87 -8.09
N LYS B 479 -21.22 -29.66 -9.15
CA LYS B 479 -21.75 -29.00 -10.37
C LYS B 479 -22.89 -29.86 -10.93
N CYS B 480 -23.64 -29.35 -11.91
CA CYS B 480 -24.81 -30.12 -12.40
C CYS B 480 -24.77 -30.27 -13.92
N ASN B 481 -24.58 -31.51 -14.41
CA ASN B 481 -24.64 -31.74 -15.88
C ASN B 481 -25.91 -32.54 -16.21
N THR B 482 -26.82 -31.93 -16.97
CA THR B 482 -28.10 -32.60 -17.29
C THR B 482 -27.80 -33.87 -18.08
N SER B 483 -26.79 -33.82 -18.95
CA SER B 483 -26.42 -34.99 -19.78
C SER B 483 -26.21 -36.22 -18.89
N LEU B 484 -25.64 -36.00 -17.70
CA LEU B 484 -25.46 -37.13 -16.75
C LEU B 484 -26.77 -37.34 -15.99
N CYS B 485 -27.82 -37.78 -16.70
CA CYS B 485 -29.09 -38.12 -15.98
C CYS B 485 -29.16 -39.65 -16.01
N LYS B 486 -28.92 -40.28 -14.85
CA LYS B 486 -28.95 -41.76 -14.78
C LYS B 486 -30.24 -42.57 -14.95
N GLU B 487 -31.32 -42.10 -14.31
CA GLU B 487 -32.65 -42.77 -14.52
C GLU B 487 -33.19 -42.48 -15.92
N LYS B 488 -34.06 -43.34 -16.44
CA LYS B 488 -34.63 -43.13 -17.80
C LYS B 488 -36.14 -42.94 -17.89
N PRO B 489 -36.70 -42.44 -19.02
CA PRO B 489 -38.13 -42.17 -19.11
C PRO B 489 -38.88 -43.48 -18.83
N SER B 490 -39.91 -43.42 -17.98
CA SER B 490 -40.70 -44.63 -17.64
C SER B 490 -41.90 -44.75 -18.58
N VAL B 491 -41.83 -45.67 -19.55
CA VAL B 491 -42.96 -45.89 -20.51
C VAL B 491 -44.20 -46.30 -19.71
N CYS B 492 -45.37 -45.81 -20.13
CA CYS B 492 -46.64 -46.11 -19.43
C CYS B 492 -47.62 -46.73 -20.41
N PRO B 493 -48.79 -47.25 -19.96
CA PRO B 493 -49.80 -47.80 -20.89
C PRO B 493 -50.52 -46.72 -21.70
N LEU B 494 -51.21 -47.12 -22.78
CA LEU B 494 -51.92 -46.14 -23.64
C LEU B 494 -52.84 -45.27 -22.77
N GLY B 495 -53.47 -45.89 -21.76
CA GLY B 495 -54.39 -45.15 -20.89
C GLY B 495 -53.89 -43.93 -20.13
N PHE B 496 -52.69 -44.02 -19.54
CA PHE B 496 -52.17 -42.86 -18.74
C PHE B 496 -51.96 -41.68 -19.68
N GLU B 497 -51.96 -40.46 -19.14
CA GLU B 497 -51.82 -39.25 -20.00
C GLU B 497 -50.43 -38.60 -19.91
N VAL B 498 -49.97 -38.28 -18.69
CA VAL B 498 -48.67 -37.56 -18.53
C VAL B 498 -47.97 -38.03 -17.25
N LYS B 499 -46.75 -38.55 -17.36
CA LYS B 499 -45.96 -38.98 -16.17
C LYS B 499 -45.72 -37.75 -15.29
N SER B 500 -45.80 -36.56 -15.88
CA SER B 500 -45.66 -35.30 -15.09
C SER B 500 -44.22 -35.20 -14.60
N LYS B 501 -43.39 -36.21 -14.90
CA LYS B 501 -41.96 -36.18 -14.49
C LYS B 501 -41.27 -35.02 -15.21
N MET B 502 -41.74 -34.67 -16.41
CA MET B 502 -41.06 -33.61 -17.22
C MET B 502 -40.81 -32.26 -16.53
N VAL B 503 -39.66 -31.64 -16.81
CA VAL B 503 -39.27 -30.37 -16.10
C VAL B 503 -39.50 -30.45 -14.52
N PRO B 504 -38.94 -31.49 -13.87
CA PRO B 504 -39.13 -31.67 -12.43
C PRO B 504 -38.27 -30.60 -11.77
N GLY B 505 -37.27 -30.12 -12.50
CA GLY B 505 -36.37 -29.13 -11.87
C GLY B 505 -35.19 -29.85 -11.24
N ARG B 506 -35.13 -31.17 -11.40
CA ARG B 506 -34.00 -31.97 -10.87
C ARG B 506 -32.79 -31.75 -11.77
N CYS B 507 -31.60 -32.12 -11.31
CA CYS B 507 -30.40 -32.01 -12.18
C CYS B 507 -30.67 -32.81 -13.45
N CYS B 508 -31.29 -33.98 -13.30
CA CYS B 508 -31.69 -34.77 -14.49
C CYS B 508 -33.14 -34.39 -14.81
N PRO B 509 -33.47 -34.06 -16.08
CA PRO B 509 -34.85 -33.75 -16.44
C PRO B 509 -35.71 -35.01 -16.51
N PHE B 510 -36.76 -35.09 -15.69
CA PHE B 510 -37.67 -36.26 -15.71
C PHE B 510 -38.61 -36.17 -16.93
N TYR B 511 -39.27 -37.26 -17.29
CA TYR B 511 -40.05 -37.27 -18.57
C TYR B 511 -41.56 -37.49 -18.38
N TRP B 512 -42.38 -36.68 -19.06
CA TRP B 512 -43.87 -36.82 -19.02
C TRP B 512 -44.32 -38.04 -19.84
N CYS B 513 -45.53 -38.56 -19.58
CA CYS B 513 -46.01 -39.80 -20.26
C CYS B 513 -46.53 -39.53 -21.68
N GLU B 514 -46.01 -40.24 -22.68
CA GLU B 514 -46.42 -40.11 -24.09
C GLU B 514 -47.87 -40.48 -24.38
N SER B 515 -48.58 -41.21 -23.50
CA SER B 515 -49.92 -41.75 -23.90
C SER B 515 -51.09 -40.79 -23.69
N LYS B 516 -52.33 -41.17 -23.96
CA LYS B 516 -53.40 -40.13 -23.82
C LYS B 516 -54.79 -40.73 -23.57
N GLY B 517 -55.76 -39.88 -23.25
CA GLY B 517 -57.10 -40.38 -22.89
C GLY B 517 -58.01 -40.57 -24.09
N VAL B 518 -58.31 -41.82 -24.44
CA VAL B 518 -59.23 -42.16 -25.56
C VAL B 518 -59.76 -43.53 -25.16
N CYS B 519 -60.83 -44.04 -25.78
CA CYS B 519 -61.33 -45.35 -25.26
C CYS B 519 -60.39 -46.43 -25.80
N VAL B 520 -59.15 -46.44 -25.29
CA VAL B 520 -58.11 -47.39 -25.77
C VAL B 520 -58.47 -48.83 -25.43
N HIS B 521 -58.90 -49.11 -24.21
CA HIS B 521 -59.09 -50.54 -23.88
C HIS B 521 -60.45 -50.98 -24.41
N GLY B 522 -60.61 -50.90 -25.74
CA GLY B 522 -61.86 -51.33 -26.37
C GLY B 522 -61.88 -52.84 -26.44
N ASN B 523 -60.85 -53.44 -27.05
CA ASN B 523 -60.87 -54.91 -27.23
C ASN B 523 -59.54 -55.36 -27.81
N ALA B 524 -59.11 -56.59 -27.51
CA ALA B 524 -57.86 -57.13 -28.11
C ALA B 524 -56.67 -56.24 -27.70
N GLU B 525 -55.78 -55.92 -28.64
CA GLU B 525 -54.66 -54.98 -28.29
C GLU B 525 -55.43 -53.67 -28.03
N TYR B 526 -55.57 -53.32 -26.75
CA TYR B 526 -56.45 -52.18 -26.37
C TYR B 526 -55.95 -50.85 -26.91
N GLN B 527 -56.65 -50.34 -27.93
CA GLN B 527 -56.30 -48.98 -28.44
C GLN B 527 -57.55 -48.11 -28.72
N PRO B 528 -57.46 -46.83 -29.19
CA PRO B 528 -58.61 -45.91 -29.22
C PRO B 528 -59.97 -46.28 -29.78
N GLY B 529 -60.03 -46.95 -30.91
CA GLY B 529 -61.34 -47.41 -31.38
C GLY B 529 -61.51 -48.86 -30.97
N SER B 530 -60.62 -49.73 -31.44
CA SER B 530 -60.70 -51.18 -31.13
C SER B 530 -62.16 -51.66 -30.95
N PRO B 531 -63.13 -51.32 -31.82
CA PRO B 531 -64.49 -51.81 -31.66
C PRO B 531 -64.63 -53.11 -32.45
N VAL B 532 -63.76 -54.11 -32.18
CA VAL B 532 -63.79 -55.37 -32.97
C VAL B 532 -65.14 -56.00 -32.69
N TYR B 533 -65.73 -56.71 -33.67
CA TYR B 533 -67.12 -57.20 -33.49
C TYR B 533 -67.11 -58.49 -32.66
N SER B 534 -66.84 -58.35 -31.36
CA SER B 534 -66.87 -59.53 -30.46
C SER B 534 -68.28 -60.11 -30.39
N SER B 535 -69.29 -59.24 -30.33
CA SER B 535 -70.71 -59.70 -30.23
C SER B 535 -71.15 -60.28 -31.57
N LYS B 536 -72.17 -61.16 -31.54
CA LYS B 536 -72.70 -61.67 -32.83
C LYS B 536 -73.22 -60.45 -33.59
N CYS B 537 -73.85 -59.51 -32.89
CA CYS B 537 -74.28 -58.24 -33.54
C CYS B 537 -73.75 -57.07 -32.72
N GLN B 538 -72.42 -56.92 -32.65
CA GLN B 538 -71.76 -55.86 -31.87
C GLN B 538 -71.84 -54.49 -32.54
N ASP B 539 -72.12 -53.45 -31.76
CA ASP B 539 -72.04 -52.07 -32.31
C ASP B 539 -70.79 -51.50 -31.62
N CYS B 540 -70.94 -51.01 -30.39
CA CYS B 540 -69.74 -50.62 -29.61
C CYS B 540 -68.83 -49.69 -30.42
N VAL B 541 -69.37 -48.72 -31.14
CA VAL B 541 -68.45 -47.89 -31.99
C VAL B 541 -67.85 -46.79 -31.11
N CYS B 542 -67.04 -47.18 -30.13
CA CYS B 542 -66.40 -46.19 -29.23
C CYS B 542 -65.47 -45.31 -30.08
N THR B 543 -65.82 -44.03 -30.19
CA THR B 543 -64.99 -43.06 -30.96
C THR B 543 -64.30 -42.09 -29.99
N ASP B 544 -63.64 -42.63 -28.96
CA ASP B 544 -62.94 -41.77 -27.97
C ASP B 544 -63.95 -40.78 -27.38
N LYS B 545 -65.17 -41.24 -27.13
CA LYS B 545 -66.25 -40.37 -26.61
C LYS B 545 -65.87 -39.90 -25.20
N VAL B 546 -65.74 -38.59 -25.00
CA VAL B 546 -65.26 -38.09 -23.68
C VAL B 546 -66.28 -38.44 -22.59
N ASP B 547 -65.80 -39.03 -21.50
CA ASP B 547 -66.68 -39.33 -20.33
C ASP B 547 -65.74 -39.60 -19.14
N ASN B 548 -66.22 -39.50 -17.90
CA ASN B 548 -65.30 -39.72 -16.77
C ASN B 548 -64.80 -41.17 -16.81
N ASN B 549 -63.48 -41.38 -16.93
CA ASN B 549 -62.95 -42.77 -17.05
C ASN B 549 -63.42 -43.24 -18.42
N THR B 550 -64.69 -43.00 -18.75
CA THR B 550 -65.26 -43.42 -20.07
C THR B 550 -64.46 -42.79 -21.23
N LEU B 551 -64.17 -41.50 -21.16
CA LEU B 551 -63.27 -40.96 -22.22
C LEU B 551 -62.10 -41.91 -22.40
N LEU B 552 -61.38 -42.18 -21.30
CA LEU B 552 -60.26 -43.15 -21.34
C LEU B 552 -60.79 -44.53 -21.78
N ASN B 553 -62.06 -44.80 -21.49
CA ASN B 553 -62.57 -46.17 -21.82
C ASN B 553 -64.08 -46.25 -21.99
N VAL B 554 -64.59 -45.65 -23.08
CA VAL B 554 -66.05 -45.67 -23.37
C VAL B 554 -66.36 -46.95 -24.12
N ILE B 555 -66.82 -47.98 -23.40
CA ILE B 555 -67.25 -49.20 -24.14
C ILE B 555 -68.68 -48.91 -24.58
N ALA B 556 -68.82 -48.13 -25.65
CA ALA B 556 -70.19 -47.74 -26.09
C ALA B 556 -70.77 -48.91 -26.88
N CYS B 557 -70.76 -50.09 -26.24
CA CYS B 557 -71.30 -51.32 -26.87
C CYS B 557 -72.81 -51.27 -26.84
N THR B 558 -73.45 -51.34 -28.00
CA THR B 558 -74.93 -51.42 -28.03
C THR B 558 -75.26 -52.59 -28.96
N HIS B 559 -74.78 -53.79 -28.61
CA HIS B 559 -74.98 -54.96 -29.51
C HIS B 559 -76.43 -55.00 -29.97
N VAL B 560 -76.68 -55.56 -31.15
CA VAL B 560 -78.08 -55.73 -31.61
C VAL B 560 -78.20 -57.19 -32.05
N PRO B 561 -78.13 -58.16 -31.12
CA PRO B 561 -78.15 -59.58 -31.46
C PRO B 561 -79.61 -59.98 -31.63
N CYS B 562 -80.51 -59.02 -31.40
CA CYS B 562 -81.97 -59.29 -31.47
C CYS B 562 -82.38 -59.77 -32.85
N ASN B 563 -83.33 -60.69 -32.94
CA ASN B 563 -83.79 -61.27 -34.23
C ASN B 563 -85.28 -60.98 -34.45
N THR B 564 -85.67 -60.53 -35.65
CA THR B 564 -87.09 -60.18 -35.94
C THR B 564 -87.65 -61.12 -37.02
N SER B 565 -88.90 -61.55 -36.86
CA SER B 565 -89.51 -62.56 -37.78
C SER B 565 -89.50 -62.12 -39.24
N CYS B 566 -89.54 -63.10 -40.15
CA CYS B 566 -89.61 -62.82 -41.60
C CYS B 566 -90.94 -63.38 -42.07
N SER B 567 -91.42 -62.96 -43.23
CA SER B 567 -92.68 -63.55 -43.75
C SER B 567 -92.55 -65.08 -43.97
N PRO B 568 -91.49 -65.68 -44.56
CA PRO B 568 -91.32 -67.15 -44.55
C PRO B 568 -90.10 -67.79 -43.87
N GLY B 569 -89.20 -67.01 -43.23
CA GLY B 569 -87.98 -67.59 -42.64
C GLY B 569 -88.32 -68.04 -41.24
N PHE B 570 -88.60 -69.32 -41.05
CA PHE B 570 -89.13 -69.77 -39.73
C PHE B 570 -88.05 -70.31 -38.80
N GLU B 571 -88.37 -70.45 -37.50
CA GLU B 571 -87.38 -70.84 -36.45
C GLU B 571 -86.21 -69.86 -36.47
N LEU B 572 -86.51 -68.57 -36.63
CA LEU B 572 -85.47 -67.53 -36.78
C LEU B 572 -85.12 -66.99 -35.40
N MET B 573 -85.79 -67.48 -34.36
CA MET B 573 -85.46 -67.04 -32.99
C MET B 573 -84.00 -67.39 -32.78
N GLU B 574 -83.16 -66.37 -32.53
CA GLU B 574 -81.72 -66.57 -32.25
C GLU B 574 -81.02 -67.48 -33.27
N ALA B 575 -81.29 -67.32 -34.58
CA ALA B 575 -80.71 -68.21 -35.62
C ALA B 575 -79.30 -67.71 -35.96
N PRO B 576 -78.39 -68.44 -36.66
CA PRO B 576 -77.02 -67.90 -36.88
C PRO B 576 -76.88 -66.51 -37.50
N GLY B 577 -76.12 -65.63 -36.84
CA GLY B 577 -75.87 -64.25 -37.33
C GLY B 577 -77.13 -63.41 -37.33
N GLU B 578 -78.16 -63.82 -36.60
CA GLU B 578 -79.44 -63.08 -36.68
C GLU B 578 -79.38 -61.69 -36.06
N CYS B 579 -80.02 -60.72 -36.71
CA CYS B 579 -80.16 -59.36 -36.15
C CYS B 579 -81.64 -59.11 -36.39
N CYS B 580 -82.19 -58.03 -35.87
CA CYS B 580 -83.66 -57.85 -35.94
C CYS B 580 -83.98 -57.76 -37.43
N LYS B 581 -84.99 -58.51 -37.88
CA LYS B 581 -85.32 -58.51 -39.32
C LYS B 581 -86.87 -58.45 -39.54
N LYS B 582 -87.36 -57.23 -39.81
CA LYS B 582 -88.80 -56.93 -39.99
C LYS B 582 -89.18 -57.36 -41.43
N CYS B 583 -88.20 -57.44 -42.34
CA CYS B 583 -88.34 -57.91 -43.76
C CYS B 583 -89.76 -57.71 -44.32
C1 NAG C . -19.54 -5.75 -12.96
C2 NAG C . -20.90 -5.72 -12.29
C3 NAG C . -21.10 -4.40 -11.58
C4 NAG C . -19.97 -4.26 -10.58
C5 NAG C . -18.63 -4.31 -11.29
C6 NAG C . -17.50 -4.21 -10.27
C7 NAG C . -22.29 -7.16 -13.68
C8 NAG C . -23.33 -7.23 -14.75
N2 NAG C . -21.95 -5.94 -13.28
O3 NAG C . -22.37 -4.39 -10.93
O4 NAG C . -20.12 -3.06 -9.80
O5 NAG C . -18.54 -5.55 -11.97
O6 NAG C . -17.88 -5.00 -9.14
O7 NAG C . -21.78 -8.16 -13.22
C1 NAG C . -20.43 -3.55 -8.49
C2 NAG C . -19.66 -2.92 -7.34
C3 NAG C . -19.80 -3.80 -6.12
C4 NAG C . -21.28 -4.01 -5.84
C5 NAG C . -21.98 -4.60 -7.06
C6 NAG C . -23.47 -4.77 -6.80
C7 NAG C . -17.84 -1.60 -8.24
C8 NAG C . -16.83 -0.81 -7.46
N2 NAG C . -18.26 -2.72 -7.66
O3 NAG C . -19.13 -3.20 -5.02
O4 NAG C . -21.44 -4.89 -4.73
O5 NAG C . -21.81 -3.74 -8.18
O6 NAG C . -24.06 -3.48 -6.68
O7 NAG C . -18.26 -1.23 -9.33
C1 BMA C . -21.81 -4.09 -3.60
C2 BMA C . -22.31 -4.95 -2.45
C3 BMA C . -22.81 -4.01 -1.37
C4 BMA C . -21.63 -3.16 -0.92
C5 BMA C . -21.17 -2.36 -2.13
C6 BMA C . -20.04 -1.39 -1.82
O2 BMA C . -21.26 -5.78 -1.96
O3 BMA C . -23.40 -4.71 -0.28
O4 BMA C . -22.01 -2.29 0.16
O5 BMA C . -20.74 -3.29 -3.13
O6 BMA C . -19.75 -0.65 -3.01
C1 MAN C . -24.58 -3.96 0.06
C2 MAN C . -24.60 -3.68 1.55
C3 MAN C . -24.88 -4.96 2.31
C4 MAN C . -26.17 -5.57 1.80
C5 MAN C . -26.09 -5.79 0.30
C6 MAN C . -27.41 -6.35 -0.24
O2 MAN C . -25.63 -2.72 1.83
O3 MAN C . -24.99 -4.69 3.70
O4 MAN C . -26.41 -6.83 2.45
O5 MAN C . -25.80 -4.56 -0.36
O6 MAN C . -27.30 -6.54 -1.65
C1 NAG C . -25.57 -1.66 0.87
C2 NAG C . -26.62 -0.62 1.22
C3 NAG C . -26.60 0.51 0.20
C4 NAG C . -25.21 1.10 0.15
C5 NAG C . -24.20 -0.01 -0.17
C6 NAG C . -22.78 0.53 -0.27
C7 NAG C . -28.37 -1.85 2.35
C8 NAG C . -28.86 -3.25 2.14
N2 NAG C . -27.93 -1.22 1.26
O3 NAG C . -27.55 1.51 0.55
O4 NAG C . -25.19 2.08 -0.89
O5 NAG C . -24.28 -1.05 0.81
O6 NAG C . -22.34 0.96 1.02
O7 NAG C . -28.37 -1.32 3.44
C1 GAL C . -24.58 3.29 -0.40
C2 GAL C . -23.77 3.90 -1.54
C3 GAL C . -23.06 5.15 -1.06
C4 GAL C . -24.11 6.10 -0.53
C5 GAL C . -24.91 5.42 0.59
C6 GAL C . -25.99 6.35 1.12
O2 GAL C . -22.81 2.95 -2.02
O3 GAL C . -22.35 5.75 -2.14
O4 GAL C . -25.00 6.50 -1.58
O5 GAL C . -25.53 4.23 0.08
O6 GAL C . -25.37 7.55 1.62
C1 MAN C . -20.99 -0.14 -3.54
C2 MAN C . -21.11 -0.50 -5.03
C3 MAN C . -20.06 0.29 -5.81
C4 MAN C . -20.24 1.76 -5.53
C5 MAN C . -20.15 2.04 -4.04
C6 MAN C . -20.36 3.51 -3.75
O2 MAN C . -22.42 -0.19 -5.51
O3 MAN C . -20.24 0.04 -7.20
O4 MAN C . -19.22 2.50 -6.21
O5 MAN C . -21.13 1.26 -3.34
O6 MAN C . -20.26 3.74 -2.34
C1 NAG C . -23.37 -0.55 -4.49
C2 NAG C . -24.48 0.49 -4.39
C3 NAG C . -25.37 0.14 -3.21
C4 NAG C . -25.89 -1.27 -3.38
C5 NAG C . -24.74 -2.23 -3.52
C6 NAG C . -25.27 -3.66 -3.67
C7 NAG C . -23.60 2.57 -5.27
C8 NAG C . -23.64 4.06 -5.03
N2 NAG C . -23.93 1.81 -4.22
O3 NAG C . -26.46 1.07 -3.15
O4 NAG C . -26.59 -1.65 -2.20
O5 NAG C . -23.91 -1.87 -4.63
O6 NAG C . -25.99 -3.77 -4.89
O7 NAG C . -23.30 2.09 -6.35
C1 GAL C . -28.02 -1.62 -2.39
C2 GAL C . -28.62 -2.75 -1.57
C3 GAL C . -30.14 -2.72 -1.69
C4 GAL C . -30.64 -1.35 -1.26
C5 GAL C . -29.97 -0.27 -2.09
C6 GAL C . -30.40 1.12 -1.62
O2 GAL C . -28.12 -4.00 -2.05
O3 GAL C . -30.70 -3.73 -0.85
O4 GAL C . -30.36 -1.14 0.12
O5 GAL C . -28.55 -0.36 -1.96
O6 GAL C . -29.74 2.10 -2.41
C1 FUC C . -17.11 -6.20 -9.03
C2 FUC C . -17.20 -6.63 -7.57
C3 FUC C . -18.65 -6.93 -7.23
C4 FUC C . -19.16 -8.01 -8.16
C5 FUC C . -19.00 -7.54 -9.61
C6 FUC C . -19.48 -8.61 -10.59
O2 FUC C . -16.72 -5.58 -6.73
O3 FUC C . -18.75 -7.37 -5.88
O4 FUC C . -18.41 -9.21 -7.96
O5 FUC C . -17.62 -7.25 -9.87
C1 NAG D . 20.03 14.55 49.21
C2 NAG D . 20.77 15.71 49.86
C3 NAG D . 20.25 15.96 51.25
C4 NAG D . 18.74 16.07 51.28
C5 NAG D . 18.08 14.90 50.58
C6 NAG D . 16.59 15.16 50.41
C7 NAG D . 23.02 15.61 48.90
C8 NAG D . 24.46 15.77 49.26
N2 NAG D . 22.18 15.42 49.93
O3 NAG D . 20.77 17.21 51.69
O4 NAG D . 18.36 15.93 52.65
O5 NAG D . 18.62 14.69 49.27
O6 NAG D . 16.02 15.61 51.64
O7 NAG D . 22.63 15.64 47.75
C1 NAG D . 18.22 17.19 53.33
C2 NAG D . 18.72 17.05 54.75
C3 NAG D . 18.28 18.27 55.53
C4 NAG D . 18.87 19.50 54.84
C5 NAG D . 18.37 19.52 53.40
C6 NAG D . 18.87 20.75 52.66
C7 NAG D . 18.80 14.69 55.23
C8 NAG D . 17.92 13.48 55.29
N2 NAG D . 18.18 15.86 55.37
O3 NAG D . 18.74 18.12 56.87
O4 NAG D . 18.43 20.70 55.47
O5 NAG D . 18.77 18.35 52.70
O6 NAG D . 20.29 20.63 52.48
O7 NAG D . 20.01 14.61 55.05
C1 BMA D . 19.19 20.94 56.67
C2 BMA D . 19.25 22.44 56.90
C3 BMA D . 20.08 22.71 58.14
C4 BMA D . 19.36 22.06 59.30
C5 BMA D . 19.31 20.57 58.99
C6 BMA D . 18.82 19.70 60.15
O2 BMA D . 17.95 22.99 57.09
O3 BMA D . 20.21 24.11 58.37
O4 BMA D . 20.06 22.29 60.52
O5 BMA D . 18.53 20.36 57.80
O6 BMA D . 19.06 18.32 59.81
C1 MAN D . 21.41 24.56 57.72
C2 MAN D . 21.60 26.01 58.12
C3 MAN D . 20.48 26.85 57.56
C4 MAN D . 20.38 26.67 56.05
C5 MAN D . 20.25 25.20 55.72
C6 MAN D . 20.27 24.96 54.22
O2 MAN D . 22.87 26.42 57.62
O3 MAN D . 20.71 28.23 57.85
O4 MAN D . 19.22 27.34 55.59
O5 MAN D . 21.31 24.45 56.31
O6 MAN D . 20.10 23.56 53.96
C1 NAG D . 24.04 25.86 58.29
C2 NAG D . 24.93 24.99 57.41
C3 NAG D . 25.61 23.99 58.32
C4 NAG D . 26.34 24.76 59.40
C5 NAG D . 25.36 25.63 60.18
C6 NAG D . 26.10 26.39 61.27
C7 NAG D . 23.99 24.90 55.19
C8 NAG D . 24.32 24.06 53.99
N2 NAG D . 24.20 24.32 56.37
O3 NAG D . 26.51 23.18 57.55
O4 NAG D . 26.95 23.85 60.31
O5 NAG D . 24.73 26.57 59.30
O6 NAG D . 27.12 27.21 60.67
O7 NAG D . 23.56 26.04 55.08
C1 GAL D . 28.38 23.88 60.12
C2 GAL D . 28.98 22.70 60.86
C3 GAL D . 30.49 22.67 60.66
C4 GAL D . 30.77 22.62 59.18
C5 GAL D . 30.11 23.80 58.47
C6 GAL D . 30.34 23.73 56.97
O2 GAL D . 28.69 22.82 62.26
O3 GAL D . 31.03 21.52 61.30
O4 GAL D . 30.26 21.40 58.63
O5 GAL D . 28.71 23.80 58.73
O6 GAL D . 31.74 23.68 56.70
C1 NAG D . 18.07 26.59 56.05
C2 NAG D . 17.09 27.42 56.85
C3 NAG D . 16.01 26.51 57.43
C4 NAG D . 15.36 25.70 56.32
C5 NAG D . 16.41 24.93 55.54
C6 NAG D . 15.81 24.21 54.33
C7 NAG D . 17.20 28.62 58.99
C8 NAG D . 17.49 27.85 60.24
N2 NAG D . 17.79 28.16 57.88
O3 NAG D . 14.99 27.27 58.08
O4 NAG D . 14.42 24.79 56.93
O5 NAG D . 17.40 25.83 55.05
O6 NAG D . 14.72 23.38 54.72
O7 NAG D . 16.49 29.62 58.97
C1 GAL D . 15.12 23.77 57.67
C2 GAL D . 14.68 23.76 59.14
C3 GAL D . 15.46 22.69 59.90
C4 GAL D . 15.23 21.35 59.23
C5 GAL D . 15.65 21.44 57.78
C6 GAL D . 15.42 20.11 57.07
O2 GAL D . 14.91 25.04 59.75
O3 GAL D . 15.02 22.65 61.26
O4 GAL D . 13.85 20.98 59.33
O5 GAL D . 14.92 22.47 57.12
O6 GAL D . 16.15 19.09 57.75
C1 MAN D . 20.35 17.84 60.25
C2 MAN D . 21.47 18.67 59.63
C3 MAN D . 21.52 18.44 58.12
C4 MAN D . 21.65 16.97 57.79
C5 MAN D . 20.53 16.22 58.49
C6 MAN D . 20.69 14.72 58.25
O2 MAN D . 22.73 18.35 60.24
O3 MAN D . 22.63 19.19 57.62
O4 MAN D . 21.44 16.72 56.40
O5 MAN D . 20.51 16.47 59.89
O6 MAN D . 21.94 14.29 58.81
C1 NAG D . 23.11 19.49 61.03
C2 NAG D . 23.06 20.74 60.15
C3 NAG D . 23.35 21.99 60.96
C4 NAG D . 22.38 22.06 62.13
C5 NAG D . 22.47 20.78 62.95
C6 NAG D . 21.45 20.79 64.09
C7 NAG D . 25.17 20.01 59.20
C8 NAG D . 26.27 20.75 59.89
N2 NAG D . 24.01 20.65 59.07
O3 NAG D . 23.20 23.12 60.11
O4 NAG D . 22.69 23.21 62.93
O5 NAG D . 22.20 19.65 62.12
O6 NAG D . 21.64 19.64 64.91
O7 NAG D . 25.33 18.87 58.77
C1 GAL D . 21.55 24.10 62.94
C2 GAL D . 21.61 25.09 61.80
C3 GAL D . 20.46 26.08 61.93
C4 GAL D . 19.15 25.31 61.93
C5 GAL D . 19.19 24.28 63.07
C6 GAL D . 17.91 23.44 63.11
O2 GAL D . 22.86 25.80 61.82
O3 GAL D . 20.48 27.00 60.83
O4 GAL D . 18.96 24.66 60.67
O5 GAL D . 20.30 23.41 62.92
O6 GAL D . 17.82 22.65 61.93
C1 NAG D . 22.39 17.36 55.52
C2 NAG D . 22.30 16.70 54.15
C3 NAG D . 23.30 17.36 53.22
C4 NAG D . 22.98 18.84 53.13
C5 NAG D . 23.07 19.42 54.53
C6 NAG D . 22.83 20.94 54.59
C7 NAG D . 22.99 14.48 53.36
C8 NAG D . 24.39 14.00 53.55
N2 NAG D . 22.52 15.28 54.31
O3 NAG D . 23.26 16.79 51.90
O4 NAG D . 23.89 19.48 52.24
O5 NAG D . 22.11 18.76 55.37
O6 NAG D . 21.45 21.25 54.44
O7 NAG D . 22.31 14.15 52.40
C1 GAL D . 23.20 19.87 51.03
C2 GAL D . 24.04 19.55 49.81
C3 GAL D . 23.37 20.09 48.56
C4 GAL D . 21.96 19.52 48.47
C5 GAL D . 21.19 19.83 49.74
C6 GAL D . 19.79 19.24 49.67
O2 GAL D . 25.34 20.13 49.95
O3 GAL D . 24.12 19.73 47.41
O4 GAL D . 22.01 18.10 48.28
O5 GAL D . 21.88 19.33 50.89
O6 GAL D . 19.10 19.74 48.52
C1 FUC D . 14.82 16.34 51.34
C2 FUC D . 14.17 16.84 52.63
C3 FUC D . 15.05 17.92 53.25
C4 FUC D . 15.26 19.02 52.24
C5 FUC D . 15.87 18.44 50.97
C6 FUC D . 16.07 19.54 49.92
O2 FUC D . 14.00 15.75 53.54
O3 FUC D . 14.41 18.43 54.43
O4 FUC D . 14.00 19.63 51.93
O5 FUC D . 15.03 17.42 50.44
C1 NAG E . -64.89 -41.40 -12.39
C2 NAG E . -65.16 -40.69 -11.08
C3 NAG E . -64.27 -41.28 -10.00
C4 NAG E . -64.55 -42.77 -9.93
C5 NAG E . -64.31 -43.41 -11.28
C6 NAG E . -64.66 -44.89 -11.28
C7 NAG E . -65.87 -38.44 -11.59
C8 NAG E . -65.43 -37.06 -11.97
N2 NAG E . -64.91 -39.27 -11.20
O3 NAG E . -64.56 -40.64 -8.75
O4 NAG E . -63.75 -43.39 -8.91
O5 NAG E . -65.14 -42.79 -12.25
O6 NAG E . -65.60 -45.11 -10.22
O7 NAG E . -67.04 -38.80 -11.67
C1 NAG E . -64.65 -43.62 -7.82
C2 NAG E . -64.40 -44.94 -7.12
C3 NAG E . -65.52 -45.20 -6.14
C4 NAG E . -65.62 -44.01 -5.19
C5 NAG E . -65.83 -42.72 -5.98
C6 NAG E . -65.87 -41.52 -5.05
C7 NAG E . -63.23 -46.38 -8.68
C8 NAG E . -63.26 -47.71 -9.37
N2 NAG E . -64.35 -46.03 -8.06
O3 NAG E . -65.25 -46.39 -5.41
O4 NAG E . -66.70 -44.22 -4.29
O5 NAG E . -64.76 -42.54 -6.91
O6 NAG E . -64.64 -41.44 -4.34
O7 NAG E . -62.23 -45.67 -8.70
C1 BMA E . -66.19 -44.17 -2.94
C2 BMA E . -66.47 -45.49 -2.23
C3 BMA E . -65.96 -45.39 -0.80
C4 BMA E . -64.48 -45.04 -0.81
C5 BMA E . -64.28 -43.74 -1.58
C6 BMA E . -62.79 -43.39 -1.69
O2 BMA E . -65.81 -46.56 -2.90
O3 BMA E . -66.15 -46.65 -0.14
O4 BMA E . -64.00 -44.89 0.52
O5 BMA E . -64.80 -43.87 -2.90
O6 BMA E . -62.64 -42.22 -2.48
C1 FUC E . -66.89 -45.48 -10.71
C2 FUC E . -67.70 -45.94 -9.51
C3 FUC E . -67.94 -44.76 -8.57
C4 FUC E . -68.63 -43.65 -9.33
C5 FUC E . -67.80 -43.27 -10.55
C6 FUC E . -68.49 -42.19 -11.36
O2 FUC E . -66.97 -46.95 -8.82
O3 FUC E . -68.74 -45.18 -7.47
O4 FUC E . -69.92 -44.10 -9.76
O5 FUC E . -67.58 -44.42 -11.38
C1 NAG F . -20.64 -33.28 -17.00
C2 NAG F . -21.00 -33.54 -18.49
C3 NAG F . -19.95 -33.06 -19.46
C4 NAG F . -19.62 -31.60 -19.20
C5 NAG F . -19.29 -31.39 -17.73
C6 NAG F . -19.09 -29.89 -17.53
C7 NAG F . -22.41 -35.51 -18.62
C8 NAG F . -22.54 -36.89 -19.19
N2 NAG F . -21.20 -34.96 -18.72
O3 NAG F . -20.48 -33.19 -20.77
O4 NAG F . -18.47 -31.24 -19.96
O5 NAG F . -20.31 -31.88 -16.85
O6 NAG F . -18.34 -29.71 -16.33
O7 NAG F . -23.35 -34.92 -18.13
C1 NAG F . -18.82 -30.44 -21.12
C2 NAG F . -17.56 -30.35 -21.98
C3 NAG F . -17.85 -29.60 -23.26
C4 NAG F . -18.97 -30.30 -24.01
C5 NAG F . -20.20 -30.39 -23.09
C6 NAG F . -21.37 -31.12 -23.73
C7 NAG F . -15.69 -30.39 -20.45
C8 NAG F . -14.56 -29.62 -19.85
N2 NAG F . -16.50 -29.70 -21.24
O3 NAG F . -16.66 -29.56 -24.07
O4 NAG F . -19.27 -29.58 -25.23
O5 NAG F . -19.85 -31.07 -21.89
O6 NAG F . -21.11 -32.53 -23.71
O7 NAG F . -15.86 -31.58 -20.23
C1 BMA F . -19.25 -30.49 -26.36
C2 BMA F . -17.91 -30.46 -27.08
C3 BMA F . -17.92 -31.41 -28.27
C4 BMA F . -18.30 -32.80 -27.79
C5 BMA F . -19.62 -32.74 -27.06
C6 BMA F . -20.00 -34.10 -26.49
O2 BMA F . -16.86 -30.86 -26.20
O3 BMA F . -16.62 -31.43 -28.88
O4 BMA F . -18.43 -33.71 -28.89
O5 BMA F . -19.57 -31.82 -25.98
O6 BMA F . -19.71 -34.07 -25.09
C1 MAN F . -16.74 -31.83 -30.25
C2 MAN F . -15.37 -32.22 -30.79
C3 MAN F . -14.49 -30.98 -30.89
C4 MAN F . -15.19 -29.95 -31.75
C5 MAN F . -16.57 -29.63 -31.18
C6 MAN F . -17.32 -28.64 -32.06
O2 MAN F . -15.51 -32.84 -32.07
O3 MAN F . -13.22 -31.32 -31.47
O4 MAN F . -14.39 -28.75 -31.79
O5 MAN F . -17.34 -30.83 -31.08
O6 MAN F . -16.59 -27.40 -32.12
C1 NAG F . -15.32 -34.26 -31.90
C2 NAG F . -13.93 -34.47 -31.29
C3 NAG F . -13.69 -35.95 -31.05
C4 NAG F . -14.79 -36.43 -30.12
C5 NAG F . -16.16 -36.19 -30.75
C6 NAG F . -17.28 -36.66 -29.83
C7 NAG F . -13.06 -33.82 -33.48
C8 NAG F . -12.62 -35.02 -34.27
N2 NAG F . -12.90 -33.92 -32.16
O3 NAG F . -12.41 -36.15 -30.44
O4 NAG F . -14.62 -37.81 -29.72
O5 NAG F . -16.30 -34.79 -30.99
O6 NAG F . -17.18 -35.95 -28.59
O7 NAG F . -13.52 -32.83 -33.99
C1 GAL F . -14.40 -37.93 -28.28
C2 GAL F . -13.01 -38.49 -28.00
C3 GAL F . -12.84 -38.71 -26.51
C4 GAL F . -13.10 -37.40 -25.79
C5 GAL F . -14.48 -36.89 -26.15
C6 GAL F . -14.75 -35.55 -25.47
O2 GAL F . -12.82 -39.71 -28.71
O3 GAL F . -11.52 -39.17 -26.24
O4 GAL F . -12.12 -36.43 -26.19
O5 GAL F . -14.60 -36.72 -27.56
O6 GAL F . -14.80 -35.76 -24.04
C1 MAN F . -18.61 -34.95 -24.81
C2 MAN F . -18.97 -35.86 -23.65
C3 MAN F . -18.96 -35.07 -22.36
C4 MAN F . -17.61 -34.39 -22.19
C5 MAN F . -17.30 -33.52 -23.41
C6 MAN F . -15.92 -32.89 -23.28
O2 MAN F . -18.04 -36.95 -23.56
O3 MAN F . -19.20 -35.93 -21.25
O4 MAN F . -17.62 -33.57 -21.02
O5 MAN F . -17.35 -34.31 -24.60
O6 MAN F . -15.67 -32.06 -24.42
C1 NAG F . -17.85 -37.51 -24.88
C2 NAG F . -17.11 -38.84 -24.80
C3 NAG F . -16.80 -39.32 -26.22
C4 NAG F . -18.10 -39.41 -27.00
C5 NAG F . -18.80 -38.07 -26.98
C6 NAG F . -20.13 -38.14 -27.72
C7 NAG F . -15.87 -38.69 -22.72
C8 NAG F . -14.54 -38.39 -22.08
N2 NAG F . -15.88 -38.69 -24.04
O3 NAG F . -16.17 -40.60 -26.15
O4 NAG F . -17.79 -39.76 -28.34
O5 NAG F . -19.05 -37.65 -25.64
O6 NAG F . -20.99 -39.07 -27.05
O7 NAG F . -16.87 -38.92 -22.06
C1 GAL F . -18.44 -40.98 -28.68
C2 GAL F . -19.18 -40.80 -30.00
C3 GAL F . -18.23 -40.78 -31.18
C4 GAL F . -17.30 -41.99 -31.13
C5 GAL F . -16.61 -42.15 -29.78
C6 GAL F . -15.53 -41.10 -29.56
O2 GAL F . -20.11 -41.88 -30.15
O3 GAL F . -17.47 -39.57 -31.17
O4 GAL F . -16.30 -41.84 -32.15
O5 GAL F . -17.56 -42.12 -28.70
O6 GAL F . -14.87 -41.32 -28.31
C1 FUC F . -16.96 -29.38 -16.63
C2 FUC F . -16.25 -28.96 -15.35
C3 FUC F . -16.05 -30.17 -14.45
C4 FUC F . -15.28 -31.23 -15.22
C5 FUC F . -16.02 -31.58 -16.50
C6 FUC F . -15.25 -32.60 -17.31
O2 FUC F . -17.04 -27.98 -14.66
O3 FUC F . -15.30 -29.78 -13.29
O4 FUC F . -13.97 -30.74 -15.54
O5 FUC F . -16.22 -30.40 -17.30
C1 NAG G . 32.51 -22.80 17.94
C2 NAG G . 32.16 -24.21 17.51
C3 NAG G . 33.38 -24.86 16.87
C4 NAG G . 33.86 -23.98 15.72
C5 NAG G . 34.16 -22.58 16.22
C6 NAG G . 34.54 -21.65 15.08
C7 NAG G . 30.42 -25.13 18.92
C8 NAG G . 30.05 -26.33 19.74
N2 NAG G . 31.71 -25.01 18.62
O3 NAG G . 33.03 -26.16 16.39
O4 NAG G . 35.03 -24.54 15.12
O5 NAG G . 32.99 -22.05 16.83
O6 NAG G . 34.14 -22.24 13.84
O7 NAG G . 29.58 -24.32 18.53
C1 NAG G . 34.65 -25.12 13.86
C2 NAG G . 35.79 -25.11 12.85
C3 NAG G . 35.26 -25.55 11.51
C4 NAG G . 34.65 -26.93 11.67
C5 NAG G . 33.55 -26.89 12.73
C6 NAG G . 32.91 -28.26 12.95
C7 NAG G . 37.29 -23.36 13.60
C8 NAG G . 37.73 -21.93 13.44
N2 NAG G . 36.35 -23.77 12.76
O3 NAG G . 36.34 -25.59 10.56
O4 NAG G . 34.12 -27.41 10.43
O5 NAG G . 34.08 -26.43 13.96
O6 NAG G . 33.90 -29.15 13.47
O7 NAG G . 37.78 -24.10 14.44
C1 BMA G . 34.73 -28.69 10.16
C2 BMA G . 35.57 -28.61 8.89
C3 BMA G . 36.36 -29.88 8.66
C4 BMA G . 37.16 -30.24 9.90
C5 BMA G . 36.27 -30.28 11.12
C6 BMA G . 37.13 -30.40 12.37
O2 BMA G . 36.50 -27.52 9.02
O3 BMA G . 37.22 -29.65 7.52
O4 BMA G . 37.77 -31.54 9.80
O5 BMA G . 35.55 -29.07 11.27
O6 BMA G . 37.91 -29.20 12.42
C1 MAN G . 37.76 -30.89 7.08
C2 MAN G . 38.96 -30.70 6.16
C3 MAN G . 38.50 -30.31 4.77
C4 MAN G . 37.48 -31.31 4.26
C5 MAN G . 36.33 -31.48 5.26
C6 MAN G . 35.37 -32.57 4.79
O2 MAN G . 39.71 -31.91 6.14
O3 MAN G . 39.62 -30.28 3.88
O4 MAN G . 36.95 -30.87 3.00
O5 MAN G . 36.82 -31.82 6.55
O6 MAN G . 34.31 -32.69 5.74
C1 NAG G . 39.87 -32.30 7.51
C2 NAG G . 39.64 -33.79 7.72
C3 NAG G . 39.66 -34.09 9.20
C4 NAG G . 40.98 -33.61 9.78
C5 NAG G . 41.17 -32.13 9.50
C6 NAG G . 42.52 -31.65 10.02
C7 NAG G . 38.24 -34.57 5.90
C8 NAG G . 37.15 -35.57 5.62
N2 NAG G . 38.36 -34.19 7.17
O3 NAG G . 39.52 -35.51 9.42
O4 NAG G . 41.02 -33.82 11.19
O5 NAG G . 41.11 -31.89 8.09
O6 NAG G . 43.57 -32.37 9.38
O7 NAG G . 38.95 -34.14 5.00
C1 GAL G . 41.82 -34.99 11.46
C2 GAL G . 42.77 -34.70 12.61
C3 GAL G . 43.62 -35.92 12.89
C4 GAL G . 42.70 -37.10 13.17
C5 GAL G . 41.76 -37.31 11.99
C6 GAL G . 40.80 -38.46 12.28
O2 GAL G . 43.61 -33.59 12.28
O3 GAL G . 44.46 -35.67 14.03
O4 GAL G . 41.95 -36.86 14.37
O5 GAL G . 41.01 -36.12 11.76
O6 GAL G . 39.92 -38.62 11.15
C1 MAN G . 38.50 -29.05 13.72
C2 MAN G . 39.22 -27.71 13.73
C3 MAN G . 40.33 -27.72 12.69
C4 MAN G . 41.26 -28.88 12.99
C5 MAN G . 40.47 -30.19 13.00
C6 MAN G . 41.36 -31.37 13.33
O2 MAN G . 39.79 -27.49 15.03
O3 MAN G . 41.05 -26.49 12.74
O4 MAN G . 42.28 -28.95 11.99
O5 MAN G . 39.42 -30.11 13.97
O6 MAN G . 40.56 -32.54 13.41
C1 NAG G . 38.73 -27.48 15.99
C2 NAG G . 39.18 -28.26 17.22
C3 NAG G . 38.07 -28.26 18.26
C4 NAG G . 37.71 -26.81 18.59
C5 NAG G . 37.31 -26.08 17.31
C6 NAG G . 36.97 -24.64 17.62
C7 NAG G . 40.78 -29.97 16.60
C8 NAG G . 41.12 -31.40 16.85
N2 NAG G . 39.53 -29.62 16.87
O3 NAG G . 38.52 -28.95 19.43
O4 NAG G . 36.65 -26.77 19.54
O5 NAG G . 38.37 -26.15 16.36
O6 NAG G . 38.14 -23.97 18.10
O7 NAG G . 41.59 -29.17 16.15
C1 GAL G . 37.25 -26.44 20.81
C2 GAL G . 36.28 -25.68 21.70
C3 GAL G . 36.96 -25.30 23.00
C4 GAL G . 37.51 -26.56 23.66
C5 GAL G . 38.45 -27.29 22.69
C6 GAL G . 38.98 -28.58 23.30
O2 GAL G . 35.81 -24.52 21.03
O3 GAL G . 36.04 -24.67 23.88
O4 GAL G . 36.43 -27.43 24.01
O5 GAL G . 37.76 -27.59 21.49
O6 GAL G . 39.83 -29.23 22.36
C1 FUC G . 33.11 -21.47 13.19
C2 FUC G . 33.00 -21.98 11.77
C3 FUC G . 32.54 -23.42 11.77
C4 FUC G . 31.22 -23.52 12.51
C5 FUC G . 31.39 -22.96 13.92
C6 FUC G . 30.10 -23.03 14.73
O2 FUC G . 34.27 -21.88 11.13
O3 FUC G . 32.39 -23.89 10.43
O4 FUC G . 30.22 -22.76 11.80
O5 FUC G . 31.85 -21.60 13.85
C1 NAG H . 25.79 46.98 -8.31
C2 NAG H . 26.57 47.36 -7.06
C3 NAG H . 26.09 48.71 -6.54
C4 NAG H . 26.25 49.72 -7.65
C5 NAG H . 25.50 49.26 -8.89
C6 NAG H . 25.69 50.21 -10.05
C7 NAG H . 27.23 45.32 -6.01
C8 NAG H . 26.60 43.97 -5.88
N2 NAG H . 26.39 46.35 -6.05
O3 NAG H . 26.86 49.10 -5.40
O4 NAG H . 25.72 50.97 -7.21
O5 NAG H . 25.96 47.98 -9.30
O6 NAG H . 24.82 49.83 -11.12
O7 NAG H . 28.44 45.48 -6.05
C1 NAG H . 26.73 51.97 -7.30
C2 NAG H . 26.20 53.31 -7.73
C3 NAG H . 27.38 54.13 -8.21
C4 NAG H . 28.35 54.26 -7.05
C5 NAG H . 28.77 52.86 -6.63
C6 NAG H . 29.74 52.92 -5.46
C7 NAG H . 23.90 53.16 -8.26
C8 NAG H . 22.99 52.11 -8.82
N2 NAG H . 25.14 53.19 -8.72
O3 NAG H . 26.94 55.41 -8.67
O4 NAG H . 29.49 55.00 -7.49
O5 NAG H . 27.64 52.11 -6.21
O6 NAG H . 30.02 51.60 -5.01
O7 NAG H . 23.51 53.95 -7.41
C1 BMA H . 29.69 56.18 -6.70
C2 BMA H . 29.12 57.41 -7.40
C3 BMA H . 29.57 58.62 -6.62
C4 BMA H . 29.04 58.46 -5.21
C5 BMA H . 29.62 57.20 -4.59
C6 BMA H . 29.23 57.09 -3.12
O2 BMA H . 27.71 57.39 -7.46
O3 BMA H . 29.08 59.82 -7.22
O4 BMA H . 29.35 59.58 -4.37
O5 BMA H . 29.18 56.08 -5.37
O6 BMA H . 27.84 57.36 -2.96
C1 MAN H . 30.19 60.71 -7.15
C2 MAN H . 29.96 61.89 -6.22
C3 MAN H . 29.26 63.01 -6.96
C4 MAN H . 29.98 63.33 -8.26
C5 MAN H . 30.20 62.09 -9.11
C6 MAN H . 31.04 62.43 -10.33
O2 MAN H . 31.24 62.30 -5.74
O3 MAN H . 29.25 64.18 -6.13
O4 MAN H . 29.19 64.26 -9.01
O5 MAN H . 30.84 61.06 -8.37
O6 MAN H . 31.26 61.25 -11.10
C1 NAG H . 31.88 61.11 -5.27
C2 NAG H . 33.34 61.03 -5.70
C3 NAG H . 33.88 59.67 -5.32
C4 NAG H . 33.68 59.47 -3.82
C5 NAG H . 32.21 59.61 -3.47
C6 NAG H . 31.95 59.46 -1.98
C7 NAG H . 33.59 62.40 -7.68
C8 NAG H . 34.35 62.42 -8.98
N2 NAG H . 33.45 61.20 -7.13
O3 NAG H . 35.26 59.59 -5.65
O4 NAG H . 34.14 58.17 -3.44
O5 NAG H . 31.74 60.90 -3.87
O6 NAG H . 32.59 60.53 -1.29
O7 NAG H . 33.13 63.41 -7.19
C1 GAL H . 35.19 58.31 -2.46
C2 GAL H . 36.54 58.25 -3.16
C3 GAL H . 37.65 58.40 -2.14
C4 GAL H . 37.45 59.70 -1.39
C5 GAL H . 36.07 59.72 -0.74
C6 GAL H . 35.82 61.04 -0.03
O2 GAL H . 36.66 57.00 -3.84
O3 GAL H . 38.92 58.40 -2.81
O4 GAL H . 37.56 60.80 -2.29
O5 GAL H . 35.07 59.54 -1.74
O6 GAL H . 34.51 61.03 0.54
C1 MAN H . 27.21 56.08 -2.95
C2 MAN H . 25.99 56.09 -3.83
C3 MAN H . 25.40 54.70 -3.92
C4 MAN H . 25.16 54.16 -2.51
C5 MAN H . 26.44 54.22 -1.64
C6 MAN H . 27.51 53.25 -2.11
O2 MAN H . 26.38 56.48 -5.14
O3 MAN H . 26.29 53.88 -4.66
O4 MAN H . 24.13 54.93 -1.89
O5 MAN H . 26.96 55.55 -1.64
O6 MAN H . 28.67 53.39 -1.29
C1 NAG H . 25.23 57.07 -5.77
C2 NAG H . 25.50 58.57 -5.79
C3 NAG H . 24.37 59.27 -6.51
C4 NAG H . 24.39 58.69 -7.93
C5 NAG H . 24.13 57.18 -7.85
C6 NAG H . 24.03 56.55 -9.23
C7 NAG H . 26.43 60.17 -4.24
C8 NAG H . 26.65 60.53 -2.80
N2 NAG H . 25.66 59.10 -4.45
O3 NAG H . 24.57 60.67 -6.48
O4 NAG H . 23.49 59.35 -8.85
O5 NAG H . 25.21 56.61 -7.12
O6 NAG H . 25.25 56.77 -9.95
O7 NAG H . 26.93 60.81 -5.15
C1 GAL H . 24.35 60.01 -9.82
C2 GAL H . 24.51 61.44 -9.30
C3 GAL H . 25.59 62.18 -10.06
C4 GAL H . 26.87 61.38 -10.01
C5 GAL H . 26.67 59.98 -10.52
C6 GAL H . 27.93 59.15 -10.32
O2 GAL H . 23.26 62.13 -9.44
O3 GAL H . 25.80 63.46 -9.46
O4 GAL H . 27.27 61.29 -8.65
O5 GAL H . 25.62 59.36 -9.79
O6 GAL H . 29.02 59.77 -11.01
C1 NAG I . 32.60 7.96 12.65
C2 NAG I . 32.18 8.58 11.34
C3 NAG I . 33.21 8.23 10.30
C4 NAG I . 34.60 8.65 10.78
C5 NAG I . 34.90 8.02 12.14
C6 NAG I . 36.23 8.46 12.75
C7 NAG I . 29.76 8.63 11.43
C8 NAG I . 29.14 9.69 10.57
N2 NAG I . 30.87 8.09 10.95
O3 NAG I . 32.91 8.89 9.07
O4 NAG I . 35.53 8.22 9.80
O5 NAG I . 33.89 8.37 13.09
O6 NAG I . 36.58 7.61 13.85
O7 NAG I . 29.26 8.29 12.49
C1 NAG I . 36.65 9.11 9.73
C2 NAG I . 37.93 8.31 9.55
C3 NAG I . 39.12 9.26 9.63
C4 NAG I . 38.95 10.33 8.57
C5 NAG I . 37.63 11.06 8.79
C6 NAG I . 37.41 12.13 7.73
C7 NAG I . 37.61 6.05 10.33
C8 NAG I . 38.68 5.07 9.93
N2 NAG I . 38.04 7.29 10.56
O3 NAG I . 40.31 8.49 9.41
O4 NAG I . 40.04 11.26 8.65
O5 NAG I . 36.55 10.12 8.74
O6 NAG I . 38.47 13.10 7.79
O7 NAG I . 36.45 5.73 10.43
C1 MAN I . 41.32 8.91 10.33
C2 MAN I . 42.56 8.03 10.14
C3 MAN I . 42.28 6.63 10.64
C4 MAN I . 41.82 6.68 12.08
C5 MAN I . 40.62 7.61 12.21
C6 MAN I . 40.21 7.73 13.68
O2 MAN I . 43.66 8.59 10.85
O3 MAN I . 43.46 5.83 10.53
O4 MAN I . 41.45 5.37 12.52
O5 MAN I . 40.92 8.91 11.71
O6 MAN I . 39.10 8.63 13.78
C1 BMA I . 40.90 11.07 7.52
C2 BMA I . 42.22 11.78 7.77
C3 BMA I . 43.15 11.60 6.60
C4 BMA I . 43.33 10.12 6.34
C5 BMA I . 41.98 9.45 6.13
C6 BMA I . 42.13 7.95 5.92
O2 BMA I . 42.83 11.26 8.96
O3 BMA I . 44.41 12.20 6.87
O4 BMA I . 44.15 9.92 5.19
O5 BMA I . 41.13 9.69 7.25
O6 BMA I . 42.75 7.38 7.08
C1 FUC I . 36.00 6.31 13.67
C2 FUC I . 37.03 5.24 13.95
C3 FUC I . 37.42 5.29 15.42
C4 FUC I . 36.17 5.11 16.26
C5 FUC I . 35.16 6.20 15.90
C6 FUC I . 33.88 6.04 16.71
O2 FUC I . 38.19 5.44 13.15
O3 FUC I . 38.36 4.25 15.72
O4 FUC I . 35.61 3.83 16.02
O5 FUC I . 34.86 6.12 14.51
C1 NAG J . -34.45 -19.28 -16.42
C2 NAG J . -33.87 -18.52 -15.23
C3 NAG J . -34.67 -18.84 -13.97
C4 NAG J . -36.13 -18.52 -14.23
C5 NAG J . -36.63 -19.28 -15.45
C6 NAG J . -38.07 -18.92 -15.75
C7 NAG J . -31.94 -20.02 -15.36
C8 NAG J . -32.22 -21.15 -14.42
N2 NAG J . -32.47 -18.84 -15.04
O3 NAG J . -34.18 -18.07 -12.87
O4 NAG J . -36.92 -18.88 -13.09
O5 NAG J . -35.83 -18.97 -16.57
O6 NAG J . -38.61 -19.84 -16.69
O7 NAG J . -31.26 -20.17 -16.36
C1 NAG J . -37.45 -17.65 -12.55
C2 NAG J . -38.58 -17.96 -11.58
C3 NAG J . -39.18 -16.66 -11.09
C4 NAG J . -38.06 -15.87 -10.42
C5 NAG J . -36.93 -15.63 -11.43
C6 NAG J . -35.81 -14.82 -10.80
C7 NAG J . -39.59 -20.09 -12.12
C8 NAG J . -40.93 -20.75 -12.26
N2 NAG J . -39.61 -18.76 -12.23
O3 NAG J . -40.24 -16.93 -10.17
O4 NAG J . -38.55 -14.61 -9.94
O5 NAG J . -36.44 -16.88 -11.89
O6 NAG J . -35.26 -15.52 -9.69
O7 NAG J . -38.57 -20.71 -11.91
C1 BMA J . -38.79 -14.76 -8.53
C2 BMA J . -38.50 -13.45 -7.82
C3 BMA J . -38.76 -13.64 -6.33
C4 BMA J . -40.19 -14.12 -6.11
C5 BMA J . -40.39 -15.41 -6.90
C6 BMA J . -41.83 -15.91 -6.77
O2 BMA J . -39.37 -12.43 -8.33
O3 BMA J . -38.55 -12.40 -5.65
O4 BMA J . -40.42 -14.35 -4.72
O5 BMA J . -40.12 -15.19 -8.28
O6 BMA J . -41.91 -17.20 -7.41
C1 MAN J . -37.67 -12.69 -4.56
C2 MAN J . -37.48 -11.48 -3.65
C3 MAN J . -36.62 -10.44 -4.36
C4 MAN J . -35.31 -11.07 -4.82
C5 MAN J . -35.59 -12.30 -5.67
C6 MAN J . -34.29 -12.99 -6.07
O2 MAN J . -36.87 -11.89 -2.42
O3 MAN J . -36.35 -9.35 -3.48
O4 MAN J . -34.56 -10.12 -5.57
O5 MAN J . -36.42 -13.23 -4.97
O6 MAN J . -34.59 -14.12 -6.91
C1 NAG J . -37.39 -13.20 -2.13
C2 NAG J . -36.29 -14.15 -1.66
C3 NAG J . -36.88 -15.55 -1.58
C4 NAG J . -38.10 -15.51 -0.67
C5 NAG J . -39.11 -14.49 -1.17
C6 NAG J . -40.32 -14.44 -0.24
C7 NAG J . -34.17 -13.28 -2.41
C8 NAG J . -32.83 -13.77 -2.89
N2 NAG J . -35.18 -14.13 -2.57
O3 NAG J . -35.89 -16.45 -1.06
O4 NAG J . -38.71 -16.80 -0.63
O5 NAG J . -38.52 -13.20 -1.26
O6 NAG J . -39.88 -14.00 1.05
O7 NAG J . -34.31 -12.19 -1.90
C1 GAL J . -38.36 -17.46 0.60
C2 GAL J . -37.68 -18.78 0.27
C3 GAL J . -37.29 -19.49 1.55
C4 GAL J . -36.42 -18.58 2.40
C5 GAL J . -37.14 -17.26 2.66
C6 GAL J . -36.27 -16.30 3.44
O2 GAL J . -38.56 -19.59 -0.50
O3 GAL J . -36.58 -20.69 1.24
O4 GAL J . -35.19 -18.31 1.70
O5 GAL J . -37.51 -16.65 1.43
O6 GAL J . -36.97 -15.07 3.65
C1 MAN J . -40.87 -18.01 -6.86
C2 MAN J . -40.29 -18.96 -7.89
C3 MAN J . -41.31 -20.04 -8.22
C4 MAN J . -41.71 -20.74 -6.94
C5 MAN J . -42.24 -19.73 -5.93
C6 MAN J . -42.58 -20.41 -4.62
O2 MAN J . -39.11 -19.56 -7.37
O3 MAN J . -40.72 -20.98 -9.13
O4 MAN J . -42.74 -21.69 -7.22
O5 MAN J . -41.26 -18.72 -5.69
O6 MAN J . -43.06 -19.43 -3.68
C1 NAG J . -37.98 -18.87 -7.92
C2 NAG J . -37.07 -18.39 -6.80
C3 NAG J . -35.89 -17.62 -7.40
C4 NAG J . -35.20 -18.50 -8.42
C5 NAG J . -36.18 -18.98 -9.48
C6 NAG J . -35.49 -19.91 -10.46
C7 NAG J . -38.39 -18.12 -4.81
C8 NAG J . -39.03 -17.15 -3.85
N2 NAG J . -37.78 -17.57 -5.86
O3 NAG J . -34.99 -17.25 -6.36
O4 NAG J . -34.15 -17.77 -9.06
O5 NAG J . -37.27 -19.67 -8.86
O6 NAG J . -35.03 -21.08 -9.76
O7 NAG J . -38.44 -19.32 -4.64
C1 GAL J . -32.88 -18.38 -8.73
C2 GAL J . -32.15 -17.48 -7.75
C3 GAL J . -30.81 -18.11 -7.37
C4 GAL J . -31.06 -19.50 -6.83
C5 GAL J . -31.83 -20.34 -7.83
C6 GAL J . -32.14 -21.72 -7.27
O2 GAL J . -31.93 -16.19 -8.34
O3 GAL J . -30.15 -17.30 -6.40
O4 GAL J . -31.79 -19.42 -5.61
O5 GAL J . -33.06 -19.69 -8.17
O6 GAL J . -32.90 -22.46 -8.24
C1 FUC J . -39.79 -20.41 -16.10
C2 FUC J . -40.57 -21.21 -17.14
C3 FUC J . -39.79 -22.45 -17.52
C4 FUC J . -39.48 -23.26 -16.27
C5 FUC J . -38.75 -22.38 -15.26
C6 FUC J . -38.48 -23.17 -13.98
O2 FUC J . -40.78 -20.40 -18.30
O3 FUC J . -40.56 -23.24 -18.44
O4 FUC J . -40.71 -23.73 -15.70
O5 FUC J . -39.51 -21.22 -14.96
C1 NAG K . 31.52 6.80 44.84
C2 NAG K . 32.41 7.92 45.35
C3 NAG K . 33.84 7.66 44.95
C4 NAG K . 34.27 6.27 45.37
C5 NAG K . 33.30 5.22 44.86
C6 NAG K . 33.64 3.86 45.46
C7 NAG K . 31.18 10.01 45.48
C8 NAG K . 30.57 11.12 44.69
N2 NAG K . 32.01 9.20 44.81
O3 NAG K . 34.60 8.66 45.63
O4 NAG K . 35.53 5.99 44.78
O5 NAG K . 31.95 5.52 45.24
O6 NAG K . 33.52 3.93 46.88
O7 NAG K . 30.94 9.84 46.67
C1 NAG K . 36.60 6.03 45.75
C2 NAG K . 37.11 7.45 45.90
C3 NAG K . 38.26 7.47 46.89
C4 NAG K . 37.78 6.88 48.21
C5 NAG K . 37.25 5.47 47.97
C6 NAG K . 36.72 4.86 49.26
C7 NAG K . 36.69 8.44 43.70
C8 NAG K . 36.56 9.93 43.55
N2 NAG K . 37.52 8.01 44.64
O3 NAG K . 38.71 8.81 47.08
O4 NAG K . 38.85 6.81 49.16
O5 NAG K . 36.19 5.51 47.02
O6 NAG K . 35.53 5.55 49.65
O7 NAG K . 36.07 7.67 42.98
C1 BMA K . 38.81 7.96 50.03
C2 BMA K . 37.43 8.59 50.09
C3 BMA K . 37.50 9.86 50.90
C4 BMA K . 38.03 9.53 52.28
C5 BMA K . 39.39 8.87 52.15
C6 BMA K . 39.94 8.50 53.51
O2 BMA K . 36.50 7.71 50.73
O3 BMA K . 36.21 10.47 50.98
O4 BMA K . 38.16 10.74 53.05
O5 BMA K . 39.28 7.68 51.35
O6 BMA K . 41.31 8.09 53.36
C1 MAN K . 36.34 11.75 50.37
C2 MAN K . 35.19 12.67 50.74
C3 MAN K . 33.92 12.24 50.01
C4 MAN K . 34.18 12.16 48.52
C5 MAN K . 35.37 11.25 48.23
C6 MAN K . 35.70 11.27 46.75
O2 MAN K . 35.56 14.00 50.38
O3 MAN K . 32.88 13.19 50.27
O4 MAN K . 33.02 11.64 47.85
O5 MAN K . 36.52 11.69 48.95
O6 MAN K . 36.92 10.55 46.53
C1 NAG K . 36.92 14.17 50.83
C2 NAG K . 37.81 14.80 49.77
C3 NAG K . 39.25 14.74 50.25
C4 NAG K . 39.33 15.44 51.59
C5 NAG K . 38.39 14.78 52.58
C6 NAG K . 38.45 15.48 53.93
C7 NAG K . 36.81 14.49 47.58
C8 NAG K . 37.27 14.36 46.16
N2 NAG K . 37.69 14.11 48.50
O3 NAG K . 40.11 15.38 49.29
O4 NAG K . 40.67 15.34 52.11
O5 NAG K . 37.05 14.84 52.08
O6 NAG K . 38.04 16.84 53.78
O7 NAG K . 35.70 14.91 47.87
C1 GAL K . 41.35 16.57 51.83
C2 GAL K . 42.16 16.99 53.04
C3 GAL K . 42.89 18.29 52.75
C4 GAL K . 43.75 18.11 51.51
C5 GAL K . 42.88 17.65 50.34
C6 GAL K . 43.73 17.41 49.10
O2 GAL K . 41.29 17.17 54.16
O3 GAL K . 43.72 18.65 53.86
O4 GAL K . 44.76 17.13 51.77
O5 GAL K . 42.19 16.45 50.68
O6 GAL K . 42.88 16.98 48.02
C1 MAN K . 41.95 9.10 52.58
C2 MAN K . 43.21 8.53 51.93
C3 MAN K . 44.24 8.22 52.99
C4 MAN K . 44.52 9.48 53.79
C5 MAN K . 43.22 10.02 54.39
C6 MAN K . 43.47 11.31 55.15
O2 MAN K . 43.71 9.49 51.01
O3 MAN K . 45.45 7.77 52.37
O4 MAN K . 45.44 9.19 54.86
O5 MAN K . 42.27 10.26 53.35
O6 MAN K . 42.22 11.80 55.67
C1 NAG K . 42.65 9.81 50.09
C2 NAG K . 42.65 11.30 49.78
C3 NAG K . 41.50 11.61 48.84
C4 NAG K . 41.64 10.75 47.60
C5 NAG K . 41.68 9.28 47.99
C6 NAG K . 41.87 8.40 46.76
C7 NAG K . 43.58 12.46 51.70
C8 NAG K . 43.39 13.67 52.56
N2 NAG K . 42.51 12.07 51.00
O3 NAG K . 41.52 13.00 48.49
O4 NAG K . 40.54 11.01 46.73
O5 NAG K . 42.75 9.05 48.89
O6 NAG K . 43.13 8.70 46.15
O7 NAG K . 44.65 11.88 51.63
C1 GAL K . 41.07 11.35 45.42
C2 GAL K . 40.07 10.96 44.34
C3 GAL K . 40.68 11.22 42.98
C4 GAL K . 41.10 12.68 42.90
C5 GAL K . 42.06 13.01 44.04
C6 GAL K . 42.46 14.47 44.00
O2 GAL K . 39.74 9.58 44.48
O3 GAL K . 39.73 10.93 41.95
O4 GAL K . 39.94 13.52 42.99
O5 GAL K . 41.45 12.72 45.30
O6 GAL K . 43.08 14.76 42.75
C1 NAG L . -13.41 37.93 -8.08
C2 NAG L . -13.08 39.28 -7.46
C3 NAG L . -14.33 40.05 -7.12
C4 NAG L . -15.19 40.18 -8.36
C5 NAG L . -15.45 38.80 -8.95
C6 NAG L . -16.23 38.96 -10.26
C7 NAG L . -10.95 39.07 -6.35
C8 NAG L . -10.26 38.17 -5.38
N2 NAG L . -12.28 39.10 -6.27
O3 NAG L . -13.88 41.32 -6.64
O4 NAG L . -16.52 40.70 -8.16
O5 NAG L . -14.24 38.11 -9.23
O6 NAG L . -15.76 40.13 -10.93
O7 NAG L . -10.34 39.74 -7.17
C1 NAG L . -16.71 41.62 -7.08
C2 NAG L . -18.06 42.30 -7.32
C3 NAG L . -18.35 43.25 -6.19
C4 NAG L . -18.33 42.47 -4.90
C5 NAG L . -16.98 41.81 -4.73
C6 NAG L . -16.88 40.97 -3.46
C7 NAG L . -18.27 42.27 -9.72
C8 NAG L . -17.67 42.85 -10.96
N2 NAG L . -18.07 42.97 -8.60
O3 NAG L . -19.65 43.84 -6.38
O4 NAG L . -18.59 43.37 -3.82
O5 NAG L . -16.75 40.95 -5.83
O6 NAG L . -17.77 39.85 -3.57
O7 NAG L . -18.90 41.23 -9.73
C1 BMA L . -19.68 42.84 -3.05
C2 BMA L . -20.90 43.73 -3.06
C3 BMA L . -21.78 43.22 -1.94
C4 BMA L . -22.16 41.78 -2.24
C5 BMA L . -20.87 40.98 -2.28
C6 BMA L . -21.15 39.49 -2.49
O2 BMA L . -21.57 43.65 -4.31
O3 BMA L . -22.92 44.07 -1.79
O4 BMA L . -23.03 41.28 -1.23
O5 BMA L . -20.05 41.48 -3.33
O6 BMA L . -20.05 38.88 -3.16
C1 MAN L . -22.46 45.00 -0.81
C2 MAN L . -22.78 44.64 0.63
C3 MAN L . -24.13 45.22 1.00
C4 MAN L . -24.19 46.70 0.66
C5 MAN L . -23.81 46.97 -0.79
C6 MAN L . -23.76 48.46 -1.05
O2 MAN L . -21.74 45.16 1.47
O3 MAN L . -24.35 45.04 2.40
O4 MAN L . -25.52 47.18 0.89
O5 MAN L . -22.53 46.40 -1.10
O6 MAN L . -22.81 49.08 -0.18
C1 NAG L . -20.53 44.64 0.92
C2 NAG L . -19.43 45.65 0.63
C3 NAG L . -18.52 45.04 -0.42
C4 NAG L . -18.05 43.68 0.05
C5 NAG L . -19.22 42.76 0.38
C6 NAG L . -18.73 41.43 0.90
C7 NAG L . -20.34 47.84 1.01
C8 NAG L . -19.43 49.03 1.07
N2 NAG L . -19.99 46.90 0.16
O3 NAG L . -17.41 45.92 -0.65
O4 NAG L . -17.27 43.07 -0.98
O5 NAG L . -20.06 43.37 1.36
O6 NAG L . -17.92 41.65 2.05
O7 NAG L . -21.34 47.77 1.70
C1 GAL L . -15.92 42.93 -0.55
C2 GAL L . -15.06 43.92 -1.31
C3 GAL L . -13.61 43.78 -0.88
C4 GAL L . -13.53 43.95 0.63
C5 GAL L . -14.44 42.94 1.32
C6 GAL L . -14.40 43.14 2.83
O2 GAL L . -15.18 43.70 -2.71
O3 GAL L . -12.81 44.76 -1.53
O4 GAL L . -13.93 45.28 0.98
O5 GAL L . -15.77 43.11 0.85
O6 GAL L . -13.04 43.05 3.28
C1 MAN L . -20.65 38.18 -4.26
C2 MAN L . -19.79 37.12 -4.92
C3 MAN L . -18.75 37.77 -5.80
C4 MAN L . -19.48 38.66 -6.80
C5 MAN L . -20.34 39.68 -6.07
C6 MAN L . -21.09 40.60 -7.04
O2 MAN L . -20.63 36.28 -5.71
O3 MAN L . -17.99 36.79 -6.50
O4 MAN L . -18.54 39.30 -7.67
O5 MAN L . -21.28 39.01 -5.24
O6 MAN L . -21.65 41.67 -6.29
C1 NAG L . -21.52 35.63 -4.80
C2 NAG L . -22.92 35.58 -5.40
C3 NAG L . -23.86 34.91 -4.42
C4 NAG L . -23.30 33.53 -4.08
C5 NAG L . -21.90 33.66 -3.53
C6 NAG L . -21.29 32.29 -3.22
C7 NAG L . -23.21 37.50 -6.85
C8 NAG L . -24.17 38.62 -7.16
N2 NAG L . -23.41 36.90 -5.68
O3 NAG L . -25.16 34.78 -5.00
O4 NAG L . -24.12 32.90 -3.10
O5 NAG L . -21.06 34.32 -4.48
O6 NAG L . -20.04 32.48 -2.55
O7 NAG L . -22.31 37.19 -7.60
C1 GAL L . -24.78 31.80 -3.74
C2 GAL L . -24.80 30.62 -2.78
C3 GAL L . -25.92 30.71 -1.75
C4 GAL L . -27.25 31.11 -2.38
C5 GAL L . -27.17 32.29 -3.36
C6 GAL L . -27.17 33.66 -2.67
O2 GAL L . -24.99 29.43 -3.55
O3 GAL L . -25.53 31.66 -0.75
O4 GAL L . -28.16 31.46 -1.33
O5 GAL L . -26.06 32.14 -4.27
O6 GAL L . -26.03 33.89 -1.83
C1 FUC L . -14.85 39.75 -11.99
C2 FUC L . -14.86 40.86 -13.02
C3 FUC L . -14.35 42.15 -12.39
C4 FUC L . -12.96 41.90 -11.87
C5 FUC L . -13.01 40.76 -10.88
C6 FUC L . -11.64 40.45 -10.30
O2 FUC L . -16.19 41.07 -13.51
O3 FUC L . -14.33 43.20 -13.36
O4 FUC L . -12.08 41.56 -12.95
O5 FUC L . -13.52 39.57 -11.50
C1 NAG M . -38.55 -52.40 -48.32
C2 NAG M . -38.14 -53.17 -49.58
C3 NAG M . -36.68 -52.90 -49.89
C4 NAG M . -36.47 -51.39 -50.02
C5 NAG M . -36.93 -50.68 -48.76
C6 NAG M . -36.83 -49.16 -48.87
C7 NAG M . -39.56 -55.14 -49.53
C8 NAG M . -40.05 -55.95 -48.37
N2 NAG M . -38.35 -54.59 -49.38
O3 NAG M . -36.32 -53.56 -51.10
O4 NAG M . -35.09 -51.10 -50.26
O5 NAG M . -38.30 -51.01 -48.50
O6 NAG M . -36.98 -48.55 -47.58
O7 NAG M . -40.21 -54.98 -50.55
C1 NAG M . -34.81 -50.54 -51.57
C2 NAG M . -34.25 -51.63 -52.50
C3 NAG M . -33.84 -51.00 -53.82
C4 NAG M . -35.03 -50.27 -54.42
C5 NAG M . -35.56 -49.23 -53.44
C6 NAG M . -36.78 -48.53 -54.01
C7 NAG M . -33.26 -53.32 -51.07
C8 NAG M . -32.65 -53.17 -49.71
N2 NAG M . -33.11 -52.28 -51.88
O3 NAG M . -33.39 -52.02 -54.71
O4 NAG M . -34.64 -49.65 -55.64
O5 NAG M . -35.90 -49.86 -52.21
O6 NAG M . -37.82 -49.49 -54.23
O7 NAG M . -33.86 -54.34 -51.41
C1 BMA M . -35.36 -50.32 -56.69
C2 BMA M . -35.39 -49.46 -57.94
C3 BMA M . -36.25 -50.16 -58.99
C4 BMA M . -35.68 -51.55 -59.24
C5 BMA M . -35.63 -52.32 -57.93
C6 BMA M . -35.05 -53.71 -58.12
O2 BMA M . -34.06 -49.29 -58.44
O3 BMA M . -36.28 -49.40 -60.19
O4 BMA M . -36.48 -52.24 -60.19
O5 BMA M . -34.84 -51.61 -56.98
O6 BMA M . -35.09 -54.38 -56.85
C1 FUC M . -38.37 -48.49 -47.21
C2 FUC M . -38.52 -47.96 -45.80
C3 FUC M . -39.98 -47.88 -45.37
C4 FUC M . -40.80 -47.15 -46.44
C5 FUC M . -40.57 -47.72 -47.85
C6 FUC M . -41.19 -49.10 -48.01
O2 FUC M . -37.96 -46.64 -45.74
O3 FUC M . -40.50 -49.21 -45.16
O4 FUC M . -42.19 -47.23 -46.11
O5 FUC M . -39.17 -47.79 -48.15
C1 NAG N . 7.72 30.99 11.90
C2 NAG N . 7.54 32.51 12.00
C3 NAG N . 6.25 32.86 12.71
C4 NAG N . 6.15 32.12 14.04
C5 NAG N . 6.38 30.61 13.88
C6 NAG N . 5.21 29.95 13.15
C7 NAG N . 9.85 33.19 12.11
C8 NAG N . 10.09 32.26 10.96
N2 NAG N . 8.68 33.06 12.71
O3 NAG N . 5.13 32.55 11.86
O4 NAG N . 7.14 32.64 14.94
O5 NAG N . 7.59 30.35 13.17
O6 NAG N . 5.48 28.56 12.98
O7 NAG N . 10.67 34.01 12.48
C1 NAG N . 6.46 33.12 16.11
C2 NAG N . 5.49 34.22 15.70
C3 NAG N . 4.71 34.73 16.90
C4 NAG N . 4.04 33.56 17.61
C5 NAG N . 5.06 32.49 17.95
C6 NAG N . 4.36 31.27 18.54
C7 NAG N . 5.70 36.46 14.73
C8 NAG N . 4.96 36.47 13.43
N2 NAG N . 6.24 35.29 15.06
O3 NAG N . 3.69 35.64 16.48
O4 NAG N . 3.43 34.01 18.82
O5 NAG N . 5.79 32.06 16.79
O6 NAG N . 5.35 30.35 19.05
O7 NAG N . 5.80 37.44 15.44
C1 BMA N . 4.28 35.00 19.44
C2 BMA N . 3.46 36.25 19.80
C3 BMA N . 2.68 36.05 21.08
C4 BMA N . 3.57 35.51 22.19
C5 BMA N . 4.38 34.28 21.76
C6 BMA N . 3.51 33.04 21.65
O2 BMA N . 2.56 36.56 18.73
O3 BMA N . 1.59 35.16 20.85
O4 BMA N . 4.48 36.53 22.61
O5 BMA N . 5.07 34.52 20.52
O6 BMA N . 4.34 31.88 21.52
C1 FUC N . 5.64 28.32 11.57
C2 FUC N . 6.72 27.27 11.34
C3 FUC N . 6.24 25.93 11.87
C4 FUC N . 4.92 25.58 11.18
C5 FUC N . 3.91 26.70 11.41
C6 FUC N . 2.60 26.39 10.70
O2 FUC N . 7.92 27.65 12.02
O3 FUC N . 7.20 24.90 11.60
O4 FUC N . 5.14 25.41 9.78
O5 FUC N . 4.43 27.94 10.93
C1 NAG O . 36.92 38.01 -14.04
C2 NAG O . 37.18 39.44 -14.53
C3 NAG O . 37.92 40.23 -13.47
C4 NAG O . 39.11 39.44 -12.95
C5 NAG O . 38.80 38.02 -12.52
C6 NAG O . 38.03 38.00 -11.20
C7 NAG O . 38.50 38.36 -16.31
C8 NAG O . 37.72 37.72 -17.42
N2 NAG O . 37.95 39.44 -15.77
O3 NAG O . 36.99 40.54 -12.43
O4 NAG O . 40.09 39.35 -13.98
O5 NAG O . 38.07 37.34 -13.54
O6 NAG O . 38.86 38.70 -10.27
O7 NAG O . 39.58 37.92 -15.95
C1 NAG O . 41.03 40.45 -13.83
C2 NAG O . 42.47 40.01 -13.89
C3 NAG O . 43.39 41.20 -13.63
C4 NAG O . 43.03 42.33 -14.58
C5 NAG O . 41.56 42.68 -14.49
C6 NAG O . 41.21 43.74 -15.53
C7 NAG O . 42.33 39.06 -11.63
C8 NAG O . 41.97 37.76 -10.99
N2 NAG O . 42.75 38.98 -12.90
O3 NAG O . 44.74 40.77 -13.84
O4 NAG O . 43.79 43.50 -14.23
O5 NAG O . 40.75 41.53 -14.72
O6 NAG O . 41.31 43.16 -16.84
O7 NAG O . 42.26 40.12 -11.01
C1 BMA O . 44.90 43.52 -15.13
C2 BMA O . 45.18 44.90 -15.69
C3 BMA O . 46.22 44.71 -16.77
C4 BMA O . 47.47 44.08 -16.15
C5 BMA O . 47.08 42.73 -15.57
C6 BMA O . 48.30 42.03 -14.98
O2 BMA O . 45.65 45.77 -14.68
O3 BMA O . 46.56 45.94 -17.42
O4 BMA O . 48.48 43.91 -17.14
O5 BMA O . 46.07 42.96 -14.58
O6 BMA O . 47.92 41.21 -13.85
C1 MAN O . 45.73 46.13 -18.59
C2 MAN O . 46.18 45.21 -19.72
C3 MAN O . 45.60 45.61 -21.07
C4 MAN O . 45.71 47.11 -21.35
C5 MAN O . 45.27 47.96 -20.16
C6 MAN O . 43.75 47.97 -20.04
O2 MAN O . 45.71 43.88 -19.51
O3 MAN O . 44.22 45.21 -21.13
O4 MAN O . 47.07 47.42 -21.67
O5 MAN O . 45.83 47.51 -18.93
O6 MAN O . 43.37 48.73 -18.90
C1 NAG O . 46.79 42.93 -19.43
C2 NAG O . 46.20 41.57 -19.12
C3 NAG O . 47.33 40.57 -18.95
C4 NAG O . 48.18 40.58 -20.20
C5 NAG O . 48.72 41.98 -20.47
C6 NAG O . 49.57 42.01 -21.74
C7 NAG O . 44.09 41.84 -17.93
C8 NAG O . 43.23 40.64 -17.67
N2 NAG O . 45.40 41.61 -17.92
O3 NAG O . 46.79 39.27 -18.73
O4 NAG O . 49.26 39.64 -20.05
O5 NAG O . 47.61 42.88 -20.60
O6 NAG O . 48.72 41.81 -22.87
O7 NAG O . 43.62 42.95 -18.12
C1 GAL O . 49.04 38.50 -20.90
C2 GAL O . 50.23 37.56 -20.83
C3 GAL O . 50.04 36.43 -21.82
C4 GAL O . 48.73 35.72 -21.51
C5 GAL O . 47.58 36.73 -21.56
C6 GAL O . 46.26 36.06 -21.21
O2 GAL O . 51.42 38.28 -21.14
O3 GAL O . 51.12 35.49 -21.71
O4 GAL O . 48.79 35.14 -20.21
O5 GAL O . 47.82 37.79 -20.64
O6 GAL O . 46.03 34.98 -22.11
C1 NAG O . 47.90 47.09 -20.54
C2 NAG O . 49.04 46.17 -20.97
C3 NAG O . 49.81 45.75 -19.73
C4 NAG O . 50.34 47.01 -19.07
C5 NAG O . 49.15 47.89 -18.70
C6 NAG O . 49.60 49.18 -18.01
C7 NAG O . 48.41 44.97 -22.97
C8 NAG O . 49.46 45.72 -23.73
N2 NAG O . 48.52 45.01 -21.66
O3 NAG O . 50.88 44.87 -20.12
O4 NAG O . 51.07 46.69 -17.89
O5 NAG O . 48.44 48.24 -19.89
O6 NAG O . 50.23 48.86 -16.76
O7 NAG O . 47.53 44.34 -23.53
C1 GAL O . 52.47 46.81 -18.20
C2 GAL O . 53.17 47.52 -17.05
C3 GAL O . 53.45 46.60 -15.88
C4 GAL O . 54.04 45.26 -16.33
C5 GAL O . 53.31 44.59 -17.51
C6 GAL O . 52.05 43.81 -17.11
O2 GAL O . 54.42 48.02 -17.54
O3 GAL O . 52.23 46.39 -15.15
O4 GAL O . 54.02 44.35 -15.22
O5 GAL O . 53.05 45.55 -18.56
O6 GAL O . 51.04 44.61 -16.49
C1 MAN O . 48.16 42.06 -12.72
C2 MAN O . 49.32 41.60 -11.86
C3 MAN O . 48.95 40.28 -11.24
C4 MAN O . 47.73 40.61 -10.37
C5 MAN O . 46.60 41.08 -11.30
C6 MAN O . 45.26 41.31 -10.59
O2 MAN O . 49.52 42.52 -10.80
O3 MAN O . 50.07 39.77 -10.52
O4 MAN O . 47.35 39.55 -9.46
O5 MAN O . 47.04 42.31 -11.88
O6 MAN O . 45.34 42.50 -9.79
C1 NAG O . 47.53 40.14 -8.14
C2 NAG O . 49.01 39.94 -7.80
C3 NAG O . 49.45 40.80 -6.62
C4 NAG O . 49.09 42.25 -6.85
C5 NAG O . 47.63 42.40 -7.20
C6 NAG O . 47.32 43.82 -7.67
C7 NAG O . 49.58 37.69 -8.44
C8 NAG O . 51.03 37.34 -8.50
N2 NAG O . 49.25 38.55 -7.49
O3 NAG O . 50.88 40.69 -6.48
O4 NAG O . 49.38 43.02 -5.68
O5 NAG O . 47.27 41.54 -8.28
O6 NAG O . 48.03 44.05 -8.89
O7 NAG O . 48.76 37.22 -9.22
C1 GAL O . 50.34 44.01 -6.07
C2 GAL O . 50.12 45.29 -5.28
C3 GAL O . 51.10 46.34 -5.76
C4 GAL O . 52.50 45.79 -5.61
C5 GAL O . 52.64 44.50 -6.39
C6 GAL O . 54.04 43.92 -6.20
O2 GAL O . 48.78 45.75 -5.46
O3 GAL O . 50.95 47.54 -4.99
O4 GAL O . 52.78 45.55 -4.22
O5 GAL O . 51.68 43.56 -5.92
O6 GAL O . 54.10 42.60 -6.76
C1 FUC O . 38.13 39.74 -9.59
C2 FUC O . 38.72 39.88 -8.19
C3 FUC O . 40.12 40.46 -8.28
C4 FUC O . 40.05 41.79 -9.01
C5 FUC O . 39.41 41.59 -10.38
C6 FUC O . 39.30 42.91 -11.13
O2 FUC O . 38.76 38.61 -7.55
O3 FUC O . 40.66 40.65 -6.98
O4 FUC O . 39.27 42.72 -8.25
O5 FUC O . 38.12 41.02 -10.23
C1 NAG P . -8.49 -19.48 -8.05
C2 NAG P . -6.99 -19.42 -8.30
C3 NAG P . -6.68 -18.40 -9.38
C4 NAG P . -7.47 -18.77 -10.62
C5 NAG P . -8.95 -18.85 -10.31
C6 NAG P . -9.73 -19.25 -11.55
C7 NAG P . -6.22 -19.95 -6.07
C8 NAG P . -6.16 -19.37 -4.70
N2 NAG P . -6.31 -19.08 -7.06
O3 NAG P . -5.28 -18.42 -9.67
O4 NAG P . -7.30 -17.79 -11.65
O5 NAG P . -9.19 -19.79 -9.26
O6 NAG P . -9.59 -20.65 -11.77
O7 NAG P . -6.17 -21.16 -6.27
C1 NAG P . -6.37 -18.15 -12.70
C2 NAG P . -6.45 -19.60 -13.18
C3 NAG P . -5.55 -19.80 -14.39
C4 NAG P . -5.84 -18.77 -15.47
C5 NAG P . -5.80 -17.36 -14.91
C6 NAG P . -6.27 -16.33 -15.93
C7 NAG P . -6.70 -21.74 -12.07
C8 NAG P . -7.10 -22.14 -10.69
N2 NAG P . -6.05 -20.59 -12.19
O3 NAG P . -5.72 -21.11 -14.92
O4 NAG P . -4.91 -18.90 -16.56
O5 NAG P . -6.63 -17.24 -13.77
O6 NAG P . -5.60 -16.53 -17.18
O7 NAG P . -6.97 -22.44 -13.04
C1 BMA P . -3.52 -18.94 -16.15
C2 BMA P . -2.67 -18.29 -17.24
C3 BMA P . -1.20 -18.37 -16.89
C4 BMA P . -0.97 -17.71 -15.54
C5 BMA P . -1.86 -18.38 -14.51
C6 BMA P . -1.74 -17.73 -13.13
O2 BMA P . -3.05 -16.92 -17.38
O3 BMA P . -0.44 -17.70 -17.90
O4 BMA P . 0.39 -17.84 -15.14
O5 BMA P . -3.23 -18.31 -14.91
O6 BMA P . -2.48 -18.51 -12.18
C1 MAN P . 0.77 -18.45 -18.07
C2 MAN P . 1.89 -17.53 -18.55
C3 MAN P . 1.64 -17.10 -19.98
C4 MAN P . 1.45 -18.33 -20.85
C5 MAN P . 0.34 -19.22 -20.30
C6 MAN P . 0.22 -20.50 -21.12
O2 MAN P . 3.13 -18.24 -18.45
O3 MAN P . 2.74 -16.34 -20.46
O4 MAN P . 1.11 -17.92 -22.19
O5 MAN P . 0.63 -19.57 -18.95
O6 MAN P . -0.79 -21.33 -20.55
C1 NAG P . 3.09 -18.95 -17.20
C2 NAG P . 3.82 -20.28 -17.28
C3 NAG P . 3.64 -21.02 -15.97
C4 NAG P . 4.08 -20.15 -14.81
C5 NAG P . 3.34 -18.82 -14.82
C6 NAG P . 3.85 -17.92 -13.72
C7 NAG P . 4.04 -21.45 -19.38
C8 NAG P . 3.95 -20.61 -20.61
N2 NAG P . 3.29 -21.08 -18.36
O3 NAG P . 4.42 -22.21 -16.01
O4 NAG P . 3.78 -20.82 -13.59
O5 NAG P . 3.51 -18.16 -16.09
O6 NAG P . 5.23 -17.62 -13.95
O7 NAG P . 4.77 -22.42 -19.31
C1 GAL P . 5.01 -21.29 -13.02
C2 GAL P . 4.87 -21.33 -11.50
C3 GAL P . 6.19 -21.82 -10.89
C4 GAL P . 6.53 -23.17 -11.49
C5 GAL P . 6.60 -23.07 -13.00
C6 GAL P . 6.91 -24.42 -13.63
O2 GAL P . 4.56 -20.03 -11.01
O3 GAL P . 6.05 -21.93 -9.47
O4 GAL P . 5.53 -24.13 -11.12
O5 GAL P . 5.36 -22.59 -13.52
O6 GAL P . 6.96 -24.29 -15.05
C1 MAN P . -1.57 -19.47 -11.62
C2 MAN P . -1.56 -20.76 -12.43
C3 MAN P . -2.83 -21.55 -12.17
C4 MAN P . -2.97 -21.79 -10.68
C5 MAN P . -2.94 -20.46 -9.93
C6 MAN P . -3.03 -20.68 -8.43
O2 MAN P . -0.42 -21.54 -12.07
O3 MAN P . -2.77 -22.80 -12.86
O4 MAN P . -4.20 -22.48 -10.41
O5 MAN P . -1.74 -19.75 -10.23
O6 MAN P . -4.27 -21.33 -8.11
C1 NAG P . 0.36 -21.72 -13.26
C2 NAG P . 1.03 -23.10 -13.20
C3 NAG P . 1.84 -23.34 -14.47
C4 NAG P . 0.95 -23.15 -15.68
C5 NAG P . 0.28 -21.80 -15.65
C6 NAG P . -0.72 -21.67 -16.80
C7 NAG P . 1.39 -23.44 -10.84
C8 NAG P . 2.33 -23.24 -9.68
N2 NAG P . 1.89 -23.17 -12.03
O3 NAG P . 2.37 -24.67 -14.44
O4 NAG P . 1.76 -23.25 -16.85
O5 NAG P . -0.43 -21.61 -14.44
O6 NAG P . -0.04 -21.82 -18.06
O7 NAG P . 0.25 -23.85 -10.68
C1 GAL P . 1.46 -24.45 -17.56
C2 GAL P . 2.06 -24.36 -18.95
C3 GAL P . 1.76 -25.63 -19.73
C4 GAL P . 2.27 -26.83 -18.95
C5 GAL P . 1.66 -26.84 -17.56
C6 GAL P . 2.20 -27.99 -16.74
O2 GAL P . 1.53 -23.23 -19.64
O3 GAL P . 2.38 -25.58 -21.02
O4 GAL P . 3.69 -26.76 -18.86
O5 GAL P . 1.95 -25.61 -16.88
O6 GAL P . 1.94 -29.22 -17.42
C1 FUC P . -10.91 -21.21 -11.92
C2 FUC P . -10.97 -22.03 -13.21
C3 FUC P . -10.09 -23.25 -13.07
C4 FUC P . -10.53 -24.04 -11.84
C5 FUC P . -10.50 -23.15 -10.61
C6 FUC P . -10.98 -23.92 -9.39
O2 FUC P . -10.52 -21.23 -14.30
O3 FUC P . -10.20 -24.07 -14.24
O4 FUC P . -11.87 -24.51 -12.04
O5 FUC P . -11.31 -21.99 -10.81
C1 NAG Q . -74.51 -68.58 -55.20
C2 NAG Q . -75.89 -69.09 -54.80
C3 NAG Q . -76.72 -69.41 -56.04
C4 NAG Q . -76.79 -68.17 -56.92
C5 NAG Q . -75.37 -67.69 -57.25
C6 NAG Q . -75.38 -66.43 -58.10
C7 NAG Q . -76.24 -71.45 -54.12
C8 NAG Q . -77.45 -71.76 -53.30
N2 NAG Q . -75.69 -70.25 -53.94
O3 NAG Q . -78.05 -69.76 -55.67
O4 NAG Q . -77.51 -68.45 -58.12
O5 NAG Q . -74.63 -67.45 -56.05
O6 NAG Q . -75.65 -65.28 -57.31
O7 NAG Q . -75.76 -72.27 -54.89
C1 NAG R . 42.69 52.47 27.95
C2 NAG R . 43.37 52.60 29.32
C3 NAG R . 44.63 53.44 29.21
C4 NAG R . 45.54 52.77 28.21
C5 NAG R . 44.82 52.63 26.88
C6 NAG R . 45.71 51.91 25.89
C7 NAG R . 41.59 54.08 30.19
C8 NAG R . 42.07 55.45 30.57
N2 NAG R . 42.46 53.11 30.35
O3 NAG R . 45.28 53.55 30.48
O4 NAG R . 46.74 53.55 28.04
O5 NAG R . 43.63 51.88 27.05
O6 NAG R . 45.98 50.60 26.38
O7 NAG R . 40.46 53.89 29.78
CA CA S . 22.92 4.91 46.88
C1 NAG T . -87.89 -64.57 -34.55
C2 NAG T . -89.07 -63.63 -34.64
C3 NAG T . -90.36 -64.36 -34.25
C4 NAG T . -90.51 -65.58 -35.14
C5 NAG T . -89.27 -66.46 -35.04
C6 NAG T . -89.40 -67.64 -35.98
C7 NAG T . -89.72 -61.52 -33.55
C8 NAG T . -89.76 -61.01 -32.15
N2 NAG T . -88.82 -62.47 -33.79
O3 NAG T . -91.50 -63.52 -34.43
O4 NAG T . -91.65 -66.33 -34.74
O5 NAG T . -88.10 -65.71 -35.37
O6 NAG T . -89.34 -67.19 -37.34
O7 NAG T . -90.47 -61.10 -34.43
C1 NAG U . 53.56 39.04 32.57
C2 NAG U . 54.88 38.32 32.89
C3 NAG U . 55.48 38.84 34.17
C4 NAG U . 55.74 40.32 34.00
C5 NAG U . 54.41 40.99 33.67
C6 NAG U . 54.61 42.49 33.47
C7 NAG U . 54.92 36.13 31.87
C8 NAG U . 54.63 34.67 32.03
N2 NAG U . 54.69 36.88 32.95
O3 NAG U . 56.71 38.16 34.44
O4 NAG U . 56.27 40.87 35.20
O5 NAG U . 53.89 40.43 32.48
O6 NAG U . 55.62 42.69 32.47
O7 NAG U . 55.36 36.60 30.83
CA CA V . 27.41 41.36 -16.20
#